data_7D90
#
_entry.id   7D90
#
_cell.length_a   1.00
_cell.length_b   1.00
_cell.length_c   1.00
_cell.angle_alpha   90.00
_cell.angle_beta   90.00
_cell.angle_gamma   90.00
#
_symmetry.space_group_name_H-M   'P 1'
#
loop_
_entity.id
_entity.type
_entity.pdbx_description
1 polymer 'potassium-chloride cotransporter 3'
2 non-polymer 2-acetamido-2-deoxy-beta-D-glucopyranose
#
_entity_poly.entity_id   1
_entity_poly.type   'polypeptide(L)'
_entity_poly.pdbx_seq_one_letter_code
;MDYKDDDDKMHPPETTTKMASVRFMVTPTKIDDIPGLSDTSPDLSSRSSSRVRFSSRESVPETSRSEPMSEMSGATTSLA
TVALDPPSDRTSHPQDVIEDLSQNSITGEHSQLLDDGHKKARNAYLNNSNYEEGDEYFDKNLALFEEEMDTRPKVSSLLN
RMANYTNLTQGAKEHEEAENITEGKKKPTKTPQMGTFMGVYLPCLQNIFGVILFLRLTWVVGTAGVLQAFAIVLICCCCT
MLTAISMSAIATNGVVPAGGSYFMISRALGPEFGGAVGLCFYLGTTFAAAMYILGAIEIFLVYIVPRAAIFHSDDALKES
AAMLNNMRVYGTAFLVLMVLVVFIGVRYVNKFASLFLACVIVSILAIYAGAIKSSFAPPHFPVCMLGNRTLSSRHIDVCS
KTKEINNMTVPSKLWGFFCNSSQFFNATCDEYFVHNNVTSIQGIPGLASGIITENLWSNYLPKGEIIEKPSAKSSDVLGS
LNHEYVLVDITTSFTLLVGIFFPSVTGIMAGSNRSGDLKDAQKSIPIGTILAILTTSFVYLSNVVLFGACIEGVVLRDKF
GDAVKGNLVVGTLSWPSPWVIVIGSFFSTCGAGLQSLTGAPRLLQAIAKDNIIPFLRVFGHSKANGEPTWALLLTAAIAE
LGILIASLDLVAPILSMFFLMCYLFVNLACALQTLLRTPNWRPRFRYYHWALSFMGMSICLALMFISSWYYAIVAMVIAG
MIYKYIEYQGAEKEWGDGIRGLSLSAARFALLRLEEGPPHTKNWRPQLLVLLKLDEDLHVKHPRLLTFASQLKAGKGLTI
VGSVIVGNFLENYGEALAAEQTIKHLMEAEKVKGFCQLVVAAKLREGISHLIQSCGLGGMKHNTVVMGWPNGWRQSEDAR
AWKTFIGTVRVTTAAHLALLVAKNISFFPSNVEQFSEGNIDVWWIVHDGGMLMLLPFLLKQHKVWRKCSIRIFTVAQLED
NSIQMKKDLATFLYHLRIEAEVEVVEMHDSDISAYTYERTLMMEQRSQMLRHMRLSKTERDREAQLVKDRNSMLRLTSIG
SDEDEETETYQEKVHMTWTKDKYMASRGQKAKSMEGFQDLLNMRPDQSNVRRMHTAVKLNEVIVNKSHEAKLVLLNMPGP
PRNPEGDENYMEFLEVLTEGLERVLLVRGGGSEVITIYSWSHPQFEK
;
_entity_poly.pdbx_strand_id   A,B
#
loop_
_chem_comp.id
_chem_comp.type
_chem_comp.name
_chem_comp.formula
NAG D-saccharide, beta linking 2-acetamido-2-deoxy-beta-D-glucopyranose 'C8 H15 N O6'
#
# COMPACT_ATOMS: atom_id res chain seq x y z
N PRO A 192 14.45 35.17 23.30
CA PRO A 192 15.39 34.49 22.40
C PRO A 192 16.07 33.30 23.07
N GLN A 193 16.35 33.46 24.36
CA GLN A 193 17.09 32.46 25.11
C GLN A 193 16.19 31.80 26.16
N MET A 194 15.88 30.53 25.94
CA MET A 194 15.03 29.77 26.85
C MET A 194 15.84 28.58 27.35
N GLY A 195 15.23 27.78 28.20
CA GLY A 195 15.90 26.60 28.74
C GLY A 195 15.04 25.39 28.51
N THR A 196 15.53 24.24 28.95
CA THR A 196 14.77 23.01 28.77
C THR A 196 13.58 22.98 29.72
N PHE A 197 13.78 23.40 30.97
CA PHE A 197 12.76 23.37 32.00
C PHE A 197 11.57 24.26 31.68
N MET A 198 11.77 25.58 31.65
CA MET A 198 10.65 26.46 31.36
C MET A 198 10.33 26.57 29.88
N GLY A 199 11.07 25.89 29.02
CA GLY A 199 10.79 26.02 27.60
C GLY A 199 9.94 24.94 27.00
N VAL A 200 10.32 23.68 27.20
CA VAL A 200 9.72 22.55 26.51
C VAL A 200 9.12 21.55 27.48
N TYR A 201 9.36 21.74 28.77
CA TYR A 201 8.82 20.83 29.77
C TYR A 201 7.51 21.35 30.35
N LEU A 202 7.53 22.57 30.88
CA LEU A 202 6.32 23.15 31.43
C LEU A 202 5.20 23.39 30.41
N PRO A 203 5.43 23.85 29.18
CA PRO A 203 4.29 23.86 28.23
C PRO A 203 3.83 22.47 27.84
N CYS A 204 4.72 21.48 27.92
CA CYS A 204 4.28 20.11 27.70
C CYS A 204 3.45 19.61 28.87
N LEU A 205 3.89 19.88 30.09
CA LEU A 205 3.23 19.34 31.27
C LEU A 205 1.92 20.07 31.52
N GLN A 206 1.81 21.30 31.03
CA GLN A 206 0.55 22.01 31.00
C GLN A 206 -0.49 21.26 30.16
N ASN A 207 -0.09 20.73 29.03
CA ASN A 207 -1.07 20.20 28.09
C ASN A 207 -1.24 18.69 28.18
N ILE A 208 -0.99 18.10 29.34
CA ILE A 208 -1.29 16.68 29.52
C ILE A 208 -2.21 16.45 30.70
N PHE A 209 -1.87 17.03 31.85
CA PHE A 209 -2.79 17.06 32.98
C PHE A 209 -3.98 17.94 32.66
N GLY A 210 -5.17 17.41 32.86
CA GLY A 210 -6.39 18.11 32.51
C GLY A 210 -7.59 17.53 33.19
N VAL A 211 -8.69 17.39 32.44
CA VAL A 211 -9.98 17.05 33.02
C VAL A 211 -10.01 15.60 33.49
N ILE A 212 -9.36 14.69 32.76
CA ILE A 212 -9.61 13.26 32.90
C ILE A 212 -9.08 12.73 34.22
N LEU A 213 -8.08 13.40 34.77
CA LEU A 213 -7.62 13.06 36.11
C LEU A 213 -8.67 13.40 37.17
N PHE A 214 -9.62 14.27 36.84
CA PHE A 214 -10.59 14.71 37.83
C PHE A 214 -12.00 14.22 37.55
N LEU A 215 -12.34 13.97 36.29
CA LEU A 215 -13.73 13.74 35.95
C LEU A 215 -14.07 12.31 35.62
N ARG A 216 -13.11 11.50 35.18
CA ARG A 216 -13.47 10.12 34.89
C ARG A 216 -12.50 9.11 35.45
N LEU A 217 -11.44 9.55 36.13
CA LEU A 217 -10.35 8.65 36.46
C LEU A 217 -10.76 7.63 37.52
N THR A 218 -11.44 8.09 38.57
CA THR A 218 -11.88 7.18 39.62
C THR A 218 -12.95 6.23 39.11
N TRP A 219 -13.77 6.69 38.17
CA TRP A 219 -14.77 5.83 37.57
C TRP A 219 -14.10 4.74 36.74
N VAL A 220 -12.95 5.05 36.15
CA VAL A 220 -12.14 4.02 35.53
C VAL A 220 -11.55 3.09 36.58
N VAL A 221 -11.23 3.65 37.76
CA VAL A 221 -10.65 2.84 38.83
C VAL A 221 -11.68 1.87 39.40
N GLY A 222 -12.89 2.37 39.64
CA GLY A 222 -13.91 1.54 40.26
C GLY A 222 -14.47 0.49 39.33
N THR A 223 -14.60 0.82 38.05
CA THR A 223 -15.25 -0.11 37.13
C THR A 223 -14.34 -1.28 36.78
N ALA A 224 -13.12 -0.99 36.32
CA ALA A 224 -12.23 -2.03 35.84
C ALA A 224 -11.50 -2.75 36.95
N GLY A 225 -11.76 -2.37 38.21
CA GLY A 225 -10.96 -2.90 39.29
C GLY A 225 -9.61 -2.20 39.30
N VAL A 226 -8.69 -2.74 40.07
CA VAL A 226 -7.36 -2.17 40.10
C VAL A 226 -6.59 -2.72 38.91
N LEU A 227 -6.69 -4.04 38.69
CA LEU A 227 -5.79 -4.71 37.75
C LEU A 227 -6.05 -4.31 36.31
N GLN A 228 -7.31 -4.28 35.89
CA GLN A 228 -7.55 -3.98 34.48
C GLN A 228 -7.47 -2.48 34.21
N ALA A 229 -7.71 -1.65 35.23
CA ALA A 229 -7.45 -0.23 35.07
C ALA A 229 -5.95 0.05 35.09
N PHE A 230 -5.19 -0.82 35.74
CA PHE A 230 -3.74 -0.77 35.67
C PHE A 230 -3.26 -1.15 34.28
N ALA A 231 -4.07 -1.93 33.56
CA ALA A 231 -3.66 -2.40 32.24
C ALA A 231 -3.95 -1.36 31.16
N ILE A 232 -4.91 -0.47 31.40
CA ILE A 232 -5.23 0.57 30.42
C ILE A 232 -4.10 1.59 30.35
N VAL A 233 -3.59 1.98 31.51
CA VAL A 233 -2.67 3.11 31.56
C VAL A 233 -1.33 2.74 30.97
N LEU A 234 -0.93 1.48 31.15
CA LEU A 234 0.35 1.05 30.60
C LEU A 234 0.26 0.79 29.10
N ILE A 235 -0.93 0.55 28.57
CA ILE A 235 -1.04 0.45 27.12
C ILE A 235 -1.32 1.83 26.52
N CYS A 236 -1.57 2.82 27.36
CA CYS A 236 -1.73 4.18 26.86
C CYS A 236 -0.47 5.01 27.06
N CYS A 237 0.26 4.78 28.15
CA CYS A 237 1.50 5.53 28.35
C CYS A 237 2.59 5.05 27.40
N CYS A 238 2.63 3.75 27.13
CA CYS A 238 3.67 3.25 26.23
C CYS A 238 3.24 3.42 24.77
N CYS A 239 1.98 3.77 24.55
CA CYS A 239 1.60 4.21 23.21
C CYS A 239 2.18 5.57 22.89
N THR A 240 2.33 6.42 23.90
CA THR A 240 2.76 7.78 23.64
C THR A 240 4.20 8.02 24.06
N MET A 241 4.82 7.06 24.76
CA MET A 241 6.26 7.11 24.92
C MET A 241 6.97 6.90 23.60
N LEU A 242 6.54 5.88 22.84
CA LEU A 242 7.24 5.49 21.62
C LEU A 242 7.13 6.54 20.55
N THR A 243 6.03 7.29 20.54
CA THR A 243 5.94 8.43 19.65
C THR A 243 6.88 9.56 20.05
N ALA A 244 7.17 9.71 21.35
CA ALA A 244 8.13 10.74 21.74
C ALA A 244 9.54 10.35 21.33
N ILE A 245 9.83 9.06 21.24
CA ILE A 245 11.10 8.60 20.69
C ILE A 245 11.16 8.90 19.19
N SER A 246 10.09 8.57 18.46
CA SER A 246 10.09 8.80 17.02
C SER A 246 10.06 10.29 16.69
N MET A 247 9.45 11.09 17.55
CA MET A 247 9.57 12.54 17.37
C MET A 247 10.96 13.03 17.73
N SER A 248 11.66 12.33 18.64
CA SER A 248 13.01 12.75 18.99
C SER A 248 13.97 12.49 17.85
N ALA A 249 13.71 11.45 17.04
CA ALA A 249 14.53 11.24 15.87
C ALA A 249 14.26 12.30 14.81
N ILE A 250 13.05 12.84 14.77
CA ILE A 250 12.80 14.02 13.95
C ILE A 250 13.43 15.25 14.59
N ALA A 251 13.58 15.23 15.91
CA ALA A 251 14.18 16.38 16.59
C ALA A 251 15.68 16.45 16.35
N THR A 252 16.37 15.32 16.46
CA THR A 252 17.82 15.32 16.32
C THR A 252 18.24 15.51 14.87
N ASN A 253 17.68 14.70 13.97
CA ASN A 253 17.95 14.85 12.55
C ASN A 253 17.35 16.15 12.02
N GLY A 254 18.14 16.88 11.25
CA GLY A 254 17.61 18.04 10.58
C GLY A 254 18.07 19.35 11.19
N VAL A 255 17.37 20.41 10.81
CA VAL A 255 17.84 21.77 11.01
C VAL A 255 17.08 22.38 12.17
N VAL A 256 15.95 21.76 12.51
CA VAL A 256 14.98 22.21 13.51
C VAL A 256 14.54 23.64 13.21
N PRO A 257 13.62 23.82 12.25
CA PRO A 257 13.16 25.17 11.91
C PRO A 257 12.44 25.85 13.06
N ALA A 258 12.55 27.18 13.08
CA ALA A 258 12.02 27.96 14.18
C ALA A 258 10.53 28.21 14.02
N GLY A 259 9.75 27.76 15.00
CA GLY A 259 8.33 28.07 15.01
C GLY A 259 7.42 26.86 14.85
N GLY A 260 6.84 26.40 15.95
CA GLY A 260 5.88 25.30 15.90
C GLY A 260 6.50 23.93 15.70
N SER A 261 5.78 22.89 16.09
CA SER A 261 6.25 21.52 15.89
C SER A 261 6.03 21.05 14.47
N TYR A 262 5.02 21.60 13.79
CA TYR A 262 4.61 21.13 12.48
C TYR A 262 5.71 21.28 11.44
N PHE A 263 6.47 22.37 11.50
CA PHE A 263 7.54 22.56 10.54
C PHE A 263 8.67 21.59 10.79
N MET A 264 8.84 21.13 12.03
CA MET A 264 9.78 20.06 12.27
C MET A 264 9.27 18.76 11.68
N ILE A 265 7.95 18.56 11.72
CA ILE A 265 7.38 17.34 11.16
C ILE A 265 7.36 17.41 9.65
N SER A 266 7.17 18.60 9.10
CA SER A 266 7.01 18.72 7.65
C SER A 266 8.33 18.63 6.92
N ARG A 267 9.34 19.35 7.39
CA ARG A 267 10.59 19.46 6.64
C ARG A 267 11.41 18.19 6.72
N ALA A 268 11.23 17.42 7.78
CA ALA A 268 12.07 16.25 8.01
C ALA A 268 11.43 14.95 7.54
N LEU A 269 10.29 15.02 6.88
CA LEU A 269 9.62 13.83 6.36
C LEU A 269 9.04 14.05 4.98
N GLY A 270 9.34 15.16 4.34
CA GLY A 270 8.67 15.54 3.12
C GLY A 270 7.30 16.12 3.41
N PRO A 271 6.82 17.01 2.54
CA PRO A 271 5.53 17.66 2.81
C PRO A 271 4.34 16.76 2.61
N GLU A 272 4.55 15.53 2.13
CA GLU A 272 3.48 14.59 1.88
C GLU A 272 2.89 14.05 3.18
N PHE A 273 3.72 13.83 4.20
CA PHE A 273 3.20 13.38 5.48
C PHE A 273 2.74 14.56 6.32
N GLY A 274 3.29 15.74 6.06
CA GLY A 274 2.85 16.92 6.78
C GLY A 274 1.43 17.31 6.44
N GLY A 275 0.94 16.89 5.28
CA GLY A 275 -0.48 17.02 5.01
C GLY A 275 -1.30 16.08 5.87
N ALA A 276 -0.77 14.89 6.15
CA ALA A 276 -1.54 13.90 6.90
C ALA A 276 -1.43 14.14 8.39
N VAL A 277 -0.21 14.27 8.89
CA VAL A 277 0.00 14.41 10.33
C VAL A 277 -0.38 15.81 10.79
N GLY A 278 -0.22 16.80 9.91
CA GLY A 278 -0.62 18.15 10.26
C GLY A 278 -2.12 18.34 10.30
N LEU A 279 -2.86 17.52 9.56
CA LEU A 279 -4.30 17.73 9.50
C LEU A 279 -5.03 16.96 10.59
N CYS A 280 -4.59 15.74 10.88
CA CYS A 280 -5.24 14.95 11.93
C CYS A 280 -5.03 15.60 13.30
N PHE A 281 -3.86 16.20 13.51
CA PHE A 281 -3.60 16.90 14.75
C PHE A 281 -4.39 18.19 14.84
N TYR A 282 -4.80 18.75 13.70
CA TYR A 282 -5.74 19.85 13.74
C TYR A 282 -7.09 19.39 14.26
N LEU A 283 -7.67 18.36 13.62
CA LEU A 283 -9.02 17.91 13.95
C LEU A 283 -9.10 17.36 15.37
N GLY A 284 -8.03 16.73 15.83
CA GLY A 284 -8.01 16.27 17.20
C GLY A 284 -7.94 17.42 18.19
N THR A 285 -7.31 18.53 17.80
CA THR A 285 -7.20 19.65 18.71
C THR A 285 -8.52 20.40 18.81
N THR A 286 -9.28 20.45 17.72
CA THR A 286 -10.56 21.14 17.74
C THR A 286 -11.55 20.46 18.66
N PHE A 287 -11.54 19.12 18.67
CA PHE A 287 -12.37 18.41 19.62
C PHE A 287 -11.84 18.55 21.04
N ALA A 288 -10.53 18.73 21.19
CA ALA A 288 -9.95 18.88 22.53
C ALA A 288 -10.41 20.16 23.18
N ALA A 289 -10.60 21.21 22.40
CA ALA A 289 -11.20 22.44 22.92
C ALA A 289 -12.66 22.21 23.24
N ALA A 290 -13.33 21.34 22.48
CA ALA A 290 -14.74 21.06 22.74
C ALA A 290 -14.88 20.12 23.93
N MET A 291 -13.95 19.18 24.10
CA MET A 291 -14.09 18.24 25.20
C MET A 291 -13.74 18.90 26.53
N TYR A 292 -12.74 19.78 26.50
CA TYR A 292 -12.38 20.51 27.71
C TYR A 292 -13.47 21.46 28.15
N ILE A 293 -14.14 22.10 27.19
CA ILE A 293 -15.18 23.03 27.57
C ILE A 293 -16.43 22.28 27.99
N LEU A 294 -16.60 21.04 27.52
CA LEU A 294 -17.75 20.27 27.93
C LEU A 294 -17.57 19.76 29.34
N GLY A 295 -16.33 19.48 29.74
CA GLY A 295 -16.08 19.10 31.11
C GLY A 295 -16.27 20.25 32.07
N ALA A 296 -16.01 21.47 31.62
CA ALA A 296 -16.15 22.63 32.49
C ALA A 296 -17.61 22.91 32.80
N ILE A 297 -18.49 22.72 31.82
CA ILE A 297 -19.91 22.86 32.06
C ILE A 297 -20.40 21.74 32.97
N GLU A 298 -19.78 20.57 32.86
CA GLU A 298 -20.25 19.41 33.62
C GLU A 298 -19.99 19.59 35.11
N ILE A 299 -18.83 20.14 35.46
CA ILE A 299 -18.53 20.33 36.88
C ILE A 299 -19.28 21.54 37.43
N PHE A 300 -19.54 22.53 36.57
CA PHE A 300 -20.23 23.72 37.03
C PHE A 300 -21.71 23.45 37.24
N LEU A 301 -22.30 22.62 36.40
CA LEU A 301 -23.72 22.30 36.50
C LEU A 301 -24.01 21.22 37.52
N VAL A 302 -23.00 20.45 37.92
CA VAL A 302 -23.22 19.48 38.98
C VAL A 302 -22.71 19.99 40.32
N TYR A 303 -21.47 20.41 40.40
CA TYR A 303 -20.82 20.61 41.68
C TYR A 303 -20.91 22.04 42.17
N ILE A 304 -20.66 23.02 41.30
CA ILE A 304 -20.70 24.41 41.74
C ILE A 304 -22.13 24.90 41.86
N VAL A 305 -22.88 24.86 40.76
CA VAL A 305 -24.28 25.27 40.79
C VAL A 305 -25.12 24.07 40.39
N PRO A 306 -25.63 23.31 41.34
CA PRO A 306 -26.56 22.25 40.99
C PRO A 306 -27.98 22.77 40.89
N ARG A 307 -28.21 23.97 41.42
CA ARG A 307 -29.55 24.50 41.63
C ARG A 307 -30.15 25.05 40.35
N ALA A 308 -29.36 25.78 39.56
CA ALA A 308 -29.87 26.35 38.32
C ALA A 308 -29.71 25.36 37.18
N ALA A 309 -30.83 25.02 36.55
CA ALA A 309 -30.83 24.16 35.37
C ALA A 309 -32.04 24.53 34.54
N ILE A 310 -31.81 24.92 33.29
CA ILE A 310 -32.87 25.51 32.48
C ILE A 310 -33.83 24.43 31.99
N PHE A 311 -33.34 23.19 31.91
CA PHE A 311 -34.14 22.07 31.41
C PHE A 311 -34.30 21.07 32.54
N HIS A 312 -35.32 21.30 33.36
CA HIS A 312 -35.61 20.46 34.50
C HIS A 312 -36.11 19.09 34.04
N SER A 313 -35.83 18.07 34.85
CA SER A 313 -36.33 16.73 34.54
C SER A 313 -37.83 16.68 34.77
N ASP A 314 -38.56 16.29 33.73
CA ASP A 314 -40.01 16.25 33.85
C ASP A 314 -40.50 14.92 34.41
N ASP A 315 -39.63 13.91 34.46
CA ASP A 315 -39.98 12.64 35.10
C ASP A 315 -38.69 11.95 35.55
N ALA A 316 -38.83 10.72 36.07
CA ALA A 316 -37.72 10.00 36.68
C ALA A 316 -36.74 9.46 35.65
N LEU A 317 -37.18 9.32 34.40
CA LEU A 317 -36.32 8.80 33.34
C LEU A 317 -36.00 9.84 32.28
N LYS A 318 -36.34 11.10 32.52
CA LYS A 318 -35.89 12.20 31.66
C LYS A 318 -34.46 12.60 31.94
N GLU A 319 -33.83 12.02 32.97
CA GLU A 319 -32.49 12.41 33.43
C GLU A 319 -31.42 12.22 32.36
N SER A 320 -31.60 11.26 31.45
CA SER A 320 -30.70 11.18 30.32
C SER A 320 -30.89 12.39 29.41
N ALA A 321 -32.13 12.64 29.01
CA ALA A 321 -32.39 13.71 28.04
C ALA A 321 -32.21 15.08 28.68
N ALA A 322 -32.59 15.24 29.96
CA ALA A 322 -32.46 16.54 30.62
C ALA A 322 -31.01 16.94 30.77
N MET A 323 -30.15 15.99 31.12
CA MET A 323 -28.73 16.27 31.28
C MET A 323 -28.07 16.53 29.94
N LEU A 324 -28.45 15.76 28.91
CA LEU A 324 -27.94 16.01 27.57
C LEU A 324 -28.39 17.35 27.03
N ASN A 325 -29.66 17.69 27.24
CA ASN A 325 -30.16 18.96 26.71
C ASN A 325 -29.67 20.13 27.54
N ASN A 326 -29.14 19.87 28.74
CA ASN A 326 -28.37 20.91 29.41
C ASN A 326 -27.11 21.23 28.63
N MET A 327 -26.35 20.19 28.26
CA MET A 327 -24.99 20.40 27.78
C MET A 327 -24.97 20.99 26.39
N ARG A 328 -26.05 20.82 25.63
CA ARG A 328 -26.13 21.45 24.33
C ARG A 328 -26.39 22.94 24.45
N VAL A 329 -27.28 23.34 25.36
CA VAL A 329 -27.72 24.72 25.40
C VAL A 329 -26.81 25.56 26.30
N TYR A 330 -25.88 24.91 27.01
CA TYR A 330 -25.04 25.66 27.92
C TYR A 330 -23.67 25.94 27.33
N GLY A 331 -23.04 24.92 26.74
CA GLY A 331 -21.66 25.07 26.32
C GLY A 331 -21.50 25.99 25.13
N THR A 332 -22.52 26.01 24.26
CA THR A 332 -22.53 26.96 23.15
C THR A 332 -22.62 28.39 23.65
N ALA A 333 -23.32 28.59 24.77
CA ALA A 333 -23.32 29.90 25.41
C ALA A 333 -21.94 30.25 25.96
N PHE A 334 -21.14 29.24 26.29
CA PHE A 334 -19.78 29.48 26.71
C PHE A 334 -18.77 29.21 25.62
N LEU A 335 -19.20 28.72 24.47
CA LEU A 335 -18.28 28.57 23.34
C LEU A 335 -17.97 29.91 22.71
N VAL A 336 -18.98 30.76 22.57
CA VAL A 336 -18.82 32.05 21.89
C VAL A 336 -17.96 32.98 22.75
N LEU A 337 -18.07 32.85 24.06
CA LEU A 337 -17.22 33.60 24.98
C LEU A 337 -15.76 33.24 24.80
N MET A 338 -15.47 31.96 24.57
CA MET A 338 -14.10 31.50 24.39
C MET A 338 -13.51 32.02 23.10
N VAL A 339 -14.32 32.08 22.05
CA VAL A 339 -13.83 32.45 20.72
C VAL A 339 -13.57 33.95 20.66
N LEU A 340 -14.41 34.74 21.32
CA LEU A 340 -14.25 36.19 21.26
C LEU A 340 -13.03 36.66 22.04
N VAL A 341 -12.62 35.89 23.04
CA VAL A 341 -11.47 36.32 23.86
C VAL A 341 -10.17 35.78 23.28
N VAL A 342 -10.25 34.74 22.45
CA VAL A 342 -9.04 34.35 21.72
C VAL A 342 -8.93 35.20 20.47
N PHE A 343 -10.01 35.86 20.08
CA PHE A 343 -9.97 36.79 18.96
C PHE A 343 -9.52 38.17 19.41
N ILE A 344 -9.85 38.55 20.63
CA ILE A 344 -9.58 39.91 21.10
C ILE A 344 -8.56 39.93 22.23
N GLY A 345 -8.85 39.27 23.35
CA GLY A 345 -7.96 39.30 24.49
C GLY A 345 -6.86 38.26 24.42
N VAL A 346 -6.15 38.20 23.30
CA VAL A 346 -5.12 37.18 23.12
C VAL A 346 -3.86 37.58 23.88
N ARG A 347 -3.76 38.84 24.27
CA ARG A 347 -2.60 39.30 25.02
C ARG A 347 -2.65 38.82 26.46
N TYR A 348 -3.85 38.80 27.06
CA TYR A 348 -4.00 38.38 28.44
C TYR A 348 -3.73 36.90 28.60
N VAL A 349 -4.20 36.09 27.64
CA VAL A 349 -4.13 34.64 27.77
C VAL A 349 -2.71 34.15 27.57
N ASN A 350 -1.87 34.95 26.90
CA ASN A 350 -0.45 34.66 26.89
C ASN A 350 0.17 34.91 28.25
N LYS A 351 -0.40 35.87 29.00
CA LYS A 351 0.15 36.20 30.31
C LYS A 351 -0.34 35.24 31.39
N PHE A 352 -1.61 34.86 31.36
CA PHE A 352 -2.20 34.08 32.45
C PHE A 352 -2.02 32.58 32.25
N ALA A 353 -1.04 32.17 31.45
CA ALA A 353 -0.80 30.75 31.26
C ALA A 353 -0.06 30.15 32.45
N SER A 354 0.63 30.98 33.22
CA SER A 354 1.30 30.46 34.40
C SER A 354 0.32 30.13 35.51
N LEU A 355 -0.80 30.86 35.59
CA LEU A 355 -1.78 30.58 36.62
C LEU A 355 -2.52 29.28 36.33
N PHE A 356 -2.70 28.97 35.04
CA PHE A 356 -3.42 27.76 34.67
C PHE A 356 -2.61 26.53 35.01
N LEU A 357 -1.30 26.60 34.81
CA LEU A 357 -0.44 25.53 35.30
C LEU A 357 -0.36 25.59 36.82
N ALA A 358 -0.49 26.78 37.41
CA ALA A 358 -0.53 26.89 38.85
C ALA A 358 -1.82 26.31 39.41
N CYS A 359 -2.91 26.41 38.65
CA CYS A 359 -4.15 25.77 39.05
C CYS A 359 -4.01 24.25 39.03
N VAL A 360 -3.14 23.73 38.15
CA VAL A 360 -2.93 22.29 38.08
C VAL A 360 -2.06 21.82 39.23
N ILE A 361 -0.96 22.52 39.48
CA ILE A 361 0.09 22.00 40.36
C ILE A 361 -0.37 21.99 41.81
N VAL A 362 -1.23 22.93 42.19
CA VAL A 362 -1.76 22.91 43.55
C VAL A 362 -2.87 21.87 43.65
N SER A 363 -3.43 21.47 42.51
CA SER A 363 -4.55 20.54 42.53
C SER A 363 -4.07 19.11 42.48
N ILE A 364 -2.85 18.89 41.97
CA ILE A 364 -2.35 17.53 41.92
C ILE A 364 -1.69 17.16 43.24
N LEU A 365 -1.09 18.14 43.93
CA LEU A 365 -0.47 17.85 45.22
C LEU A 365 -1.52 17.54 46.26
N ALA A 366 -2.69 18.19 46.15
CA ALA A 366 -3.71 18.11 47.19
C ALA A 366 -4.34 16.73 47.23
N ILE A 367 -4.29 16.01 46.11
CA ILE A 367 -4.61 14.59 46.14
C ILE A 367 -3.58 13.85 46.98
N TYR A 368 -2.31 13.99 46.61
CA TYR A 368 -1.23 13.29 47.30
C TYR A 368 -0.99 13.81 48.71
N ALA A 369 -1.37 15.06 49.00
CA ALA A 369 -1.28 15.54 50.37
C ALA A 369 -2.38 14.93 51.23
N GLY A 370 -3.61 14.95 50.73
CA GLY A 370 -4.71 14.37 51.48
C GLY A 370 -4.70 12.85 51.48
N ALA A 371 -3.89 12.25 50.60
CA ALA A 371 -3.76 10.80 50.60
C ALA A 371 -2.99 10.31 51.82
N ILE A 372 -1.89 10.99 52.16
CA ILE A 372 -1.10 10.58 53.31
C ILE A 372 -1.81 10.98 54.60
N LYS A 373 -2.77 11.90 54.51
CA LYS A 373 -3.56 12.26 55.68
C LYS A 373 -4.49 11.14 56.07
N SER A 374 -5.14 10.48 55.10
CA SER A 374 -6.07 9.40 55.41
C SER A 374 -5.36 8.17 55.97
N SER A 375 -4.09 8.01 55.65
CA SER A 375 -3.25 7.12 56.43
C SER A 375 -3.06 7.71 57.82
N PHE A 376 -3.48 6.94 58.84
CA PHE A 376 -3.42 7.25 60.28
C PHE A 376 -4.35 8.37 60.72
N ALA A 377 -5.07 9.03 59.80
CA ALA A 377 -6.02 10.08 60.17
C ALA A 377 -7.08 10.33 59.09
N PRO A 378 -8.01 9.40 58.89
CA PRO A 378 -9.00 9.58 57.83
C PRO A 378 -10.06 10.61 58.23
N PRO A 379 -10.52 11.42 57.29
CA PRO A 379 -11.61 12.36 57.59
C PRO A 379 -12.96 11.68 57.50
N HIS A 380 -14.01 12.45 57.77
CA HIS A 380 -15.36 11.93 57.98
C HIS A 380 -16.20 12.15 56.72
N PHE A 381 -16.50 11.07 56.02
CA PHE A 381 -17.40 11.11 54.87
C PHE A 381 -18.27 9.86 54.87
N PRO A 382 -19.36 9.86 55.63
CA PRO A 382 -20.17 8.65 55.78
C PRO A 382 -21.03 8.36 54.55
N VAL A 383 -21.24 7.07 54.32
CA VAL A 383 -22.06 6.57 53.24
C VAL A 383 -23.10 5.63 53.87
N CYS A 384 -24.23 5.47 53.20
CA CYS A 384 -25.34 4.69 53.73
C CYS A 384 -25.69 3.56 52.77
N MET A 385 -25.92 2.37 53.31
CA MET A 385 -26.08 1.15 52.55
C MET A 385 -27.38 0.45 52.93
N LEU A 386 -27.88 -0.39 52.04
CA LEU A 386 -29.04 -1.21 52.36
C LEU A 386 -28.99 -2.45 51.47
N GLY A 387 -28.50 -3.55 52.03
CA GLY A 387 -28.36 -4.77 51.25
C GLY A 387 -27.04 -4.74 50.51
N ASN A 388 -26.89 -5.62 49.52
CA ASN A 388 -25.75 -5.49 48.63
C ASN A 388 -25.81 -4.23 47.78
N ARG A 389 -27.01 -3.82 47.37
CA ARG A 389 -27.22 -2.55 46.69
C ARG A 389 -27.18 -1.40 47.68
N THR A 390 -27.30 -0.18 47.17
CA THR A 390 -27.42 1.00 48.01
C THR A 390 -28.31 2.06 47.35
N LEU A 391 -28.22 3.27 47.87
CA LEU A 391 -29.21 4.31 47.62
C LEU A 391 -28.53 5.64 47.41
N SER A 392 -29.21 6.54 46.71
CA SER A 392 -28.70 7.90 46.55
C SER A 392 -28.94 8.73 47.81
N SER A 393 -27.88 9.33 48.33
CA SER A 393 -27.95 10.04 49.60
C SER A 393 -28.14 11.55 49.43
N ARG A 394 -28.76 11.99 48.33
CA ARG A 394 -28.84 13.42 48.03
C ARG A 394 -29.74 14.15 49.02
N HIS A 395 -31.00 13.76 49.10
CA HIS A 395 -31.98 14.55 49.83
C HIS A 395 -32.02 14.15 51.30
N ILE A 396 -31.92 12.88 51.57
CA ILE A 396 -31.98 12.34 52.92
C ILE A 396 -30.69 12.67 53.65
N ASP A 397 -30.83 13.18 54.88
CA ASP A 397 -29.65 13.47 55.69
C ASP A 397 -29.24 12.27 56.53
N VAL A 398 -30.12 11.86 57.45
CA VAL A 398 -29.85 10.75 58.35
C VAL A 398 -30.62 9.54 57.87
N CYS A 399 -29.96 8.39 57.83
CA CYS A 399 -30.58 7.19 57.29
C CYS A 399 -30.80 6.19 58.42
N SER A 400 -32.06 5.85 58.64
CA SER A 400 -32.54 4.76 59.47
C SER A 400 -33.96 4.49 59.05
N LYS A 401 -34.46 3.29 59.38
CA LYS A 401 -35.81 2.92 58.95
C LYS A 401 -36.86 3.78 59.64
N THR A 402 -36.54 4.28 60.84
CA THR A 402 -37.37 5.26 61.52
C THR A 402 -36.62 6.56 61.71
N LYS A 403 -37.21 7.49 62.44
CA LYS A 403 -36.62 8.80 62.68
C LYS A 403 -37.00 9.22 64.08
N GLU A 404 -36.02 9.24 64.98
CA GLU A 404 -36.27 9.59 66.38
C GLU A 404 -36.55 11.09 66.46
N ILE A 405 -37.83 11.43 66.41
CA ILE A 405 -38.28 12.76 66.79
C ILE A 405 -38.51 12.66 68.29
N ASN A 406 -38.18 13.75 68.99
CA ASN A 406 -37.91 13.91 70.43
C ASN A 406 -38.86 13.09 71.31
N ASN A 407 -40.15 13.05 70.98
CA ASN A 407 -41.13 12.31 71.76
C ASN A 407 -41.98 11.37 70.92
N MET A 408 -41.72 11.28 69.62
CA MET A 408 -42.54 10.46 68.73
C MET A 408 -41.70 10.00 67.55
N THR A 409 -41.16 8.78 67.65
CA THR A 409 -40.27 8.26 66.63
C THR A 409 -41.05 7.92 65.37
N VAL A 410 -40.91 8.75 64.35
CA VAL A 410 -41.67 8.57 63.12
C VAL A 410 -40.85 7.66 62.20
N PRO A 411 -41.47 6.98 61.24
CA PRO A 411 -40.69 6.39 60.16
C PRO A 411 -40.10 7.50 59.31
N SER A 412 -38.87 7.30 58.86
CA SER A 412 -38.06 8.41 58.35
C SER A 412 -38.49 8.78 56.93
N LYS A 413 -37.67 9.63 56.29
CA LYS A 413 -37.92 9.99 54.91
C LYS A 413 -37.76 8.82 53.97
N LEU A 414 -36.94 7.82 54.35
CA LEU A 414 -36.77 6.62 53.55
C LEU A 414 -38.08 5.86 53.43
N TRP A 415 -38.86 5.85 54.49
CA TRP A 415 -40.23 5.35 54.45
C TRP A 415 -41.06 6.10 53.41
N GLY A 416 -40.86 7.40 53.29
CA GLY A 416 -41.52 8.15 52.23
C GLY A 416 -40.97 7.80 50.86
N PHE A 417 -39.68 7.47 50.78
CA PHE A 417 -39.07 7.14 49.49
C PHE A 417 -39.12 5.66 49.17
N PHE A 418 -39.63 4.82 50.08
CA PHE A 418 -39.79 3.41 49.78
C PHE A 418 -41.22 2.91 49.88
N CYS A 419 -41.97 3.29 50.93
CA CYS A 419 -43.35 2.85 51.04
C CYS A 419 -44.26 3.71 50.18
N ASN A 420 -45.56 3.67 50.47
CA ASN A 420 -46.52 4.42 49.68
C ASN A 420 -46.38 5.92 49.91
N SER A 421 -46.29 6.35 51.16
CA SER A 421 -46.32 7.77 51.49
C SER A 421 -45.52 8.04 52.77
N SER A 422 -45.76 9.21 53.36
CA SER A 422 -45.24 9.57 54.67
C SER A 422 -46.39 9.44 55.66
N GLN A 423 -46.45 8.30 56.35
CA GLN A 423 -47.65 7.95 57.11
C GLN A 423 -47.26 7.11 58.33
N PHE A 424 -48.23 6.38 58.86
CA PHE A 424 -48.00 5.48 59.99
C PHE A 424 -47.05 4.35 59.61
N PHE A 425 -46.55 3.65 60.62
CA PHE A 425 -45.65 2.52 60.41
C PHE A 425 -46.51 1.30 60.12
N ASN A 426 -46.79 1.09 58.83
CA ASN A 426 -47.77 0.09 58.45
C ASN A 426 -47.40 -0.63 57.15
N ALA A 427 -48.38 -1.29 56.56
CA ALA A 427 -48.24 -2.17 55.41
C ALA A 427 -48.19 -1.40 54.09
N THR A 428 -48.43 -2.11 52.99
CA THR A 428 -48.36 -1.64 51.60
C THR A 428 -47.02 -1.00 51.27
N CYS A 429 -45.95 -1.54 51.84
CA CYS A 429 -44.60 -1.08 51.59
C CYS A 429 -43.92 -1.97 50.57
N ASP A 430 -42.62 -1.77 50.42
CA ASP A 430 -41.81 -2.59 49.54
C ASP A 430 -41.63 -3.99 50.10
N GLU A 431 -41.14 -4.88 49.25
CA GLU A 431 -40.73 -6.18 49.74
C GLU A 431 -39.22 -6.24 49.97
N TYR A 432 -38.48 -5.25 49.52
CA TYR A 432 -37.05 -5.24 49.77
C TYR A 432 -36.70 -4.34 50.94
N PHE A 433 -37.41 -3.22 51.10
CA PHE A 433 -37.12 -2.32 52.21
C PHE A 433 -37.62 -2.90 53.53
N VAL A 434 -38.68 -3.69 53.49
CA VAL A 434 -39.18 -4.30 54.72
C VAL A 434 -38.24 -5.39 55.21
N HIS A 435 -37.85 -6.29 54.33
CA HIS A 435 -37.08 -7.45 54.75
C HIS A 435 -35.60 -7.14 54.95
N ASN A 436 -35.17 -5.91 54.68
CA ASN A 436 -33.79 -5.50 54.93
C ASN A 436 -33.76 -4.33 55.90
N ASN A 437 -32.56 -3.84 56.16
CA ASN A 437 -32.31 -2.84 57.18
C ASN A 437 -31.31 -1.80 56.69
N VAL A 438 -31.33 -0.63 57.32
CA VAL A 438 -30.55 0.52 56.90
C VAL A 438 -29.19 0.46 57.56
N THR A 439 -28.14 0.55 56.76
CA THR A 439 -26.77 0.44 57.23
C THR A 439 -25.98 1.67 56.81
N SER A 440 -25.25 2.27 57.76
CA SER A 440 -24.41 3.43 57.45
C SER A 440 -22.98 3.05 57.76
N ILE A 441 -22.11 3.06 56.76
CA ILE A 441 -20.73 2.66 56.93
C ILE A 441 -19.81 3.78 56.45
N GLN A 442 -18.51 3.53 56.57
CA GLN A 442 -17.51 4.51 56.17
C GLN A 442 -17.06 4.25 54.74
N GLY A 443 -17.04 5.32 53.92
CA GLY A 443 -16.57 5.20 52.56
C GLY A 443 -15.08 5.38 52.39
N ILE A 444 -14.41 5.90 53.42
CA ILE A 444 -12.97 6.09 53.38
C ILE A 444 -12.34 5.25 54.48
N PRO A 445 -11.99 3.99 54.21
CA PRO A 445 -11.31 3.18 55.23
C PRO A 445 -9.81 3.36 55.26
N GLY A 446 -9.26 4.31 54.52
CA GLY A 446 -7.86 4.64 54.62
C GLY A 446 -6.94 3.60 54.00
N LEU A 447 -5.65 3.94 54.02
CA LEU A 447 -4.59 3.06 53.53
C LEU A 447 -4.31 1.92 54.51
N ALA A 448 -4.77 2.05 55.75
CA ALA A 448 -4.58 1.05 56.80
C ALA A 448 -5.30 -0.26 56.53
N SER A 449 -6.48 -0.21 55.92
CA SER A 449 -7.20 -1.44 55.62
C SER A 449 -6.54 -2.17 54.45
N GLY A 450 -6.84 -3.46 54.34
CA GLY A 450 -6.43 -4.19 53.16
C GLY A 450 -7.50 -4.10 52.10
N ILE A 451 -7.34 -3.20 51.14
CA ILE A 451 -8.37 -2.95 50.14
C ILE A 451 -8.00 -3.45 48.76
N ILE A 452 -6.71 -3.40 48.39
CA ILE A 452 -6.25 -3.89 47.09
C ILE A 452 -6.53 -5.38 46.93
N THR A 453 -6.43 -6.14 48.02
CA THR A 453 -6.68 -7.57 47.97
C THR A 453 -8.17 -7.85 47.81
N GLU A 454 -9.03 -6.94 48.27
CA GLU A 454 -10.46 -7.17 48.13
C GLU A 454 -11.06 -6.37 46.98
N ASN A 455 -10.71 -5.08 46.87
CA ASN A 455 -11.18 -4.33 45.71
C ASN A 455 -10.22 -4.57 44.56
N LEU A 456 -10.40 -5.68 43.86
CA LEU A 456 -9.40 -6.12 42.92
C LEU A 456 -9.93 -6.49 41.55
N TRP A 457 -11.11 -7.08 41.43
CA TRP A 457 -11.56 -7.71 40.21
C TRP A 457 -12.44 -6.76 39.41
N SER A 458 -12.74 -7.16 38.17
CA SER A 458 -13.47 -6.31 37.25
C SER A 458 -14.94 -6.23 37.61
N ASN A 459 -15.50 -5.04 37.51
CA ASN A 459 -16.90 -4.79 37.86
C ASN A 459 -17.68 -4.26 36.68
N TYR A 460 -17.50 -4.85 35.51
CA TYR A 460 -18.24 -4.41 34.33
C TYR A 460 -19.69 -4.84 34.40
N LEU A 461 -20.60 -3.87 34.25
CA LEU A 461 -22.02 -4.11 34.39
C LEU A 461 -22.76 -3.48 33.21
N PRO A 462 -23.90 -4.03 32.81
CA PRO A 462 -24.74 -3.35 31.80
C PRO A 462 -25.42 -2.13 32.40
N LYS A 463 -25.88 -1.24 31.53
CA LYS A 463 -26.58 -0.02 31.90
C LYS A 463 -27.88 -0.32 32.63
N GLY A 464 -28.15 0.41 33.71
CA GLY A 464 -29.36 0.24 34.49
C GLY A 464 -29.17 -0.62 35.72
N GLU A 465 -28.03 -1.29 35.85
CA GLU A 465 -27.77 -2.13 36.99
C GLU A 465 -27.54 -1.28 38.25
N ILE A 466 -28.10 -1.74 39.36
CA ILE A 466 -27.97 -1.06 40.64
C ILE A 466 -26.61 -1.43 41.22
N ILE A 467 -25.95 -0.43 41.80
CA ILE A 467 -24.55 -0.56 42.21
C ILE A 467 -24.54 -1.41 43.48
N GLU A 468 -24.14 -2.66 43.31
CA GLU A 468 -24.08 -3.61 44.43
C GLU A 468 -22.72 -3.55 45.09
N LYS A 469 -22.71 -3.73 46.40
CA LYS A 469 -21.46 -3.99 47.11
C LYS A 469 -21.24 -5.50 47.11
N PRO A 470 -20.01 -5.99 46.91
CA PRO A 470 -19.79 -7.43 46.94
C PRO A 470 -19.75 -8.05 48.33
N SER A 471 -19.95 -7.26 49.38
CA SER A 471 -19.92 -7.82 50.72
C SER A 471 -20.90 -7.12 51.66
N ALA A 472 -22.12 -7.65 51.75
CA ALA A 472 -23.14 -7.15 52.66
C ALA A 472 -24.19 -8.24 52.83
N LYS A 473 -25.10 -8.03 53.79
CA LYS A 473 -26.19 -8.95 53.98
C LYS A 473 -27.41 -8.54 53.18
N SER A 474 -28.07 -9.51 52.56
CA SER A 474 -29.21 -9.23 51.69
C SER A 474 -30.26 -10.33 51.79
N SER A 475 -31.51 -9.93 51.58
CA SER A 475 -32.65 -10.84 51.52
C SER A 475 -33.19 -10.82 50.10
N ASP A 476 -33.19 -11.99 49.45
CA ASP A 476 -33.53 -12.10 48.03
C ASP A 476 -35.04 -12.07 47.87
N VAL A 477 -35.60 -10.85 47.93
CA VAL A 477 -37.05 -10.72 47.88
C VAL A 477 -37.50 -10.10 46.55
N LEU A 478 -36.55 -9.55 45.76
CA LEU A 478 -36.77 -9.12 44.37
C LEU A 478 -37.84 -8.04 44.25
N GLY A 479 -37.53 -6.85 44.76
CA GLY A 479 -38.32 -5.69 44.40
C GLY A 479 -37.82 -5.05 43.11
N SER A 480 -38.75 -4.42 42.39
CA SER A 480 -38.43 -3.72 41.14
C SER A 480 -38.68 -2.23 41.30
N LEU A 481 -38.12 -1.66 42.36
CA LEU A 481 -38.68 -0.50 43.05
C LEU A 481 -37.96 0.80 42.71
N ASN A 482 -37.47 0.94 41.48
CA ASN A 482 -36.42 1.89 41.18
C ASN A 482 -36.89 3.34 41.22
N HIS A 483 -36.98 3.90 42.43
CA HIS A 483 -37.23 5.33 42.61
C HIS A 483 -35.98 6.10 42.98
N GLU A 484 -35.36 5.76 44.10
CA GLU A 484 -34.24 6.52 44.64
C GLU A 484 -33.07 5.57 44.89
N TYR A 485 -32.19 5.45 43.91
CA TYR A 485 -31.14 4.44 43.96
C TYR A 485 -29.90 4.99 43.31
N VAL A 486 -29.00 4.08 42.96
CA VAL A 486 -27.81 4.39 42.18
C VAL A 486 -27.71 3.36 41.08
N LEU A 487 -27.36 3.80 39.88
CA LEU A 487 -27.44 2.95 38.70
C LEU A 487 -26.14 2.96 37.92
N VAL A 488 -26.04 2.03 36.98
CA VAL A 488 -25.02 2.10 35.94
C VAL A 488 -25.55 3.01 34.84
N ASP A 489 -24.81 4.10 34.60
CA ASP A 489 -25.36 5.17 33.77
C ASP A 489 -25.28 4.84 32.28
N ILE A 490 -24.15 4.31 31.82
CA ILE A 490 -24.03 3.77 30.47
C ILE A 490 -23.33 2.42 30.57
N THR A 491 -23.59 1.56 29.58
CA THR A 491 -22.98 0.23 29.55
C THR A 491 -21.46 0.33 29.35
N THR A 492 -20.73 -0.55 30.02
CA THR A 492 -19.29 -0.43 30.12
C THR A 492 -18.63 -1.68 29.56
N SER A 493 -17.39 -1.51 29.10
CA SER A 493 -16.56 -2.61 28.65
C SER A 493 -15.10 -2.15 28.71
N PHE A 494 -14.19 -3.09 28.62
CA PHE A 494 -12.76 -2.79 28.77
C PHE A 494 -12.24 -2.00 27.59
N THR A 495 -12.74 -2.30 26.40
CA THR A 495 -12.27 -1.60 25.21
C THR A 495 -12.87 -0.21 25.18
N LEU A 496 -14.01 -0.04 25.86
CA LEU A 496 -14.64 1.26 25.94
C LEU A 496 -13.85 2.21 26.80
N LEU A 497 -13.33 1.73 27.93
CA LEU A 497 -12.62 2.63 28.85
C LEU A 497 -11.28 3.05 28.30
N VAL A 498 -10.71 2.28 27.37
CA VAL A 498 -9.45 2.69 26.76
C VAL A 498 -9.66 3.91 25.87
N GLY A 499 -10.74 3.89 25.08
CA GLY A 499 -11.06 5.04 24.26
C GLY A 499 -11.58 6.24 25.02
N ILE A 500 -11.92 6.08 26.29
CA ILE A 500 -12.33 7.19 27.14
C ILE A 500 -11.13 7.78 27.90
N PHE A 501 -10.28 6.91 28.42
CA PHE A 501 -9.11 7.33 29.19
C PHE A 501 -8.06 8.02 28.34
N PHE A 502 -7.94 7.66 27.07
CA PHE A 502 -6.80 8.03 26.24
C PHE A 502 -6.53 9.52 26.05
N PRO A 503 -7.52 10.45 26.03
CA PRO A 503 -7.12 11.87 25.95
C PRO A 503 -6.45 12.44 27.18
N SER A 504 -6.37 11.66 28.27
CA SER A 504 -5.57 12.06 29.41
C SER A 504 -4.08 12.09 29.13
N VAL A 505 -3.60 11.37 28.12
CA VAL A 505 -2.17 11.25 27.91
C VAL A 505 -1.71 12.10 26.75
N THR A 506 -2.63 12.75 26.05
CA THR A 506 -2.33 13.41 24.80
C THR A 506 -1.80 14.81 25.04
N GLY A 507 -1.12 15.35 24.03
CA GLY A 507 -0.60 16.70 24.09
C GLY A 507 0.91 16.77 23.93
N ILE A 508 1.52 15.75 23.35
CA ILE A 508 2.98 15.72 23.30
C ILE A 508 3.49 16.58 22.15
N MET A 509 2.64 16.86 21.18
CA MET A 509 3.05 17.73 20.09
C MET A 509 3.05 19.19 20.51
N ALA A 510 2.38 19.51 21.62
CA ALA A 510 2.49 20.82 22.23
C ALA A 510 3.76 20.98 23.04
N GLY A 511 4.54 19.91 23.20
CA GLY A 511 5.79 20.01 23.94
C GLY A 511 6.88 20.77 23.22
N SER A 512 6.77 20.96 21.91
CA SER A 512 7.79 21.64 21.14
C SER A 512 7.22 22.81 20.36
N ASN A 513 6.21 23.48 20.91
CA ASN A 513 5.61 24.62 20.23
C ASN A 513 6.52 25.85 20.21
N ARG A 514 7.51 25.90 21.08
CA ARG A 514 8.39 27.06 21.23
C ARG A 514 9.82 26.69 20.84
N SER A 515 9.96 26.04 19.67
CA SER A 515 11.27 25.64 19.21
C SER A 515 12.13 26.83 18.83
N GLY A 516 11.51 27.88 18.31
CA GLY A 516 12.23 29.05 17.85
C GLY A 516 12.84 29.90 18.94
N ASP A 517 12.54 29.62 20.19
CA ASP A 517 13.08 30.36 21.32
C ASP A 517 14.13 29.56 22.09
N LEU A 518 14.49 28.38 21.60
CA LEU A 518 15.42 27.52 22.30
C LEU A 518 16.85 27.89 21.97
N LYS A 519 17.80 27.18 22.61
CA LYS A 519 19.20 27.36 22.25
C LYS A 519 19.82 26.04 21.84
N ASP A 520 19.31 24.93 22.37
CA ASP A 520 19.77 23.61 21.96
C ASP A 520 18.54 22.75 21.75
N ALA A 521 17.95 22.90 20.56
CA ALA A 521 16.65 22.28 20.31
C ALA A 521 16.81 20.83 19.91
N GLN A 522 17.95 20.46 19.34
CA GLN A 522 18.20 19.06 19.03
C GLN A 522 18.45 18.23 20.29
N LYS A 523 18.78 18.88 21.40
CA LYS A 523 18.98 18.22 22.68
C LYS A 523 17.81 18.41 23.63
N SER A 524 17.03 19.47 23.45
CA SER A 524 15.90 19.72 24.34
C SER A 524 14.76 18.75 24.09
N ILE A 525 14.28 18.73 22.85
CA ILE A 525 13.06 18.03 22.44
C ILE A 525 13.12 16.51 22.70
N PRO A 526 14.27 15.81 22.56
CA PRO A 526 14.32 14.48 23.17
C PRO A 526 14.26 14.50 24.69
N ILE A 527 15.02 15.40 25.32
CA ILE A 527 15.16 15.31 26.76
C ILE A 527 13.96 15.92 27.47
N GLY A 528 13.52 17.09 27.03
CA GLY A 528 12.46 17.81 27.70
C GLY A 528 11.09 17.13 27.62
N THR A 529 10.82 16.46 26.51
CA THR A 529 9.49 15.89 26.33
C THR A 529 9.35 14.55 27.02
N ILE A 530 10.36 13.68 26.91
CA ILE A 530 10.23 12.33 27.44
C ILE A 530 10.22 12.35 28.96
N LEU A 531 10.95 13.30 29.55
CA LEU A 531 10.93 13.45 31.01
C LEU A 531 9.57 13.96 31.47
N ALA A 532 8.86 14.70 30.62
CA ALA A 532 7.49 15.07 30.94
C ALA A 532 6.55 13.89 30.80
N ILE A 533 6.90 12.94 29.94
CA ILE A 533 6.12 11.72 29.84
C ILE A 533 6.35 10.85 31.07
N LEU A 534 7.58 10.84 31.58
CA LEU A 534 7.89 10.01 32.73
C LEU A 534 7.26 10.56 34.01
N THR A 535 6.99 11.86 34.05
CA THR A 535 6.37 12.42 35.25
C THR A 535 4.85 12.42 35.13
N THR A 536 4.31 12.23 33.92
CA THR A 536 2.86 12.14 33.82
C THR A 536 2.42 10.69 33.87
N SER A 537 3.31 9.76 33.57
CA SER A 537 2.99 8.36 33.78
C SER A 537 3.08 8.03 35.26
N PHE A 538 4.00 8.69 35.97
CA PHE A 538 4.20 8.41 37.39
C PHE A 538 2.99 8.83 38.21
N VAL A 539 2.32 9.89 37.78
CA VAL A 539 1.13 10.35 38.50
C VAL A 539 -0.03 9.40 38.22
N TYR A 540 -0.22 9.03 36.95
CA TYR A 540 -1.36 8.23 36.54
C TYR A 540 -1.32 6.83 37.15
N LEU A 541 -0.14 6.22 37.20
CA LEU A 541 -0.04 4.88 37.78
C LEU A 541 -0.17 4.92 39.30
N SER A 542 0.17 6.06 39.90
CA SER A 542 0.12 6.14 41.35
C SER A 542 -1.33 6.23 41.84
N ASN A 543 -2.14 7.07 41.19
CA ASN A 543 -3.45 7.36 41.74
C ASN A 543 -4.42 6.21 41.58
N VAL A 544 -4.24 5.40 40.52
CA VAL A 544 -5.07 4.20 40.36
C VAL A 544 -4.83 3.24 41.52
N VAL A 545 -3.59 3.16 41.98
CA VAL A 545 -3.29 2.43 43.22
C VAL A 545 -3.85 3.19 44.41
N LEU A 546 -3.69 4.52 44.42
CA LEU A 546 -4.05 5.29 45.61
C LEU A 546 -5.56 5.44 45.75
N PHE A 547 -6.31 5.31 44.66
CA PHE A 547 -7.76 5.34 44.77
C PHE A 547 -8.27 4.02 45.31
N GLY A 548 -7.69 2.91 44.85
CA GLY A 548 -8.19 1.61 45.23
C GLY A 548 -7.81 1.23 46.65
N ALA A 549 -6.81 1.90 47.21
CA ALA A 549 -6.30 1.61 48.54
C ALA A 549 -6.83 2.58 49.59
N CYS A 550 -7.71 3.51 49.22
CA CYS A 550 -8.17 4.47 50.19
C CYS A 550 -9.66 4.76 50.14
N ILE A 551 -10.33 4.58 49.01
CA ILE A 551 -11.74 4.89 48.87
C ILE A 551 -12.49 3.60 48.60
N GLU A 552 -13.64 3.44 49.22
CA GLU A 552 -14.44 2.23 49.06
C GLU A 552 -14.92 2.13 47.62
N GLY A 553 -14.92 0.89 47.10
CA GLY A 553 -15.16 0.67 45.69
C GLY A 553 -16.58 0.96 45.25
N VAL A 554 -17.52 0.98 46.20
CA VAL A 554 -18.90 1.26 45.81
C VAL A 554 -19.08 2.74 45.47
N VAL A 555 -18.38 3.64 46.15
CA VAL A 555 -18.49 5.04 45.76
C VAL A 555 -17.47 5.35 44.66
N LEU A 556 -16.60 4.41 44.34
CA LEU A 556 -15.76 4.56 43.16
C LEU A 556 -16.55 4.32 41.89
N ARG A 557 -17.54 3.45 41.95
CA ARG A 557 -18.44 3.39 40.79
C ARG A 557 -19.39 4.53 40.73
N ASP A 558 -19.55 5.28 41.82
CA ASP A 558 -20.55 6.34 41.91
C ASP A 558 -20.09 7.52 41.05
N LYS A 559 -20.73 7.71 39.91
CA LYS A 559 -20.54 8.95 39.18
C LYS A 559 -21.24 10.09 39.91
N PHE A 560 -20.74 11.29 39.69
CA PHE A 560 -21.31 12.57 40.09
C PHE A 560 -21.37 12.76 41.60
N GLY A 561 -20.73 11.89 42.38
CA GLY A 561 -20.67 12.00 43.82
C GLY A 561 -22.01 11.95 44.50
N ASP A 562 -22.90 11.10 43.98
CA ASP A 562 -24.29 11.13 44.38
C ASP A 562 -24.48 10.54 45.76
N ALA A 563 -23.71 9.51 46.11
CA ALA A 563 -23.80 8.96 47.46
C ALA A 563 -23.05 9.79 48.48
N VAL A 564 -22.18 10.69 48.05
CA VAL A 564 -21.42 11.48 49.00
C VAL A 564 -21.91 12.92 48.96
N LYS A 565 -23.18 13.07 48.59
CA LYS A 565 -23.93 14.34 48.64
C LYS A 565 -23.29 15.41 47.76
N GLY A 566 -23.04 15.02 46.51
CA GLY A 566 -22.55 15.95 45.51
C GLY A 566 -21.13 16.44 45.74
N ASN A 567 -20.34 15.68 46.48
CA ASN A 567 -18.93 15.96 46.64
C ASN A 567 -18.18 15.18 45.57
N LEU A 568 -17.12 15.77 45.04
CA LEU A 568 -16.26 15.04 44.12
C LEU A 568 -15.52 13.94 44.87
N VAL A 569 -15.49 12.76 44.26
CA VAL A 569 -14.85 11.58 44.85
C VAL A 569 -13.36 11.78 45.01
N VAL A 570 -12.75 12.59 44.13
CA VAL A 570 -11.39 13.02 44.35
C VAL A 570 -11.33 14.02 45.49
N GLY A 571 -12.31 14.93 45.53
CA GLY A 571 -12.31 16.05 46.43
C GLY A 571 -12.44 15.66 47.89
N THR A 572 -12.97 14.47 48.14
CA THR A 572 -12.92 13.88 49.47
C THR A 572 -11.51 13.67 49.95
N LEU A 573 -10.58 13.36 49.06
CA LEU A 573 -9.20 13.10 49.42
C LEU A 573 -8.35 14.37 49.41
N SER A 574 -8.97 15.53 49.55
CA SER A 574 -8.27 16.80 49.53
C SER A 574 -8.17 17.35 50.94
N TRP A 575 -6.94 17.64 51.40
CA TRP A 575 -6.75 17.98 52.81
C TRP A 575 -7.27 19.35 53.20
N PRO A 576 -7.01 20.46 52.44
CA PRO A 576 -7.68 21.71 52.83
C PRO A 576 -9.17 21.69 52.63
N SER A 577 -9.64 21.43 51.40
CA SER A 577 -11.05 21.49 51.07
C SER A 577 -11.32 20.86 49.71
N PRO A 578 -12.48 20.25 49.50
CA PRO A 578 -12.84 19.81 48.14
C PRO A 578 -13.01 20.97 47.18
N TRP A 579 -13.40 22.13 47.70
CA TRP A 579 -13.58 23.32 46.87
C TRP A 579 -12.27 23.79 46.25
N VAL A 580 -11.14 23.42 46.85
CA VAL A 580 -9.85 23.71 46.26
C VAL A 580 -9.68 22.98 44.94
N ILE A 581 -10.03 21.69 44.94
CA ILE A 581 -9.95 20.90 43.71
C ILE A 581 -11.02 21.33 42.72
N VAL A 582 -12.23 21.56 43.24
CA VAL A 582 -13.39 21.81 42.38
C VAL A 582 -13.25 23.14 41.65
N ILE A 583 -12.84 24.18 42.37
CA ILE A 583 -12.54 25.44 41.70
C ILE A 583 -11.24 25.31 40.92
N GLY A 584 -10.30 24.52 41.42
CA GLY A 584 -9.04 24.34 40.71
C GLY A 584 -9.20 23.59 39.41
N SER A 585 -9.87 22.43 39.44
CA SER A 585 -10.02 21.64 38.22
C SER A 585 -11.02 22.28 37.27
N PHE A 586 -11.81 23.23 37.75
CA PHE A 586 -12.62 24.02 36.84
C PHE A 586 -11.74 24.96 36.02
N PHE A 587 -10.77 25.59 36.68
CA PHE A 587 -9.94 26.56 35.97
C PHE A 587 -8.97 25.89 35.03
N SER A 588 -8.51 24.69 35.40
CA SER A 588 -7.48 24.01 34.62
C SER A 588 -8.03 23.50 33.31
N THR A 589 -9.25 22.96 33.32
CA THR A 589 -9.86 22.57 32.06
C THR A 589 -10.40 23.79 31.33
N CYS A 590 -10.55 24.93 32.02
CA CYS A 590 -10.89 26.15 31.31
C CYS A 590 -9.69 26.65 30.52
N GLY A 591 -8.52 26.71 31.17
CA GLY A 591 -7.35 27.23 30.49
C GLY A 591 -6.80 26.27 29.45
N ALA A 592 -6.98 24.97 29.66
CA ALA A 592 -6.59 24.01 28.65
C ALA A 592 -7.48 24.12 27.42
N GLY A 593 -8.76 24.45 27.64
CA GLY A 593 -9.60 24.86 26.53
C GLY A 593 -9.22 26.21 25.98
N LEU A 594 -8.76 27.12 26.85
CA LEU A 594 -8.24 28.40 26.39
C LEU A 594 -6.96 28.21 25.58
N GLN A 595 -6.16 27.20 25.94
CA GLN A 595 -4.98 26.89 25.16
C GLN A 595 -5.36 26.28 23.81
N SER A 596 -6.37 25.41 23.81
CA SER A 596 -6.61 24.57 22.64
C SER A 596 -7.28 25.34 21.52
N LEU A 597 -7.68 26.58 21.78
CA LEU A 597 -8.17 27.41 20.70
C LEU A 597 -7.03 28.18 20.05
N THR A 598 -5.93 28.45 20.75
CA THR A 598 -4.84 29.16 20.08
C THR A 598 -4.21 28.37 18.92
N GLY A 599 -3.97 27.09 19.20
CA GLY A 599 -3.35 26.20 18.24
C GLY A 599 -4.10 25.90 16.96
N ALA A 600 -5.40 25.64 17.06
CA ALA A 600 -6.17 25.32 15.88
C ALA A 600 -6.16 26.50 14.92
N PRO A 601 -6.35 27.70 15.45
CA PRO A 601 -6.30 28.89 14.58
C PRO A 601 -4.91 29.08 14.00
N ARG A 602 -3.88 28.92 14.82
CA ARG A 602 -2.50 29.10 14.36
C ARG A 602 -1.96 28.10 13.32
N LEU A 603 -2.34 26.84 13.50
CA LEU A 603 -1.85 25.71 12.71
C LEU A 603 -2.44 25.74 11.31
N LEU A 604 -3.69 26.17 11.20
CA LEU A 604 -4.37 26.11 9.90
C LEU A 604 -3.86 27.20 8.98
N GLN A 605 -3.35 28.30 9.54
CA GLN A 605 -2.63 29.27 8.72
C GLN A 605 -1.35 28.67 8.16
N ALA A 606 -0.64 27.92 8.99
CA ALA A 606 0.68 27.41 8.61
C ALA A 606 0.57 26.39 7.49
N ILE A 607 -0.56 25.71 7.39
CA ILE A 607 -0.78 24.84 6.25
C ILE A 607 -1.31 25.65 5.07
N ALA A 608 -2.12 26.67 5.35
CA ALA A 608 -2.63 27.51 4.26
C ALA A 608 -1.54 28.40 3.70
N LYS A 609 -0.60 28.85 4.54
CA LYS A 609 0.53 29.58 4.00
C LYS A 609 1.51 28.65 3.30
N ASP A 610 1.47 27.36 3.63
CA ASP A 610 2.26 26.37 2.91
C ASP A 610 1.70 26.12 1.53
N ASN A 611 0.45 26.53 1.26
CA ASN A 611 -0.24 26.49 -0.02
C ASN A 611 -0.36 25.08 -0.58
N ILE A 612 -0.24 24.06 0.28
CA ILE A 612 -0.11 22.70 -0.21
C ILE A 612 -1.47 22.14 -0.62
N ILE A 613 -2.55 22.70 -0.12
CA ILE A 613 -3.87 22.32 -0.59
C ILE A 613 -4.58 23.58 -1.09
N PRO A 614 -4.96 23.65 -2.37
CA PRO A 614 -5.62 24.85 -2.87
C PRO A 614 -7.06 24.97 -2.42
N PHE A 615 -7.62 23.91 -1.84
CA PHE A 615 -8.99 23.96 -1.33
C PHE A 615 -9.10 24.91 -0.14
N LEU A 616 -8.00 25.13 0.57
CA LEU A 616 -7.98 25.88 1.82
C LEU A 616 -7.01 27.06 1.72
N ARG A 617 -6.92 27.65 0.53
CA ARG A 617 -6.11 28.85 0.37
C ARG A 617 -6.74 30.04 1.09
N VAL A 618 -8.07 30.03 1.21
CA VAL A 618 -8.80 31.17 1.76
C VAL A 618 -8.57 31.30 3.26
N PHE A 619 -8.18 30.22 3.94
CA PHE A 619 -8.01 30.23 5.38
C PHE A 619 -6.77 30.97 5.84
N GLY A 620 -5.88 31.34 4.93
CA GLY A 620 -4.62 31.91 5.33
C GLY A 620 -4.66 33.37 5.72
N HIS A 621 -5.78 34.05 5.46
CA HIS A 621 -5.83 35.49 5.69
C HIS A 621 -5.82 35.83 7.17
N SER A 622 -4.64 36.14 7.68
CA SER A 622 -4.49 36.50 9.08
C SER A 622 -4.66 38.01 9.25
N LYS A 623 -4.56 38.45 10.49
CA LYS A 623 -4.57 39.87 10.80
C LYS A 623 -3.12 40.37 10.86
N ALA A 624 -2.94 41.57 11.42
CA ALA A 624 -1.62 42.18 11.49
C ALA A 624 -0.72 41.48 12.51
N ASN A 625 -1.31 40.66 13.38
CA ASN A 625 -0.59 40.03 14.46
C ASN A 625 -0.71 38.50 14.47
N GLY A 626 -1.06 37.90 13.33
CA GLY A 626 -1.07 36.45 13.25
C GLY A 626 -2.34 35.78 13.74
N GLU A 627 -3.40 36.53 13.92
CA GLU A 627 -4.66 35.88 14.24
C GLU A 627 -5.56 35.80 13.01
N PRO A 628 -6.31 34.71 12.84
CA PRO A 628 -7.14 34.57 11.64
C PRO A 628 -8.51 35.16 11.84
N THR A 629 -9.36 34.97 10.83
CA THR A 629 -10.80 35.15 11.01
C THR A 629 -11.53 34.00 10.34
N TRP A 630 -10.82 33.23 9.51
CA TRP A 630 -11.43 32.08 8.85
C TRP A 630 -11.07 30.78 9.52
N ALA A 631 -9.81 30.63 9.94
CA ALA A 631 -9.43 29.46 10.71
C ALA A 631 -10.12 29.45 12.06
N LEU A 632 -10.32 30.63 12.64
CA LEU A 632 -11.12 30.74 13.85
C LEU A 632 -12.58 30.45 13.56
N LEU A 633 -13.03 30.74 12.34
CA LEU A 633 -14.37 30.33 11.96
C LEU A 633 -14.42 28.82 11.77
N LEU A 634 -13.35 28.21 11.28
CA LEU A 634 -13.41 26.77 11.09
C LEU A 634 -13.27 26.03 12.41
N THR A 635 -12.44 26.54 13.31
CA THR A 635 -12.24 25.89 14.60
C THR A 635 -13.49 25.99 15.47
N ALA A 636 -14.23 27.10 15.38
CA ALA A 636 -15.46 27.24 16.13
C ALA A 636 -16.54 26.30 15.59
N ALA A 637 -16.56 26.09 14.28
CA ALA A 637 -17.60 25.26 13.70
C ALA A 637 -17.37 23.77 13.91
N ILE A 638 -16.11 23.33 13.91
CA ILE A 638 -15.83 21.92 14.14
C ILE A 638 -16.01 21.54 15.61
N ALA A 639 -15.63 22.43 16.52
CA ALA A 639 -15.83 22.17 17.95
C ALA A 639 -17.31 22.25 18.34
N GLU A 640 -18.12 22.87 17.49
CA GLU A 640 -19.55 22.99 17.74
C GLU A 640 -20.23 21.63 17.76
N LEU A 641 -19.77 20.70 16.91
CA LEU A 641 -20.43 19.40 16.78
C LEU A 641 -20.23 18.56 18.04
N GLY A 642 -19.12 18.76 18.75
CA GLY A 642 -18.91 18.02 19.99
C GLY A 642 -19.87 18.43 21.09
N ILE A 643 -20.30 19.70 21.09
CA ILE A 643 -21.27 20.15 22.07
C ILE A 643 -22.64 19.55 21.75
N LEU A 644 -22.89 19.28 20.48
CA LEU A 644 -24.14 18.62 20.11
C LEU A 644 -24.04 17.11 20.30
N ILE A 645 -22.85 16.62 20.64
CA ILE A 645 -22.75 15.26 21.17
C ILE A 645 -23.05 15.25 22.66
N ALA A 646 -22.56 16.28 23.37
CA ALA A 646 -23.00 16.67 24.71
C ALA A 646 -22.69 15.62 25.78
N SER A 647 -21.67 14.80 25.55
CA SER A 647 -21.29 13.81 26.55
C SER A 647 -19.80 13.56 26.41
N LEU A 648 -19.08 13.63 27.52
CA LEU A 648 -17.64 13.40 27.51
C LEU A 648 -17.29 11.98 27.13
N ASP A 649 -18.18 11.03 27.33
CA ASP A 649 -17.84 9.65 27.07
C ASP A 649 -18.14 9.23 25.64
N LEU A 650 -18.67 10.13 24.83
CA LEU A 650 -18.77 9.88 23.40
C LEU A 650 -17.85 10.76 22.58
N VAL A 651 -17.48 11.94 23.09
CA VAL A 651 -16.50 12.76 22.40
C VAL A 651 -15.12 12.13 22.49
N ALA A 652 -14.78 11.60 23.66
CA ALA A 652 -13.47 11.01 23.90
C ALA A 652 -13.11 9.82 23.00
N PRO A 653 -14.01 8.91 22.61
CA PRO A 653 -13.57 7.92 21.61
C PRO A 653 -13.32 8.51 20.23
N ILE A 654 -14.08 9.53 19.84
CA ILE A 654 -13.83 10.17 18.55
C ILE A 654 -12.54 10.98 18.62
N LEU A 655 -12.31 11.63 19.75
CA LEU A 655 -11.11 12.44 19.94
C LEU A 655 -9.89 11.55 20.04
N SER A 656 -10.06 10.34 20.56
CA SER A 656 -8.92 9.42 20.64
C SER A 656 -8.61 8.83 19.29
N MET A 657 -9.52 8.97 18.32
CA MET A 657 -9.24 8.46 17.00
C MET A 657 -8.22 9.32 16.28
N PHE A 658 -8.45 10.64 16.27
CA PHE A 658 -7.64 11.54 15.45
C PHE A 658 -6.22 11.66 15.96
N PHE A 659 -6.06 11.69 17.28
CA PHE A 659 -4.72 11.72 17.84
C PHE A 659 -4.00 10.41 17.62
N LEU A 660 -4.76 9.34 17.44
CA LEU A 660 -4.13 8.06 17.13
C LEU A 660 -3.79 7.99 15.65
N MET A 661 -4.48 8.76 14.82
CA MET A 661 -4.14 8.84 13.41
C MET A 661 -2.80 9.56 13.21
N CYS A 662 -2.52 10.56 14.04
CA CYS A 662 -1.24 11.25 13.96
C CYS A 662 -0.13 10.39 14.51
N TYR A 663 -0.37 9.81 15.68
CA TYR A 663 0.67 9.03 16.36
C TYR A 663 0.98 7.75 15.61
N LEU A 664 0.07 7.32 14.74
CA LEU A 664 0.40 6.24 13.83
C LEU A 664 1.35 6.72 12.74
N PHE A 665 0.99 7.82 12.07
CA PHE A 665 1.73 8.19 10.87
C PHE A 665 3.04 8.87 11.20
N VAL A 666 3.21 9.30 12.46
CA VAL A 666 4.54 9.68 12.90
C VAL A 666 5.44 8.46 12.96
N ASN A 667 4.95 7.37 13.55
CA ASN A 667 5.75 6.16 13.69
C ASN A 667 5.95 5.47 12.35
N LEU A 668 4.98 5.60 11.46
CA LEU A 668 5.08 4.95 10.15
C LEU A 668 6.12 5.64 9.30
N ALA A 669 6.13 6.97 9.31
CA ALA A 669 7.06 7.72 8.47
C ALA A 669 8.48 7.65 9.00
N CYS A 670 8.63 7.55 10.32
CA CYS A 670 9.96 7.41 10.88
C CYS A 670 10.54 6.03 10.60
N ALA A 671 9.69 5.02 10.50
CA ALA A 671 10.19 3.67 10.26
C ALA A 671 10.57 3.48 8.81
N LEU A 672 9.77 4.01 7.89
CA LEU A 672 9.97 3.76 6.47
C LEU A 672 11.23 4.45 5.96
N GLN A 673 11.45 5.70 6.38
CA GLN A 673 12.61 6.42 5.88
C GLN A 673 13.88 5.92 6.51
N THR A 674 13.78 5.24 7.65
CA THR A 674 14.96 4.58 8.22
C THR A 674 15.20 3.23 7.57
N LEU A 675 14.15 2.48 7.24
CA LEU A 675 14.34 1.19 6.59
C LEU A 675 14.72 1.35 5.12
N LEU A 676 13.94 2.12 4.36
CA LEU A 676 14.22 2.26 2.93
C LEU A 676 15.43 3.14 2.65
N ARG A 677 15.92 3.88 3.66
CA ARG A 677 16.97 4.88 3.53
C ARG A 677 16.62 5.92 2.47
N THR A 678 15.57 6.68 2.76
CA THR A 678 15.25 7.84 1.95
C THR A 678 16.36 8.88 2.16
N PRO A 679 16.87 9.48 1.08
CA PRO A 679 18.00 10.41 1.21
C PRO A 679 17.68 11.64 2.02
N ASN A 680 18.74 12.19 2.62
CA ASN A 680 18.70 13.22 3.66
C ASN A 680 17.81 12.77 4.81
N TRP A 681 18.27 11.73 5.49
CA TRP A 681 17.60 11.20 6.69
C TRP A 681 18.67 10.52 7.54
N ARG A 682 19.22 11.26 8.50
CA ARG A 682 20.27 10.77 9.39
C ARG A 682 19.88 11.02 10.84
N PRO A 683 19.18 10.10 11.47
CA PRO A 683 18.80 10.28 12.88
C PRO A 683 19.93 10.07 13.86
N ARG A 684 20.64 11.16 14.17
CA ARG A 684 21.75 11.09 15.09
C ARG A 684 21.26 11.17 16.51
N PHE A 685 20.48 10.17 16.90
CA PHE A 685 20.00 10.08 18.27
C PHE A 685 20.47 8.78 18.91
N ARG A 686 20.80 8.87 20.20
CA ARG A 686 21.31 7.74 20.96
C ARG A 686 20.31 6.60 21.05
N TYR A 687 19.18 6.86 21.71
CA TYR A 687 18.28 5.81 22.16
C TYR A 687 17.24 5.57 21.06
N TYR A 688 17.71 5.25 19.86
CA TYR A 688 16.77 5.07 18.77
C TYR A 688 17.12 3.81 17.99
N HIS A 689 16.08 3.10 17.57
CA HIS A 689 16.18 1.98 16.66
C HIS A 689 14.95 2.02 15.77
N TRP A 690 15.07 1.49 14.56
CA TRP A 690 13.97 1.56 13.61
C TRP A 690 12.78 0.71 14.01
N ALA A 691 13.00 -0.40 14.71
CA ALA A 691 11.88 -1.28 15.04
C ALA A 691 11.05 -0.75 16.18
N LEU A 692 11.58 0.21 16.94
CA LEU A 692 10.81 0.76 18.04
C LEU A 692 9.69 1.65 17.55
N SER A 693 9.90 2.35 16.44
CA SER A 693 8.79 3.03 15.80
C SER A 693 7.86 2.05 15.11
N PHE A 694 8.40 0.90 14.69
CA PHE A 694 7.56 -0.14 14.10
C PHE A 694 6.69 -0.80 15.15
N MET A 695 7.20 -0.92 16.37
CA MET A 695 6.40 -1.49 17.45
C MET A 695 5.31 -0.51 17.88
N GLY A 696 5.63 0.78 17.87
CA GLY A 696 4.61 1.78 18.09
C GLY A 696 3.62 1.88 16.94
N MET A 697 4.05 1.48 15.74
CA MET A 697 3.15 1.50 14.59
C MET A 697 2.10 0.41 14.73
N SER A 698 2.47 -0.72 15.35
CA SER A 698 1.50 -1.81 15.51
C SER A 698 0.52 -1.51 16.63
N ILE A 699 1.01 -0.95 17.74
CA ILE A 699 0.17 -0.73 18.92
C ILE A 699 -0.87 0.35 18.63
N CYS A 700 -0.48 1.42 17.96
CA CYS A 700 -1.41 2.47 17.59
C CYS A 700 -2.47 1.96 16.61
N LEU A 701 -2.11 0.99 15.79
CA LEU A 701 -3.10 0.36 14.93
C LEU A 701 -3.96 -0.61 15.72
N ALA A 702 -3.39 -1.20 16.77
CA ALA A 702 -4.17 -2.10 17.63
C ALA A 702 -5.17 -1.32 18.47
N LEU A 703 -4.78 -0.12 18.89
CA LEU A 703 -5.67 0.77 19.62
C LEU A 703 -6.84 1.24 18.76
N MET A 704 -6.67 1.17 17.44
CA MET A 704 -7.58 1.86 16.54
C MET A 704 -8.82 1.04 16.24
N PHE A 705 -8.65 -0.23 15.84
CA PHE A 705 -9.79 -1.06 15.47
C PHE A 705 -10.60 -1.48 16.69
N ILE A 706 -9.93 -1.60 17.83
CA ILE A 706 -10.57 -2.04 19.06
C ILE A 706 -11.50 -0.97 19.60
N SER A 707 -11.21 0.30 19.32
CA SER A 707 -12.15 1.37 19.66
C SER A 707 -13.45 1.26 18.89
N SER A 708 -13.37 1.37 17.56
CA SER A 708 -14.56 1.33 16.72
C SER A 708 -14.13 1.04 15.29
N TRP A 709 -14.51 -0.13 14.77
CA TRP A 709 -13.88 -0.63 13.54
C TRP A 709 -14.41 0.06 12.29
N TYR A 710 -15.70 0.43 12.26
CA TYR A 710 -16.20 1.08 11.06
C TYR A 710 -15.85 2.56 11.07
N TYR A 711 -15.43 3.08 12.23
CA TYR A 711 -14.72 4.36 12.22
C TYR A 711 -13.27 4.17 11.82
N ALA A 712 -12.71 2.98 12.07
CA ALA A 712 -11.28 2.78 11.92
C ALA A 712 -10.89 2.70 10.45
N ILE A 713 -11.69 2.02 9.64
CA ILE A 713 -11.39 1.88 8.22
C ILE A 713 -11.59 3.21 7.49
N VAL A 714 -12.69 3.91 7.80
CA VAL A 714 -12.98 5.17 7.12
C VAL A 714 -11.95 6.24 7.53
N ALA A 715 -11.33 6.07 8.69
CA ALA A 715 -10.25 6.97 9.07
C ALA A 715 -8.99 6.71 8.24
N MET A 716 -8.63 5.44 8.07
CA MET A 716 -7.40 5.12 7.36
C MET A 716 -7.56 5.31 5.85
N VAL A 717 -8.78 5.25 5.35
CA VAL A 717 -9.02 5.42 3.92
C VAL A 717 -9.10 6.90 3.54
N ILE A 718 -9.71 7.72 4.39
CA ILE A 718 -9.73 9.16 4.12
C ILE A 718 -8.35 9.75 4.38
N ALA A 719 -7.50 9.03 5.12
CA ALA A 719 -6.13 9.47 5.28
C ALA A 719 -5.32 9.19 4.02
N GLY A 720 -5.60 8.07 3.36
CA GLY A 720 -4.77 7.68 2.23
C GLY A 720 -5.02 8.53 1.01
N MET A 721 -6.28 8.89 0.75
CA MET A 721 -6.58 9.60 -0.48
C MET A 721 -6.24 11.09 -0.36
N ILE A 722 -6.16 11.59 0.87
CA ILE A 722 -5.64 12.95 1.06
C ILE A 722 -4.12 12.94 0.97
N TYR A 723 -3.49 11.84 1.38
CA TYR A 723 -2.04 11.68 1.21
C TYR A 723 -1.63 11.70 -0.25
N LYS A 724 -2.33 10.94 -1.08
CA LYS A 724 -1.96 10.86 -2.49
C LYS A 724 -2.31 12.15 -3.20
N TYR A 725 -3.33 12.85 -2.72
CA TYR A 725 -3.74 14.12 -3.34
C TYR A 725 -2.74 15.21 -3.08
N ILE A 726 -1.94 15.08 -2.02
CA ILE A 726 -0.74 15.88 -1.89
C ILE A 726 0.27 15.50 -2.97
N GLU A 727 0.45 14.19 -3.17
CA GLU A 727 1.49 13.70 -4.06
C GLU A 727 1.14 14.00 -5.51
N TYR A 728 -0.15 14.08 -5.83
CA TYR A 728 -0.55 14.52 -7.14
C TYR A 728 -0.23 15.98 -7.37
N GLN A 729 -0.55 16.83 -6.40
CA GLN A 729 -0.41 18.26 -6.62
C GLN A 729 1.02 18.74 -6.40
N GLY A 730 1.92 17.84 -5.99
CA GLY A 730 3.33 18.14 -6.17
C GLY A 730 3.73 18.11 -7.63
N ALA A 731 3.08 17.25 -8.42
CA ALA A 731 3.43 17.12 -9.83
C ALA A 731 2.91 18.29 -10.65
N GLU A 732 1.68 18.73 -10.37
CA GLU A 732 1.13 19.87 -11.11
C GLU A 732 1.67 21.21 -10.67
N LYS A 733 2.72 21.25 -9.87
CA LYS A 733 3.41 22.50 -9.57
C LYS A 733 4.84 22.39 -10.06
N GLU A 734 5.43 21.20 -9.93
CA GLU A 734 6.87 21.06 -10.13
C GLU A 734 7.19 20.59 -11.55
N TRP A 735 6.67 19.44 -11.95
CA TRP A 735 6.98 18.89 -13.27
C TRP A 735 5.97 19.37 -14.31
N GLY A 736 5.72 20.66 -14.34
CA GLY A 736 4.70 21.16 -15.24
C GLY A 736 3.34 20.84 -14.67
N ASP A 737 2.63 19.93 -15.33
CA ASP A 737 1.30 19.51 -14.90
C ASP A 737 1.10 18.04 -15.24
N GLY A 738 -0.08 17.54 -14.92
CA GLY A 738 -0.56 16.26 -15.40
C GLY A 738 -0.24 15.13 -14.43
N ILE A 739 -0.67 13.94 -14.85
CA ILE A 739 -0.35 12.70 -14.13
C ILE A 739 0.96 12.09 -14.57
N ARG A 740 1.53 12.57 -15.67
CA ARG A 740 2.80 12.06 -16.16
C ARG A 740 3.95 12.51 -15.28
N GLY A 741 3.79 13.62 -14.58
CA GLY A 741 4.85 14.13 -13.73
C GLY A 741 5.07 13.26 -12.52
N LEU A 742 4.04 12.52 -12.10
CA LEU A 742 4.18 11.61 -10.96
C LEU A 742 5.09 10.45 -11.30
N SER A 743 5.08 10.01 -12.55
CA SER A 743 6.05 9.00 -12.96
C SER A 743 7.43 9.62 -13.13
N LEU A 744 7.49 10.86 -13.61
CA LEU A 744 8.75 11.59 -13.64
C LEU A 744 9.32 11.79 -12.26
N SER A 745 8.46 12.20 -11.30
CA SER A 745 8.90 12.41 -9.93
C SER A 745 9.38 11.12 -9.31
N ALA A 746 8.67 10.03 -9.57
CA ALA A 746 9.09 8.73 -9.05
C ALA A 746 10.34 8.25 -9.77
N ALA A 747 10.55 8.71 -11.00
CA ALA A 747 11.79 8.36 -11.70
C ALA A 747 12.98 9.06 -11.06
N ARG A 748 12.85 10.36 -10.80
CA ARG A 748 13.95 11.12 -10.21
C ARG A 748 14.19 10.70 -8.78
N PHE A 749 13.13 10.32 -8.07
CA PHE A 749 13.26 9.86 -6.70
C PHE A 749 13.97 8.51 -6.63
N ALA A 750 13.96 7.77 -7.73
CA ALA A 750 14.66 6.50 -7.80
C ALA A 750 16.09 6.69 -8.28
N LEU A 751 16.29 7.62 -9.22
CA LEU A 751 17.60 7.79 -9.82
C LEU A 751 18.58 8.45 -8.87
N LEU A 752 18.08 9.27 -7.95
CA LEU A 752 18.95 9.89 -6.96
C LEU A 752 19.42 8.89 -5.92
N ARG A 753 18.73 7.76 -5.79
CA ARG A 753 19.04 6.83 -4.73
C ARG A 753 20.31 6.05 -5.01
N LEU A 754 20.56 5.72 -6.28
CA LEU A 754 21.72 4.88 -6.59
C LEU A 754 23.03 5.67 -6.50
N GLU A 755 22.95 6.99 -6.36
CA GLU A 755 24.16 7.81 -6.26
C GLU A 755 24.91 7.61 -4.94
N GLU A 756 24.33 6.86 -4.01
CA GLU A 756 24.96 6.59 -2.72
C GLU A 756 26.06 5.55 -2.84
N GLY A 757 25.73 4.36 -3.36
CA GLY A 757 26.64 3.24 -3.33
C GLY A 757 27.45 3.06 -4.60
N PRO A 758 28.25 1.99 -4.65
CA PRO A 758 28.99 1.68 -5.86
C PRO A 758 28.19 0.74 -6.76
N PRO A 759 28.36 0.84 -8.07
CA PRO A 759 27.60 -0.03 -8.97
C PRO A 759 28.19 -1.43 -9.05
N HIS A 760 29.40 -1.60 -8.52
CA HIS A 760 30.16 -2.83 -8.62
C HIS A 760 30.11 -3.66 -7.35
N THR A 761 28.96 -3.73 -6.69
CA THR A 761 28.90 -4.37 -5.38
C THR A 761 28.97 -5.89 -5.48
N LYS A 762 28.05 -6.52 -6.20
CA LYS A 762 28.09 -7.98 -6.28
C LYS A 762 28.20 -8.56 -7.67
N ASN A 763 27.26 -8.28 -8.56
CA ASN A 763 27.01 -9.17 -9.67
C ASN A 763 27.30 -8.45 -10.99
N TRP A 764 27.24 -9.21 -12.08
CA TRP A 764 27.32 -8.68 -13.43
C TRP A 764 26.10 -9.12 -14.21
N ARG A 765 25.54 -8.20 -14.99
CA ARG A 765 24.59 -8.49 -16.06
C ARG A 765 24.89 -7.60 -17.25
N PRO A 766 24.62 -8.05 -18.46
CA PRO A 766 24.81 -7.18 -19.63
C PRO A 766 23.68 -6.18 -19.72
N GLN A 767 24.03 -4.92 -19.90
CA GLN A 767 23.06 -3.88 -20.20
C GLN A 767 23.47 -3.29 -21.54
N LEU A 768 22.65 -3.53 -22.55
CA LEU A 768 23.09 -3.40 -23.93
C LEU A 768 22.99 -1.96 -24.41
N LEU A 769 24.10 -1.46 -24.91
CA LEU A 769 24.13 -0.36 -25.85
C LEU A 769 24.42 -0.97 -27.21
N VAL A 770 23.47 -0.87 -28.12
CA VAL A 770 23.68 -1.27 -29.49
C VAL A 770 23.78 -0.01 -30.31
N LEU A 771 24.45 -0.07 -31.44
CA LEU A 771 24.62 1.08 -32.30
C LEU A 771 24.50 0.67 -33.76
N LEU A 772 23.71 1.44 -34.50
CA LEU A 772 23.32 1.08 -35.85
C LEU A 772 23.86 2.11 -36.82
N LYS A 773 24.57 1.65 -37.82
CA LYS A 773 25.14 2.55 -38.81
C LYS A 773 24.07 2.88 -39.84
N LEU A 774 24.03 4.15 -40.26
CA LEU A 774 22.99 4.65 -41.13
C LEU A 774 23.64 5.23 -42.37
N ASP A 775 23.20 4.78 -43.55
CA ASP A 775 23.70 5.32 -44.80
C ASP A 775 22.79 6.45 -45.27
N GLU A 776 23.00 6.92 -46.51
CA GLU A 776 22.11 7.90 -47.11
C GLU A 776 20.72 7.31 -47.30
N ASP A 777 19.70 8.17 -47.35
CA ASP A 777 18.28 7.79 -47.28
C ASP A 777 18.07 6.89 -46.06
N LEU A 778 18.28 7.51 -44.89
CA LEU A 778 18.72 6.86 -43.66
C LEU A 778 17.86 5.69 -43.21
N HIS A 779 18.45 4.51 -43.26
CA HIS A 779 17.85 3.31 -42.69
C HIS A 779 18.96 2.54 -41.99
N VAL A 780 18.55 1.65 -41.10
CA VAL A 780 19.49 0.80 -40.41
C VAL A 780 20.16 -0.17 -41.37
N LYS A 781 21.48 -0.20 -41.34
CA LYS A 781 22.23 -1.10 -42.19
C LYS A 781 22.02 -2.56 -41.83
N HIS A 782 21.89 -2.89 -40.55
CA HIS A 782 21.70 -4.28 -40.10
C HIS A 782 20.73 -4.32 -38.94
N PRO A 783 19.45 -4.56 -39.21
CA PRO A 783 18.48 -4.73 -38.10
C PRO A 783 18.68 -6.02 -37.33
N ARG A 784 19.54 -6.92 -37.78
CA ARG A 784 19.64 -8.25 -37.18
C ARG A 784 20.28 -8.18 -35.80
N LEU A 785 21.04 -7.11 -35.53
CA LEU A 785 21.46 -6.82 -34.17
C LEU A 785 20.24 -6.52 -33.30
N LEU A 786 19.31 -5.75 -33.84
CA LEU A 786 18.16 -5.31 -33.06
C LEU A 786 17.19 -6.46 -32.85
N THR A 787 17.22 -7.45 -33.74
CA THR A 787 16.62 -8.75 -33.43
C THR A 787 17.38 -9.41 -32.31
N PHE A 788 18.70 -9.52 -32.46
CA PHE A 788 19.55 -10.27 -31.56
C PHE A 788 19.64 -9.67 -30.18
N ALA A 789 19.59 -8.33 -30.10
CA ALA A 789 19.59 -7.67 -28.80
C ALA A 789 18.37 -8.06 -28.00
N SER A 790 17.21 -8.04 -28.65
CA SER A 790 16.00 -8.54 -28.01
C SER A 790 16.03 -10.05 -27.85
N GLN A 791 16.90 -10.75 -28.58
CA GLN A 791 17.08 -12.17 -28.31
C GLN A 791 17.99 -12.44 -27.12
N LEU A 792 18.37 -11.42 -26.36
CA LEU A 792 18.93 -11.63 -25.03
C LEU A 792 18.04 -11.09 -23.94
N LYS A 793 17.81 -9.79 -23.92
CA LYS A 793 17.08 -9.17 -22.82
C LYS A 793 15.66 -8.79 -23.22
N ALA A 794 14.89 -9.83 -23.53
CA ALA A 794 13.51 -9.64 -23.96
C ALA A 794 12.63 -9.33 -22.76
N GLY A 795 12.07 -8.12 -22.71
CA GLY A 795 11.21 -7.71 -21.62
C GLY A 795 12.02 -7.56 -20.35
N LYS A 796 13.16 -6.90 -20.48
CA LYS A 796 14.22 -6.92 -19.49
C LYS A 796 14.89 -5.54 -19.52
N GLY A 797 16.12 -5.46 -19.05
CA GLY A 797 16.74 -4.20 -18.66
C GLY A 797 17.08 -3.14 -19.68
N LEU A 798 18.09 -2.33 -19.36
CA LEU A 798 18.40 -1.12 -20.12
C LEU A 798 18.95 -1.45 -21.50
N THR A 799 18.26 -0.96 -22.51
CA THR A 799 18.67 -1.15 -23.89
C THR A 799 18.73 0.22 -24.55
N ILE A 800 19.87 0.60 -25.09
CA ILE A 800 20.03 1.88 -25.76
C ILE A 800 20.40 1.59 -27.20
N VAL A 801 19.72 2.21 -28.14
CA VAL A 801 20.12 2.08 -29.54
C VAL A 801 20.95 3.31 -29.90
N GLY A 802 22.05 3.08 -30.61
CA GLY A 802 22.98 4.13 -30.96
C GLY A 802 22.91 4.42 -32.45
N SER A 803 23.12 5.69 -32.78
CA SER A 803 22.90 6.18 -34.12
C SER A 803 23.58 7.53 -34.28
N VAL A 804 24.10 7.75 -35.49
CA VAL A 804 24.89 8.93 -35.78
C VAL A 804 24.56 9.43 -37.18
N ILE A 805 24.45 10.75 -37.30
CA ILE A 805 24.33 11.40 -38.60
C ILE A 805 25.52 12.34 -38.71
N VAL A 806 26.07 12.46 -39.91
CA VAL A 806 27.30 13.22 -40.12
C VAL A 806 26.98 14.64 -40.60
N GLY A 807 27.65 15.61 -39.98
CA GLY A 807 27.76 16.95 -40.50
C GLY A 807 26.61 17.89 -40.22
N ASN A 808 26.95 19.06 -39.66
CA ASN A 808 26.14 20.28 -39.71
C ASN A 808 24.75 20.10 -39.10
N PHE A 809 24.73 20.00 -37.78
CA PHE A 809 23.48 19.88 -37.02
C PHE A 809 22.47 21.00 -37.26
N LEU A 810 22.92 22.16 -37.77
CA LEU A 810 22.15 23.40 -37.64
C LEU A 810 20.92 23.43 -38.53
N GLU A 811 20.72 22.45 -39.40
CA GLU A 811 19.55 22.45 -40.25
C GLU A 811 18.85 21.10 -40.39
N ASN A 812 19.56 19.99 -40.20
CA ASN A 812 19.01 18.66 -40.44
C ASN A 812 18.37 18.07 -39.20
N TYR A 813 17.95 18.92 -38.26
CA TYR A 813 17.35 18.48 -37.02
C TYR A 813 16.00 17.81 -37.23
N GLY A 814 15.21 18.30 -38.18
CA GLY A 814 13.91 17.70 -38.43
C GLY A 814 14.05 16.33 -39.05
N GLU A 815 15.11 16.13 -39.83
CA GLU A 815 15.46 14.80 -40.28
C GLU A 815 15.76 13.89 -39.11
N ALA A 816 16.48 14.42 -38.11
CA ALA A 816 16.79 13.64 -36.92
C ALA A 816 15.53 13.36 -36.12
N LEU A 817 14.58 14.29 -36.14
CA LEU A 817 13.26 14.02 -35.57
C LEU A 817 12.53 12.96 -36.37
N ALA A 818 12.82 12.90 -37.68
CA ALA A 818 12.19 11.90 -38.51
C ALA A 818 12.95 10.57 -38.47
N ALA A 819 14.27 10.65 -38.29
CA ALA A 819 15.06 9.42 -38.35
C ALA A 819 14.88 8.59 -37.10
N GLU A 820 14.60 9.24 -35.97
CA GLU A 820 14.39 8.50 -34.73
C GLU A 820 13.07 7.76 -34.74
N GLN A 821 12.09 8.28 -35.47
CA GLN A 821 10.80 7.62 -35.54
C GLN A 821 10.88 6.34 -36.33
N THR A 822 11.85 6.24 -37.24
CA THR A 822 12.09 4.99 -37.95
C THR A 822 12.50 3.91 -36.98
N ILE A 823 13.36 4.24 -36.03
CA ILE A 823 13.84 3.27 -35.06
C ILE A 823 12.74 2.94 -34.06
N LYS A 824 11.94 3.95 -33.71
CA LYS A 824 10.87 3.76 -32.74
C LYS A 824 9.85 2.75 -33.22
N HIS A 825 9.53 2.78 -34.52
CA HIS A 825 8.64 1.78 -35.06
C HIS A 825 9.39 0.54 -35.52
N LEU A 826 10.69 0.49 -35.23
CA LEU A 826 11.47 -0.68 -35.56
C LEU A 826 11.82 -1.45 -34.30
N MET A 827 12.02 -0.74 -33.18
CA MET A 827 12.24 -1.38 -31.90
C MET A 827 10.97 -2.04 -31.40
N GLU A 828 9.82 -1.39 -31.62
CA GLU A 828 8.56 -1.97 -31.20
C GLU A 828 8.17 -3.13 -32.10
N ALA A 829 8.73 -3.17 -33.32
CA ALA A 829 8.45 -4.29 -34.20
C ALA A 829 9.13 -5.55 -33.72
N GLU A 830 10.36 -5.42 -33.24
CA GLU A 830 11.12 -6.58 -32.81
C GLU A 830 11.17 -6.70 -31.30
N LYS A 831 10.13 -6.23 -30.62
CA LYS A 831 9.90 -6.44 -29.19
C LYS A 831 11.02 -5.87 -28.34
N VAL A 832 11.49 -4.68 -28.70
CA VAL A 832 12.52 -3.99 -27.93
C VAL A 832 11.86 -2.91 -27.10
N LYS A 833 11.95 -3.04 -25.78
CA LYS A 833 11.57 -1.99 -24.84
C LYS A 833 12.85 -1.32 -24.38
N GLY A 834 13.34 -0.39 -25.19
CA GLY A 834 14.57 0.32 -24.90
C GLY A 834 14.46 1.78 -25.25
N PHE A 835 15.60 2.46 -25.35
CA PHE A 835 15.63 3.91 -25.48
C PHE A 835 16.44 4.30 -26.70
N CYS A 836 16.12 5.46 -27.25
CA CYS A 836 16.72 5.91 -28.50
C CYS A 836 17.63 7.11 -28.24
N GLN A 837 18.76 7.13 -28.95
CA GLN A 837 19.69 8.24 -28.90
C GLN A 837 20.19 8.51 -30.31
N LEU A 838 19.91 9.71 -30.83
CA LEU A 838 20.36 10.08 -32.16
C LEU A 838 21.13 11.39 -32.09
N VAL A 839 22.30 11.40 -32.73
CA VAL A 839 23.22 12.52 -32.71
C VAL A 839 23.58 12.87 -34.15
N VAL A 840 23.43 14.14 -34.50
CA VAL A 840 23.93 14.66 -35.75
C VAL A 840 25.28 15.29 -35.45
N ALA A 841 26.33 14.48 -35.51
CA ALA A 841 27.68 14.91 -35.24
C ALA A 841 28.34 15.33 -36.54
N ALA A 842 29.61 15.70 -36.48
CA ALA A 842 30.35 16.02 -37.69
C ALA A 842 30.92 14.75 -38.31
N LYS A 843 31.85 14.11 -37.62
CA LYS A 843 32.58 12.97 -38.14
C LYS A 843 32.14 11.72 -37.41
N LEU A 844 32.26 10.58 -38.09
CA LEU A 844 31.78 9.31 -37.53
C LEU A 844 32.55 8.89 -36.29
N ARG A 845 33.86 9.13 -36.27
CA ARG A 845 34.69 8.75 -35.13
C ARG A 845 34.32 9.52 -33.88
N GLU A 846 33.81 10.74 -34.06
CA GLU A 846 33.44 11.58 -32.93
C GLU A 846 32.15 11.13 -32.29
N GLY A 847 31.17 10.73 -33.08
CA GLY A 847 29.89 10.36 -32.51
C GLY A 847 29.93 9.00 -31.84
N ILE A 848 30.69 8.08 -32.41
CA ILE A 848 30.75 6.73 -31.84
C ILE A 848 31.52 6.74 -30.54
N SER A 849 32.47 7.66 -30.39
CA SER A 849 33.19 7.77 -29.14
C SER A 849 32.32 8.39 -28.07
N HIS A 850 31.36 9.20 -28.50
CA HIS A 850 30.60 9.96 -27.55
C HIS A 850 29.50 9.13 -26.91
N LEU A 851 28.79 8.35 -27.71
CA LEU A 851 27.63 7.63 -27.20
C LEU A 851 28.04 6.45 -26.34
N ILE A 852 29.31 6.02 -26.44
CA ILE A 852 29.79 5.01 -25.52
C ILE A 852 29.97 5.60 -24.14
N GLN A 853 30.47 6.84 -24.07
CA GLN A 853 30.82 7.45 -22.80
C GLN A 853 29.73 8.35 -22.26
N SER A 854 28.65 8.56 -23.02
CA SER A 854 27.66 9.53 -22.58
C SER A 854 26.25 9.06 -22.86
N CYS A 855 25.94 7.80 -22.57
CA CYS A 855 24.56 7.34 -22.67
C CYS A 855 24.12 6.78 -21.34
N GLY A 856 22.89 7.10 -20.96
CA GLY A 856 22.36 6.64 -19.70
C GLY A 856 22.68 7.62 -18.60
N LEU A 857 21.67 8.31 -18.09
CA LEU A 857 21.95 9.30 -17.07
C LEU A 857 22.18 8.63 -15.72
N GLY A 858 23.19 9.12 -15.01
CA GLY A 858 23.31 8.82 -13.61
C GLY A 858 23.69 7.39 -13.33
N GLY A 859 22.94 6.80 -12.40
CA GLY A 859 23.18 5.42 -12.05
C GLY A 859 22.75 4.43 -13.09
N MET A 860 21.78 4.79 -13.93
CA MET A 860 21.32 3.92 -15.01
C MET A 860 22.27 4.07 -16.18
N LYS A 861 23.28 3.22 -16.22
CA LYS A 861 24.29 3.23 -17.26
C LYS A 861 24.20 1.96 -18.07
N HIS A 862 24.58 2.03 -19.33
CA HIS A 862 24.75 0.83 -20.12
C HIS A 862 26.00 0.11 -19.66
N ASN A 863 26.04 -1.20 -19.86
CA ASN A 863 27.12 -2.00 -19.32
C ASN A 863 28.06 -2.54 -20.39
N THR A 864 27.59 -2.65 -21.63
CA THR A 864 28.35 -3.29 -22.70
C THR A 864 27.86 -2.79 -24.04
N VAL A 865 28.67 -3.01 -25.07
CA VAL A 865 28.42 -2.48 -26.41
C VAL A 865 28.26 -3.64 -27.38
N VAL A 866 27.22 -3.59 -28.20
CA VAL A 866 27.01 -4.55 -29.27
C VAL A 866 27.04 -3.81 -30.60
N MET A 867 27.87 -4.30 -31.52
CA MET A 867 28.23 -3.58 -32.72
C MET A 867 28.26 -4.53 -33.90
N GLY A 868 27.88 -4.02 -35.07
CA GLY A 868 28.01 -4.80 -36.29
C GLY A 868 29.43 -4.88 -36.79
N TRP A 869 29.59 -5.27 -38.04
CA TRP A 869 30.91 -5.60 -38.55
C TRP A 869 31.11 -4.84 -39.84
N PRO A 870 32.31 -4.30 -40.11
CA PRO A 870 32.57 -3.78 -41.44
C PRO A 870 32.69 -4.92 -42.43
N ASN A 871 31.62 -5.14 -43.18
CA ASN A 871 31.47 -6.42 -43.86
C ASN A 871 32.18 -6.41 -45.21
N GLY A 872 31.89 -5.43 -46.05
CA GLY A 872 32.64 -5.28 -47.29
C GLY A 872 34.00 -4.69 -47.01
N TRP A 873 34.90 -5.50 -46.44
CA TRP A 873 36.04 -4.96 -45.71
C TRP A 873 37.14 -4.48 -46.65
N ARG A 874 37.72 -5.40 -47.42
CA ARG A 874 38.84 -5.07 -48.32
C ARG A 874 38.22 -4.43 -49.56
N GLN A 875 37.91 -3.15 -49.47
CA GLN A 875 37.23 -2.44 -50.53
C GLN A 875 37.83 -1.04 -50.66
N SER A 876 37.13 -0.17 -51.40
CA SER A 876 37.68 1.06 -51.95
C SER A 876 38.10 2.12 -50.93
N GLU A 877 37.13 2.67 -50.19
CA GLU A 877 37.38 3.89 -49.42
C GLU A 877 37.26 3.68 -47.92
N ASP A 878 36.50 2.71 -47.47
CA ASP A 878 36.13 2.48 -46.08
C ASP A 878 37.30 2.01 -45.19
N ALA A 879 38.57 2.07 -45.61
CA ALA A 879 39.67 1.67 -44.74
C ALA A 879 39.75 2.58 -43.51
N ARG A 880 39.50 3.87 -43.70
CA ARG A 880 39.37 4.73 -42.52
C ARG A 880 38.09 4.40 -41.75
N ALA A 881 37.01 4.08 -42.46
CA ALA A 881 35.77 3.65 -41.81
C ALA A 881 35.97 2.32 -41.10
N TRP A 882 36.82 1.48 -41.67
CA TRP A 882 37.29 0.30 -40.95
C TRP A 882 38.06 0.68 -39.69
N LYS A 883 38.86 1.75 -39.76
CA LYS A 883 39.62 2.14 -38.58
C LYS A 883 38.73 2.81 -37.54
N THR A 884 37.57 3.34 -37.95
CA THR A 884 36.60 3.79 -36.97
C THR A 884 36.00 2.62 -36.22
N PHE A 885 35.86 1.48 -36.89
CA PHE A 885 35.54 0.24 -36.18
C PHE A 885 36.68 -0.16 -35.27
N ILE A 886 37.92 0.12 -35.66
CA ILE A 886 39.03 -0.10 -34.76
C ILE A 886 39.02 0.95 -33.66
N GLY A 887 38.60 2.16 -34.00
CA GLY A 887 38.55 3.24 -33.03
C GLY A 887 37.53 3.00 -31.94
N THR A 888 36.50 2.21 -32.22
CA THR A 888 35.56 1.83 -31.17
C THR A 888 36.18 0.88 -30.17
N VAL A 889 37.13 0.06 -30.62
CA VAL A 889 37.65 -1.00 -29.79
C VAL A 889 38.51 -0.41 -28.68
N ARG A 890 39.35 0.56 -29.02
CA ARG A 890 40.22 1.16 -28.01
C ARG A 890 39.45 2.08 -27.08
N VAL A 891 38.24 2.48 -27.46
CA VAL A 891 37.39 3.22 -26.54
C VAL A 891 36.92 2.29 -25.41
N THR A 892 36.39 1.13 -25.78
CA THR A 892 35.77 0.24 -24.81
C THR A 892 36.78 -0.38 -23.87
N THR A 893 38.04 -0.47 -24.29
CA THR A 893 39.11 -0.85 -23.37
C THR A 893 39.33 0.24 -22.35
N ALA A 894 39.37 1.49 -22.81
CA ALA A 894 39.62 2.62 -21.91
C ALA A 894 38.43 2.85 -20.99
N ALA A 895 37.22 2.70 -21.54
CA ALA A 895 36.05 2.84 -20.69
C ALA A 895 35.74 1.56 -19.91
N HIS A 896 36.48 0.48 -20.14
CA HIS A 896 36.37 -0.81 -19.45
C HIS A 896 34.97 -1.39 -19.59
N LEU A 897 34.42 -1.29 -20.79
CA LEU A 897 33.09 -1.78 -21.07
C LEU A 897 33.18 -2.91 -22.08
N ALA A 898 32.42 -3.98 -21.81
CA ALA A 898 32.47 -5.21 -22.58
C ALA A 898 31.96 -4.97 -23.99
N LEU A 899 32.44 -5.79 -24.93
CA LEU A 899 32.13 -5.61 -26.34
C LEU A 899 31.70 -6.93 -26.97
N LEU A 900 30.58 -6.90 -27.67
CA LEU A 900 30.03 -8.08 -28.33
C LEU A 900 29.74 -7.72 -29.78
N VAL A 901 30.70 -8.01 -30.66
CA VAL A 901 30.60 -7.67 -32.07
C VAL A 901 30.23 -8.93 -32.85
N ALA A 902 29.26 -8.79 -33.75
CA ALA A 902 28.69 -9.91 -34.49
C ALA A 902 29.35 -10.01 -35.86
N LYS A 903 29.44 -11.23 -36.38
CA LYS A 903 29.99 -11.48 -37.70
C LYS A 903 28.97 -12.28 -38.52
N ASN A 904 28.93 -11.99 -39.83
CA ASN A 904 27.97 -12.56 -40.80
C ASN A 904 26.52 -12.26 -40.40
N ILE A 905 26.18 -10.98 -40.51
CA ILE A 905 25.03 -10.44 -39.78
C ILE A 905 23.73 -10.73 -40.53
N SER A 906 23.80 -10.83 -41.86
CA SER A 906 22.61 -11.14 -42.63
C SER A 906 22.14 -12.57 -42.37
N PHE A 907 23.05 -13.45 -41.96
CA PHE A 907 22.74 -14.85 -41.70
C PHE A 907 22.35 -15.05 -40.24
N PHE A 908 21.45 -14.20 -39.78
CA PHE A 908 20.98 -14.26 -38.41
C PHE A 908 19.49 -14.56 -38.38
N PRO A 909 19.09 -15.49 -37.52
CA PRO A 909 17.67 -15.89 -37.44
C PRO A 909 16.76 -14.78 -36.95
N SER A 910 15.63 -14.63 -37.62
CA SER A 910 14.68 -13.63 -37.18
C SER A 910 13.91 -14.10 -35.94
N ASN A 911 13.02 -13.23 -35.50
CA ASN A 911 12.24 -13.47 -34.29
C ASN A 911 11.02 -14.34 -34.55
N VAL A 912 10.77 -14.70 -35.81
CA VAL A 912 9.65 -15.57 -36.14
C VAL A 912 10.08 -17.03 -36.16
N GLU A 913 11.19 -17.30 -36.84
CA GLU A 913 11.66 -18.66 -37.03
C GLU A 913 12.21 -19.23 -35.73
N GLN A 914 12.41 -20.54 -35.71
CA GLN A 914 13.02 -21.19 -34.57
C GLN A 914 14.18 -22.06 -35.03
N PHE A 915 14.89 -22.59 -34.05
CA PHE A 915 15.99 -23.52 -34.26
C PHE A 915 15.72 -24.83 -33.53
N SER A 916 16.31 -25.90 -34.06
CA SER A 916 16.16 -27.23 -33.50
C SER A 916 17.43 -28.03 -33.77
N GLU A 917 18.09 -28.45 -32.68
CA GLU A 917 19.27 -29.34 -32.68
C GLU A 917 20.46 -28.75 -33.45
N GLY A 918 21.05 -27.70 -32.89
CA GLY A 918 22.35 -27.22 -33.31
C GLY A 918 23.20 -26.89 -32.10
N ASN A 919 24.48 -27.21 -32.17
CA ASN A 919 25.36 -27.03 -31.02
C ASN A 919 25.88 -25.61 -30.94
N ILE A 920 26.15 -25.15 -29.72
CA ILE A 920 26.70 -23.84 -29.45
C ILE A 920 28.01 -24.02 -28.69
N ASP A 921 29.09 -23.44 -29.21
CA ASP A 921 30.40 -23.62 -28.61
C ASP A 921 30.95 -22.29 -28.08
N VAL A 922 31.47 -22.33 -26.89
CA VAL A 922 32.33 -21.28 -26.35
C VAL A 922 33.76 -21.78 -26.54
N TRP A 923 34.73 -20.88 -26.37
CA TRP A 923 36.13 -21.25 -26.51
C TRP A 923 36.92 -20.51 -25.44
N TRP A 924 37.20 -21.21 -24.34
CA TRP A 924 37.56 -20.58 -23.09
C TRP A 924 39.04 -20.20 -23.06
N ILE A 925 39.32 -19.03 -22.52
CA ILE A 925 40.63 -18.63 -22.01
C ILE A 925 40.40 -18.20 -20.57
N VAL A 926 41.38 -18.41 -19.71
CA VAL A 926 41.24 -18.16 -18.26
C VAL A 926 41.00 -16.68 -17.94
N HIS A 927 41.31 -15.79 -18.87
CA HIS A 927 41.06 -14.37 -18.64
C HIS A 927 39.78 -13.88 -19.29
N ASP A 928 38.90 -14.78 -19.72
CA ASP A 928 37.67 -14.38 -20.38
C ASP A 928 36.67 -13.84 -19.37
N GLY A 929 36.38 -14.64 -18.37
CA GLY A 929 35.40 -14.28 -17.36
C GLY A 929 34.08 -15.00 -17.58
N GLY A 930 33.20 -14.83 -16.61
CA GLY A 930 31.95 -15.57 -16.58
C GLY A 930 30.90 -15.11 -17.57
N MET A 931 31.20 -14.07 -18.36
CA MET A 931 30.36 -13.72 -19.49
C MET A 931 30.22 -14.89 -20.44
N LEU A 932 31.36 -15.51 -20.75
CA LEU A 932 31.41 -16.61 -21.70
C LEU A 932 30.71 -17.85 -21.15
N MET A 933 30.51 -17.90 -19.84
CA MET A 933 29.64 -18.90 -19.24
C MET A 933 28.19 -18.42 -19.23
N LEU A 934 27.96 -17.15 -18.92
CA LEU A 934 26.59 -16.66 -18.74
C LEU A 934 25.89 -16.43 -20.06
N LEU A 935 26.61 -15.95 -21.07
CA LEU A 935 26.01 -15.64 -22.36
C LEU A 935 25.35 -16.82 -23.10
N PRO A 936 25.88 -18.06 -23.10
CA PRO A 936 25.06 -19.15 -23.67
C PRO A 936 23.82 -19.46 -22.86
N PHE A 937 23.87 -19.22 -21.55
CA PHE A 937 22.70 -19.46 -20.72
C PHE A 937 21.60 -18.45 -21.01
N LEU A 938 21.98 -17.22 -21.34
CA LEU A 938 20.97 -16.20 -21.59
C LEU A 938 20.31 -16.41 -22.94
N LEU A 939 21.00 -17.10 -23.85
CA LEU A 939 20.47 -17.30 -25.18
C LEU A 939 19.33 -18.30 -25.19
N LYS A 940 19.46 -19.39 -24.43
CA LYS A 940 18.52 -20.50 -24.55
C LYS A 940 17.15 -20.17 -23.98
N GLN A 941 17.07 -19.13 -23.15
CA GLN A 941 15.79 -18.74 -22.59
C GLN A 941 14.86 -18.17 -23.66
N HIS A 942 15.40 -17.65 -24.74
CA HIS A 942 14.54 -17.21 -25.82
C HIS A 942 14.09 -18.41 -26.64
N LYS A 943 12.89 -18.29 -27.22
CA LYS A 943 12.26 -19.44 -27.87
C LYS A 943 12.94 -19.80 -29.17
N VAL A 944 13.61 -18.83 -29.80
CA VAL A 944 14.29 -19.10 -31.05
C VAL A 944 15.54 -19.94 -30.80
N TRP A 945 16.25 -19.64 -29.72
CA TRP A 945 17.42 -20.40 -29.35
C TRP A 945 17.11 -21.45 -28.29
N ARG A 946 15.88 -21.96 -28.28
CA ARG A 946 15.45 -22.87 -27.23
C ARG A 946 16.04 -24.27 -27.43
N LYS A 947 15.69 -24.92 -28.52
CA LYS A 947 16.02 -26.33 -28.74
C LYS A 947 17.40 -26.43 -29.36
N CYS A 948 18.43 -26.07 -28.59
CA CYS A 948 19.79 -26.15 -29.07
C CYS A 948 20.70 -26.61 -27.94
N SER A 949 21.79 -27.26 -28.34
CA SER A 949 22.68 -27.96 -27.41
C SER A 949 23.92 -27.11 -27.18
N ILE A 950 24.61 -27.38 -26.06
CA ILE A 950 25.71 -26.55 -25.61
C ILE A 950 26.95 -27.43 -25.47
N ARG A 951 27.96 -27.18 -26.29
CA ARG A 951 29.20 -27.92 -26.29
C ARG A 951 30.33 -27.00 -25.84
N ILE A 952 30.82 -27.20 -24.63
CA ILE A 952 31.86 -26.34 -24.08
C ILE A 952 33.20 -26.84 -24.59
N PHE A 953 33.77 -26.11 -25.52
CA PHE A 953 35.03 -26.49 -26.14
C PHE A 953 36.11 -25.56 -25.63
N THR A 954 36.77 -25.94 -24.55
CA THR A 954 37.73 -25.06 -23.91
C THR A 954 39.12 -25.25 -24.51
N VAL A 955 39.91 -24.19 -24.43
CA VAL A 955 41.29 -24.19 -24.90
C VAL A 955 42.21 -24.28 -23.69
N ALA A 956 42.98 -25.35 -23.60
CA ALA A 956 43.86 -25.57 -22.47
C ALA A 956 45.26 -25.09 -22.81
N GLN A 957 45.88 -24.40 -21.86
CA GLN A 957 47.27 -24.00 -21.99
C GLN A 957 48.16 -24.75 -21.01
N LEU A 958 47.60 -25.32 -19.95
CA LEU A 958 48.37 -26.05 -18.95
C LEU A 958 48.65 -27.46 -19.45
N GLU A 959 48.92 -28.36 -18.50
CA GLU A 959 49.20 -29.74 -18.89
C GLU A 959 47.99 -30.65 -18.67
N ASP A 960 47.58 -30.83 -17.42
CA ASP A 960 46.52 -31.79 -17.11
C ASP A 960 45.15 -31.16 -17.27
N ASN A 961 44.15 -31.99 -17.54
CA ASN A 961 42.80 -31.49 -17.76
C ASN A 961 41.82 -31.90 -16.67
N SER A 962 42.13 -32.95 -15.91
CA SER A 962 41.15 -33.55 -15.01
C SER A 962 40.79 -32.61 -13.87
N ILE A 963 41.78 -31.93 -13.33
CA ILE A 963 41.52 -30.89 -12.33
C ILE A 963 40.90 -29.68 -13.02
N GLN A 964 41.34 -29.40 -14.25
CA GLN A 964 40.78 -28.27 -14.99
C GLN A 964 39.33 -28.55 -15.39
N MET A 965 39.02 -29.81 -15.73
CA MET A 965 37.62 -30.14 -15.97
C MET A 965 36.83 -30.14 -14.67
N LYS A 966 37.48 -30.50 -13.56
CA LYS A 966 36.87 -30.36 -12.24
C LYS A 966 36.64 -28.89 -11.92
N LYS A 967 37.53 -28.01 -12.41
CA LYS A 967 37.34 -26.58 -12.19
C LYS A 967 36.12 -26.09 -12.96
N ASP A 968 35.86 -26.67 -14.13
CA ASP A 968 34.65 -26.33 -14.86
C ASP A 968 33.41 -26.90 -14.19
N LEU A 969 33.46 -28.17 -13.81
CA LEU A 969 32.27 -28.83 -13.28
C LEU A 969 31.91 -28.30 -11.90
N ALA A 970 32.90 -27.74 -11.19
CA ALA A 970 32.59 -26.98 -10.00
C ALA A 970 31.76 -25.75 -10.33
N THR A 971 32.07 -25.08 -11.44
CA THR A 971 31.32 -23.89 -11.80
C THR A 971 29.90 -24.23 -12.23
N PHE A 972 29.73 -25.36 -12.91
CA PHE A 972 28.37 -25.74 -13.33
C PHE A 972 27.52 -26.13 -12.14
N LEU A 973 28.13 -26.74 -11.12
CA LEU A 973 27.41 -26.94 -9.87
C LEU A 973 27.16 -25.61 -9.18
N TYR A 974 28.03 -24.63 -9.41
CA TYR A 974 27.82 -23.32 -8.83
C TYR A 974 26.80 -22.51 -9.62
N HIS A 975 26.90 -22.52 -10.95
CA HIS A 975 26.14 -21.58 -11.76
C HIS A 975 24.74 -22.08 -12.14
N LEU A 976 24.29 -23.22 -11.60
CA LEU A 976 22.98 -23.81 -11.82
C LEU A 976 22.67 -24.07 -13.29
N ARG A 977 23.70 -24.32 -14.10
CA ARG A 977 23.50 -24.48 -15.53
C ARG A 977 24.29 -25.68 -16.06
N ILE A 978 24.07 -26.84 -15.42
CA ILE A 978 24.84 -28.05 -15.69
C ILE A 978 24.41 -28.74 -16.98
N GLU A 979 23.48 -28.15 -17.75
CA GLU A 979 23.05 -28.72 -19.02
C GLU A 979 24.16 -28.74 -20.07
N ALA A 980 25.19 -27.94 -19.88
CA ALA A 980 26.27 -27.85 -20.85
C ALA A 980 27.13 -29.11 -20.81
N GLU A 981 27.85 -29.36 -21.91
CA GLU A 981 28.79 -30.47 -21.95
C GLU A 981 30.16 -29.98 -22.40
N VAL A 982 31.19 -30.45 -21.70
CA VAL A 982 32.53 -29.91 -21.83
C VAL A 982 33.35 -30.76 -22.77
N GLU A 983 34.41 -30.14 -23.32
CA GLU A 983 35.45 -30.84 -24.05
C GLU A 983 36.70 -29.97 -24.10
N VAL A 984 37.85 -30.58 -23.82
CA VAL A 984 39.13 -29.88 -23.74
C VAL A 984 39.91 -30.10 -25.03
N VAL A 985 40.61 -29.05 -25.48
CA VAL A 985 41.65 -29.17 -26.49
C VAL A 985 42.90 -28.47 -25.98
N GLU A 986 44.05 -28.94 -26.44
CA GLU A 986 45.34 -28.27 -26.27
C GLU A 986 46.30 -28.78 -27.33
N MET A 987 46.97 -27.87 -28.02
CA MET A 987 47.94 -28.30 -29.00
C MET A 987 49.35 -27.86 -28.65
N HIS A 988 49.56 -26.54 -28.59
CA HIS A 988 50.87 -25.93 -28.36
C HIS A 988 50.64 -24.54 -27.79
N ASP A 989 51.41 -24.18 -26.77
CA ASP A 989 51.24 -22.88 -26.14
C ASP A 989 51.92 -21.79 -26.97
N SER A 990 52.79 -22.19 -27.90
CA SER A 990 53.36 -21.23 -28.84
C SER A 990 52.37 -20.87 -29.93
N ASP A 991 51.38 -21.74 -30.16
CA ASP A 991 50.34 -21.44 -31.15
C ASP A 991 49.36 -20.42 -30.60
N ILE A 992 49.37 -20.21 -29.29
CA ILE A 992 48.57 -19.16 -28.68
C ILE A 992 49.47 -18.06 -28.10
N SER A 993 50.62 -17.82 -28.72
CA SER A 993 51.48 -16.71 -28.35
C SER A 993 50.86 -15.37 -28.72
N ALA A 994 49.86 -15.39 -29.62
CA ALA A 994 49.05 -14.20 -29.87
C ALA A 994 48.21 -13.85 -28.65
N TYR A 995 47.93 -14.83 -27.80
CA TYR A 995 47.04 -14.60 -26.66
C TYR A 995 47.82 -14.51 -25.36
N THR A 996 48.84 -15.35 -25.17
CA THR A 996 49.58 -15.29 -23.91
C THR A 996 50.47 -14.07 -23.82
N TYR A 997 50.73 -13.41 -24.95
CA TYR A 997 51.39 -12.11 -24.93
C TYR A 997 50.48 -11.09 -24.28
N GLU A 998 49.18 -11.20 -24.54
CA GLU A 998 48.20 -10.33 -23.89
C GLU A 998 47.95 -10.77 -22.46
N ARG A 999 48.05 -12.08 -22.21
CA ARG A 999 47.77 -12.60 -20.87
C ARG A 999 48.85 -12.21 -19.88
N THR A 1000 50.11 -12.16 -20.33
CA THR A 1000 51.16 -11.61 -19.49
C THR A 1000 50.96 -10.12 -19.27
N LEU A 1001 50.38 -9.44 -20.26
CA LEU A 1001 50.06 -8.03 -20.08
C LEU A 1001 48.83 -7.85 -19.20
N MET A 1002 47.99 -8.87 -19.06
CA MET A 1002 46.89 -8.82 -18.11
C MET A 1002 47.38 -8.85 -16.67
N GLN A 1087 56.81 -8.99 -37.52
CA GLN A 1087 57.45 -10.26 -37.19
C GLN A 1087 56.56 -11.08 -36.26
N SER A 1088 56.47 -10.64 -35.01
CA SER A 1088 55.59 -11.28 -34.04
C SER A 1088 54.14 -11.12 -34.47
N ASN A 1089 53.79 -9.96 -35.01
CA ASN A 1089 52.50 -9.75 -35.63
C ASN A 1089 52.29 -10.67 -36.83
N VAL A 1090 53.36 -10.93 -37.59
CA VAL A 1090 53.29 -11.96 -38.63
C VAL A 1090 53.25 -13.35 -38.00
N ARG A 1091 53.96 -13.52 -36.87
CA ARG A 1091 53.97 -14.80 -36.16
C ARG A 1091 52.60 -15.09 -35.55
N ARG A 1092 51.79 -14.06 -35.33
CA ARG A 1092 50.39 -14.27 -35.00
C ARG A 1092 49.62 -14.83 -36.18
N MET A 1093 49.93 -14.34 -37.38
CA MET A 1093 49.12 -14.64 -38.56
C MET A 1093 49.24 -16.06 -39.05
N HIS A 1094 50.33 -16.76 -38.72
CA HIS A 1094 50.42 -18.18 -39.01
C HIS A 1094 49.62 -18.98 -37.99
N THR A 1095 49.51 -18.44 -36.77
CA THR A 1095 48.79 -19.14 -35.72
C THR A 1095 47.29 -18.88 -35.79
N ALA A 1096 46.86 -17.93 -36.62
CA ALA A 1096 45.44 -17.76 -36.87
C ALA A 1096 44.88 -18.93 -37.67
N VAL A 1097 45.65 -19.40 -38.65
CA VAL A 1097 45.21 -20.49 -39.52
C VAL A 1097 45.16 -21.80 -38.74
N LYS A 1098 46.12 -21.99 -37.84
CA LYS A 1098 46.28 -23.28 -37.18
C LYS A 1098 45.21 -23.49 -36.12
N LEU A 1099 44.73 -22.42 -35.49
CA LEU A 1099 43.72 -22.55 -34.47
C LEU A 1099 42.33 -22.74 -35.07
N ASN A 1100 42.08 -22.13 -36.23
CA ASN A 1100 40.76 -22.22 -36.86
C ASN A 1100 40.51 -23.60 -37.43
N GLU A 1101 41.59 -24.33 -37.73
CA GLU A 1101 41.49 -25.73 -38.13
C GLU A 1101 40.89 -26.56 -37.01
N VAL A 1102 41.17 -26.20 -35.77
CA VAL A 1102 40.62 -26.91 -34.62
C VAL A 1102 39.14 -26.61 -34.48
N ILE A 1103 38.75 -25.38 -34.81
CA ILE A 1103 37.39 -24.91 -34.53
C ILE A 1103 36.39 -25.61 -35.45
N VAL A 1104 36.71 -25.65 -36.74
CA VAL A 1104 35.77 -26.18 -37.71
C VAL A 1104 35.69 -27.69 -37.64
N ASN A 1105 36.77 -28.34 -37.17
CA ASN A 1105 36.79 -29.79 -37.17
C ASN A 1105 35.96 -30.38 -36.05
N LYS A 1106 35.65 -29.61 -35.02
CA LYS A 1106 34.76 -30.07 -33.98
C LYS A 1106 33.46 -29.29 -33.92
N SER A 1107 33.37 -28.16 -34.61
CA SER A 1107 32.19 -27.32 -34.51
C SER A 1107 31.83 -26.69 -35.85
N HIS A 1108 31.82 -27.47 -36.94
CA HIS A 1108 31.49 -26.90 -38.24
C HIS A 1108 30.02 -26.49 -38.32
N GLU A 1109 29.12 -27.43 -38.02
CA GLU A 1109 27.69 -27.15 -38.11
C GLU A 1109 27.20 -26.61 -36.76
N ALA A 1110 27.71 -25.43 -36.43
CA ALA A 1110 27.31 -24.71 -35.24
C ALA A 1110 26.33 -23.63 -35.63
N LYS A 1111 25.22 -23.53 -34.91
CA LYS A 1111 24.28 -22.46 -35.20
C LYS A 1111 24.71 -21.15 -34.57
N LEU A 1112 25.64 -21.20 -33.62
CA LEU A 1112 26.32 -20.02 -33.12
C LEU A 1112 27.66 -20.43 -32.52
N VAL A 1113 28.65 -19.55 -32.68
CA VAL A 1113 29.99 -19.75 -32.15
C VAL A 1113 30.28 -18.61 -31.20
N LEU A 1114 30.90 -18.91 -30.07
CA LEU A 1114 31.41 -17.87 -29.18
C LEU A 1114 32.92 -17.90 -29.18
N LEU A 1115 33.52 -16.86 -29.73
CA LEU A 1115 34.97 -16.71 -29.75
C LEU A 1115 35.37 -15.49 -28.95
N ASN A 1116 36.56 -15.57 -28.37
CA ASN A 1116 37.10 -14.47 -27.62
C ASN A 1116 37.72 -13.45 -28.56
N MET A 1117 37.57 -12.18 -28.22
CA MET A 1117 38.22 -11.13 -28.98
C MET A 1117 39.48 -10.69 -28.25
N PRO A 1118 40.65 -10.76 -28.88
CA PRO A 1118 41.88 -10.47 -28.16
C PRO A 1118 42.10 -8.98 -27.95
N GLY A 1119 43.20 -8.64 -27.28
CA GLY A 1119 43.57 -7.28 -27.07
C GLY A 1119 44.15 -6.64 -28.31
N PRO A 1120 43.62 -5.48 -28.70
CA PRO A 1120 44.17 -4.75 -29.83
C PRO A 1120 45.53 -4.18 -29.49
N PRO A 1121 46.36 -3.89 -30.50
CA PRO A 1121 47.69 -3.33 -30.21
C PRO A 1121 47.61 -1.88 -29.80
N ARG A 1122 48.59 -1.44 -29.00
CA ARG A 1122 48.65 -0.04 -28.63
C ARG A 1122 49.22 0.80 -29.75
N ASN A 1123 49.89 0.17 -30.70
CA ASN A 1123 50.50 0.89 -31.81
C ASN A 1123 49.44 1.26 -32.84
N PRO A 1124 49.51 2.47 -33.42
CA PRO A 1124 48.55 2.84 -34.47
C PRO A 1124 48.70 2.02 -35.73
N GLU A 1125 49.91 1.58 -36.06
CA GLU A 1125 50.12 0.67 -37.19
C GLU A 1125 50.18 -0.78 -36.70
N GLY A 1126 49.16 -1.14 -35.94
CA GLY A 1126 48.86 -2.54 -35.67
C GLY A 1126 47.48 -2.81 -36.20
N ASP A 1127 47.09 -1.96 -37.16
CA ASP A 1127 45.75 -1.99 -37.72
C ASP A 1127 45.50 -3.26 -38.54
N GLU A 1128 46.39 -3.55 -39.48
CA GLU A 1128 46.29 -4.80 -40.22
C GLU A 1128 46.79 -5.97 -39.39
N ASN A 1129 47.68 -5.68 -38.43
CA ASN A 1129 48.31 -6.71 -37.62
C ASN A 1129 47.33 -7.34 -36.64
N TYR A 1130 46.17 -6.74 -36.46
CA TYR A 1130 45.12 -7.26 -35.64
C TYR A 1130 43.95 -7.82 -36.44
N MET A 1131 43.74 -7.40 -37.68
CA MET A 1131 42.45 -7.64 -38.33
C MET A 1131 42.48 -8.74 -39.37
N GLU A 1132 43.58 -8.86 -40.12
CA GLU A 1132 43.76 -10.05 -40.94
C GLU A 1132 43.93 -11.28 -40.07
N PHE A 1133 44.52 -11.10 -38.88
CA PHE A 1133 44.53 -12.14 -37.87
C PHE A 1133 43.12 -12.52 -37.44
N LEU A 1134 42.20 -11.56 -37.44
CA LEU A 1134 40.83 -11.90 -37.06
C LEU A 1134 39.99 -12.39 -38.23
N GLU A 1135 40.28 -11.91 -39.45
CA GLU A 1135 39.50 -12.39 -40.59
C GLU A 1135 39.83 -13.83 -40.92
N VAL A 1136 41.05 -14.26 -40.64
CA VAL A 1136 41.32 -15.69 -40.63
C VAL A 1136 40.60 -16.34 -39.47
N LEU A 1137 40.47 -15.63 -38.33
CA LEU A 1137 39.85 -16.23 -37.15
C LEU A 1137 38.36 -16.42 -37.37
N THR A 1138 37.75 -15.64 -38.26
CA THR A 1138 36.46 -16.02 -38.83
C THR A 1138 36.67 -16.69 -40.19
N GLU A 1139 37.10 -17.95 -40.12
CA GLU A 1139 37.31 -18.75 -41.32
C GLU A 1139 35.98 -19.28 -41.82
N GLY A 1140 35.19 -18.42 -42.45
CA GLY A 1140 33.96 -18.80 -43.10
C GLY A 1140 32.87 -19.35 -42.22
N LEU A 1141 32.90 -19.07 -40.91
CA LEU A 1141 31.91 -19.63 -40.00
C LEU A 1141 30.55 -18.97 -40.21
N GLU A 1142 29.50 -19.69 -39.83
CA GLU A 1142 28.14 -19.21 -40.08
C GLU A 1142 27.80 -18.05 -39.17
N ARG A 1143 27.75 -18.30 -37.86
CA ARG A 1143 27.29 -17.33 -36.88
C ARG A 1143 28.29 -17.35 -35.73
N VAL A 1144 28.88 -16.21 -35.42
CA VAL A 1144 29.93 -16.12 -34.41
C VAL A 1144 29.91 -14.75 -33.77
N LEU A 1145 30.01 -14.72 -32.43
CA LEU A 1145 30.22 -13.50 -31.68
C LEU A 1145 31.64 -13.46 -31.15
N LEU A 1146 32.33 -12.36 -31.42
CA LEU A 1146 33.62 -12.05 -30.84
C LEU A 1146 33.40 -11.21 -29.59
N VAL A 1147 33.69 -11.78 -28.44
CA VAL A 1147 33.36 -11.12 -27.18
C VAL A 1147 34.65 -10.85 -26.42
N ARG A 1148 34.59 -9.83 -25.56
CA ARG A 1148 35.62 -9.52 -24.57
C ARG A 1148 35.04 -8.51 -23.60
N GLY A 1149 35.52 -8.55 -22.36
CA GLY A 1149 35.05 -7.64 -21.33
C GLY A 1149 36.11 -7.46 -20.27
N GLY A 1150 35.89 -6.47 -19.39
CA GLY A 1150 36.93 -6.13 -18.43
C GLY A 1150 36.47 -5.74 -17.04
N GLY A 1151 37.03 -6.41 -16.03
CA GLY A 1151 36.75 -6.11 -14.64
C GLY A 1151 35.33 -6.41 -14.18
N SER A 1152 34.97 -7.69 -14.14
CA SER A 1152 33.61 -8.09 -13.81
C SER A 1152 33.62 -9.19 -12.74
N GLU A 1153 32.48 -9.35 -12.08
CA GLU A 1153 32.27 -10.42 -11.10
C GLU A 1153 30.92 -11.06 -11.37
N VAL A 1154 30.91 -12.39 -11.49
CA VAL A 1154 29.68 -13.15 -11.64
C VAL A 1154 29.59 -14.15 -10.51
N ILE A 1155 28.60 -13.98 -9.64
CA ILE A 1155 28.33 -14.93 -8.56
C ILE A 1155 26.90 -15.41 -8.65
N PRO B 192 -6.60 -31.43 -30.94
CA PRO B 192 -6.16 -30.10 -31.38
C PRO B 192 -7.35 -29.15 -31.57
N GLN B 193 -8.45 -29.69 -32.04
CA GLN B 193 -9.62 -28.90 -32.37
C GLN B 193 -10.78 -29.22 -31.43
N MET B 194 -11.12 -28.26 -30.58
CA MET B 194 -12.19 -28.42 -29.61
C MET B 194 -13.22 -27.33 -29.90
N GLY B 195 -14.29 -27.33 -29.11
CA GLY B 195 -15.34 -26.34 -29.28
C GLY B 195 -15.59 -25.66 -27.97
N THR B 196 -16.53 -24.72 -27.97
CA THR B 196 -16.86 -24.01 -26.75
C THR B 196 -17.62 -24.91 -25.78
N PHE B 197 -18.57 -25.68 -26.31
CA PHE B 197 -19.43 -26.55 -25.51
C PHE B 197 -18.65 -27.63 -24.79
N MET B 198 -18.06 -28.57 -25.52
CA MET B 198 -17.33 -29.65 -24.86
C MET B 198 -15.93 -29.24 -24.43
N GLY B 199 -15.52 -28.01 -24.69
CA GLY B 199 -14.17 -27.63 -24.32
C GLY B 199 -14.03 -26.89 -23.01
N VAL B 200 -14.80 -25.81 -22.84
CA VAL B 200 -14.62 -24.89 -21.73
C VAL B 200 -15.88 -24.77 -20.89
N TYR B 201 -16.98 -25.38 -21.36
CA TYR B 201 -18.23 -25.32 -20.62
C TYR B 201 -18.41 -26.54 -19.74
N LEU B 202 -18.35 -27.73 -20.35
CA LEU B 202 -18.50 -28.95 -19.58
C LEU B 202 -17.39 -29.20 -18.55
N PRO B 203 -16.10 -28.93 -18.79
CA PRO B 203 -15.16 -29.04 -17.66
C PRO B 203 -15.38 -27.98 -16.60
N CYS B 204 -15.96 -26.84 -16.98
CA CYS B 204 -16.33 -25.85 -15.98
C CYS B 204 -17.53 -26.32 -15.17
N LEU B 205 -18.54 -26.86 -15.84
CA LEU B 205 -19.77 -27.22 -15.17
C LEU B 205 -19.58 -28.49 -14.34
N GLN B 206 -18.59 -29.29 -14.70
CA GLN B 206 -18.15 -30.40 -13.87
C GLN B 206 -17.64 -29.91 -12.52
N ASN B 207 -16.89 -28.82 -12.49
CA ASN B 207 -16.21 -28.43 -11.28
C ASN B 207 -16.94 -27.35 -10.49
N ILE B 208 -18.25 -27.27 -10.61
CA ILE B 208 -19.01 -26.35 -9.76
C ILE B 208 -20.10 -27.08 -8.99
N PHE B 209 -20.90 -27.88 -9.69
CA PHE B 209 -21.83 -28.79 -9.03
C PHE B 209 -21.06 -29.87 -8.30
N GLY B 210 -21.37 -30.06 -7.03
CA GLY B 210 -20.65 -31.00 -6.19
C GLY B 210 -21.42 -31.36 -4.95
N VAL B 211 -20.72 -31.41 -3.82
CA VAL B 211 -21.29 -31.94 -2.59
C VAL B 211 -22.34 -31.01 -2.00
N ILE B 212 -22.14 -29.70 -2.11
CA ILE B 212 -22.87 -28.74 -1.29
C ILE B 212 -24.33 -28.65 -1.71
N LEU B 213 -24.61 -28.98 -2.96
CA LEU B 213 -26.00 -29.08 -3.41
C LEU B 213 -26.71 -30.26 -2.74
N PHE B 214 -25.96 -31.22 -2.22
CA PHE B 214 -26.58 -32.43 -1.67
C PHE B 214 -26.42 -32.53 -0.16
N LEU B 215 -25.38 -31.94 0.41
CA LEU B 215 -25.06 -32.23 1.80
C LEU B 215 -25.37 -31.10 2.76
N ARG B 216 -25.41 -29.86 2.30
CA ARG B 216 -25.72 -28.79 3.25
C ARG B 216 -26.74 -27.81 2.73
N LEU B 217 -27.24 -27.99 1.52
CA LEU B 217 -28.02 -26.93 0.88
C LEU B 217 -29.38 -26.76 1.55
N THR B 218 -30.07 -27.87 1.82
CA THR B 218 -31.37 -27.80 2.47
C THR B 218 -31.24 -27.29 3.90
N TRP B 219 -30.14 -27.61 4.56
CA TRP B 219 -29.90 -27.11 5.90
C TRP B 219 -29.68 -25.60 5.87
N VAL B 220 -29.12 -25.10 4.78
CA VAL B 220 -29.07 -23.66 4.58
C VAL B 220 -30.47 -23.12 4.31
N VAL B 221 -31.30 -23.92 3.63
CA VAL B 221 -32.66 -23.47 3.32
C VAL B 221 -33.51 -23.41 4.59
N GLY B 222 -33.41 -24.44 5.43
CA GLY B 222 -34.26 -24.49 6.61
C GLY B 222 -33.84 -23.51 7.68
N THR B 223 -32.53 -23.28 7.82
CA THR B 223 -32.06 -22.43 8.91
C THR B 223 -32.34 -20.96 8.65
N ALA B 224 -31.89 -20.46 7.49
CA ALA B 224 -31.99 -19.04 7.20
C ALA B 224 -33.36 -18.63 6.71
N GLY B 225 -34.30 -19.57 6.62
CA GLY B 225 -35.56 -19.27 5.99
C GLY B 225 -35.38 -19.24 4.48
N VAL B 226 -36.38 -18.73 3.79
CA VAL B 226 -36.26 -18.62 2.35
C VAL B 226 -35.50 -17.34 2.05
N LEU B 227 -35.87 -16.24 2.73
CA LEU B 227 -35.39 -14.91 2.33
C LEU B 227 -33.91 -14.73 2.58
N GLN B 228 -33.42 -15.13 3.75
CA GLN B 228 -32.01 -14.87 4.02
C GLN B 228 -31.12 -15.91 3.34
N ALA B 229 -31.65 -17.10 3.07
CA ALA B 229 -30.90 -18.04 2.25
C ALA B 229 -30.91 -17.62 0.79
N PHE B 230 -31.95 -16.87 0.40
CA PHE B 230 -31.97 -16.25 -0.92
C PHE B 230 -30.94 -15.14 -1.01
N ALA B 231 -30.56 -14.57 0.14
CA ALA B 231 -29.62 -13.46 0.15
C ALA B 231 -28.18 -13.94 0.11
N ILE B 232 -27.93 -15.18 0.55
CA ILE B 232 -26.57 -15.72 0.52
C ILE B 232 -26.15 -16.00 -0.92
N VAL B 233 -27.05 -16.58 -1.69
CA VAL B 233 -26.68 -17.10 -3.00
C VAL B 233 -26.42 -15.96 -3.97
N LEU B 234 -27.16 -14.86 -3.81
CA LEU B 234 -26.97 -13.73 -4.70
C LEU B 234 -25.72 -12.93 -4.33
N ILE B 235 -25.26 -13.03 -3.08
CA ILE B 235 -24.00 -12.38 -2.75
C ILE B 235 -22.84 -13.34 -3.01
N CYS B 236 -23.13 -14.59 -3.33
CA CYS B 236 -22.08 -15.53 -3.70
C CYS B 236 -21.99 -15.71 -5.20
N CYS B 237 -23.12 -15.68 -5.90
CA CYS B 237 -23.08 -15.81 -7.35
C CYS B 237 -22.53 -14.55 -8.00
N CYS B 238 -22.85 -13.39 -7.45
CA CYS B 238 -22.35 -12.16 -8.05
C CYS B 238 -20.94 -11.85 -7.55
N CYS B 239 -20.48 -12.59 -6.54
CA CYS B 239 -19.07 -12.53 -6.21
C CYS B 239 -18.23 -13.21 -7.28
N THR B 240 -18.77 -14.26 -7.91
CA THR B 240 -17.97 -15.03 -8.84
C THR B 240 -18.36 -14.77 -10.28
N MET B 241 -19.45 -14.03 -10.52
CA MET B 241 -19.70 -13.50 -11.85
C MET B 241 -18.66 -12.47 -12.22
N LEU B 242 -18.39 -11.53 -11.31
CA LEU B 242 -17.53 -10.39 -11.61
C LEU B 242 -16.10 -10.81 -11.82
N THR B 243 -15.68 -11.89 -11.16
CA THR B 243 -14.37 -12.45 -11.44
C THR B 243 -14.32 -13.10 -12.82
N ALA B 244 -15.43 -13.64 -13.31
CA ALA B 244 -15.41 -14.21 -14.66
C ALA B 244 -15.32 -13.11 -15.71
N ILE B 245 -15.83 -11.92 -15.40
CA ILE B 245 -15.64 -10.78 -16.27
C ILE B 245 -14.17 -10.33 -16.26
N SER B 246 -13.58 -10.23 -15.07
CA SER B 246 -12.19 -9.80 -14.98
C SER B 246 -11.24 -10.85 -15.55
N MET B 247 -11.61 -12.12 -15.46
CA MET B 247 -10.82 -13.13 -16.16
C MET B 247 -11.04 -13.07 -17.66
N SER B 248 -12.21 -12.60 -18.10
CA SER B 248 -12.45 -12.48 -19.53
C SER B 248 -11.63 -11.37 -20.13
N ALA B 249 -11.34 -10.32 -19.36
CA ALA B 249 -10.44 -9.29 -19.84
C ALA B 249 -9.01 -9.80 -19.92
N ILE B 250 -8.64 -10.74 -19.06
CA ILE B 250 -7.37 -11.43 -19.23
C ILE B 250 -7.45 -12.40 -20.41
N ALA B 251 -8.65 -12.89 -20.70
CA ALA B 251 -8.81 -13.82 -21.82
C ALA B 251 -8.68 -13.11 -23.16
N THR B 252 -9.33 -11.96 -23.31
CA THR B 252 -9.32 -11.27 -24.59
C THR B 252 -7.97 -10.62 -24.86
N ASN B 253 -7.48 -9.84 -23.90
CA ASN B 253 -6.16 -9.23 -24.02
C ASN B 253 -5.07 -10.30 -23.97
N GLY B 254 -4.12 -10.20 -24.88
CA GLY B 254 -2.98 -11.07 -24.83
C GLY B 254 -2.99 -12.17 -25.87
N VAL B 255 -2.12 -13.14 -25.65
CA VAL B 255 -1.74 -14.09 -26.68
C VAL B 255 -2.46 -15.41 -26.40
N VAL B 256 -2.94 -15.56 -25.17
CA VAL B 256 -3.55 -16.77 -24.62
C VAL B 256 -2.63 -17.96 -24.80
N PRO B 257 -1.62 -18.10 -23.94
CA PRO B 257 -0.68 -19.23 -24.06
C PRO B 257 -1.36 -20.57 -23.85
N ALA B 258 -0.80 -21.58 -24.52
CA ALA B 258 -1.40 -22.90 -24.52
C ALA B 258 -1.02 -23.68 -23.27
N GLY B 259 -2.04 -24.09 -22.50
CA GLY B 259 -1.80 -24.96 -21.36
C GLY B 259 -2.11 -24.33 -20.01
N GLY B 260 -3.25 -24.69 -19.43
CA GLY B 260 -3.62 -24.22 -18.11
C GLY B 260 -4.09 -22.78 -18.05
N SER B 261 -4.84 -22.44 -17.01
CA SER B 261 -5.29 -21.06 -16.82
C SER B 261 -4.21 -20.18 -16.24
N TYR B 262 -3.28 -20.77 -15.48
CA TYR B 262 -2.28 -20.02 -14.75
C TYR B 262 -1.37 -19.21 -15.67
N PHE B 263 -1.01 -19.77 -16.81
CA PHE B 263 -0.16 -19.04 -17.73
C PHE B 263 -0.89 -17.88 -18.37
N MET B 264 -2.22 -17.98 -18.47
CA MET B 264 -2.98 -16.82 -18.89
C MET B 264 -2.97 -15.76 -17.80
N ILE B 265 -3.00 -16.20 -16.54
CA ILE B 265 -2.98 -15.25 -15.44
C ILE B 265 -1.59 -14.66 -15.26
N SER B 266 -0.56 -15.45 -15.53
CA SER B 266 0.79 -15.00 -15.24
C SER B 266 1.30 -14.04 -16.30
N ARG B 267 1.11 -14.37 -17.57
CA ARG B 267 1.74 -13.59 -18.64
C ARG B 267 1.05 -12.25 -18.83
N ALA B 268 -0.22 -12.18 -18.48
CA ALA B 268 -1.01 -10.98 -18.77
C ALA B 268 -1.11 -10.03 -17.58
N LEU B 269 -0.40 -10.31 -16.50
CA LEU B 269 -0.41 -9.45 -15.33
C LEU B 269 0.97 -9.27 -14.73
N GLY B 270 2.01 -9.75 -15.39
CA GLY B 270 3.32 -9.82 -14.79
C GLY B 270 3.43 -11.01 -13.85
N PRO B 271 4.63 -11.55 -13.68
CA PRO B 271 4.78 -12.74 -12.85
C PRO B 271 4.66 -12.47 -11.37
N GLU B 272 4.54 -11.20 -10.98
CA GLU B 272 4.43 -10.82 -9.58
C GLU B 272 3.08 -11.21 -8.99
N PHE B 273 2.01 -11.10 -9.77
CA PHE B 273 0.70 -11.52 -9.28
C PHE B 273 0.50 -13.01 -9.48
N GLY B 274 1.21 -13.59 -10.44
CA GLY B 274 1.13 -15.02 -10.64
C GLY B 274 1.70 -15.82 -9.49
N GLY B 275 2.60 -15.20 -8.72
CA GLY B 275 3.01 -15.81 -7.48
C GLY B 275 1.89 -15.80 -6.46
N ALA B 276 1.08 -14.74 -6.45
CA ALA B 276 0.05 -14.63 -5.44
C ALA B 276 -1.20 -15.40 -5.83
N VAL B 277 -1.69 -15.18 -7.05
CA VAL B 277 -2.93 -15.81 -7.48
C VAL B 277 -2.69 -17.28 -7.79
N GLY B 278 -1.49 -17.61 -8.25
CA GLY B 278 -1.18 -19.01 -8.51
C GLY B 278 -1.01 -19.83 -7.25
N LEU B 279 -0.65 -19.19 -6.14
CA LEU B 279 -0.39 -19.96 -4.93
C LEU B 279 -1.64 -20.14 -4.09
N CYS B 280 -2.48 -19.10 -4.01
CA CYS B 280 -3.71 -19.22 -3.22
C CYS B 280 -4.66 -20.22 -3.86
N PHE B 281 -4.68 -20.27 -5.19
CA PHE B 281 -5.52 -21.24 -5.89
C PHE B 281 -4.95 -22.65 -5.74
N TYR B 282 -3.66 -22.78 -5.46
CA TYR B 282 -3.14 -24.08 -5.09
C TYR B 282 -3.70 -24.53 -3.76
N LEU B 283 -3.53 -23.70 -2.72
CA LEU B 283 -3.92 -24.07 -1.36
C LEU B 283 -5.42 -24.27 -1.23
N GLY B 284 -6.19 -23.51 -1.99
CA GLY B 284 -7.63 -23.73 -1.99
C GLY B 284 -8.01 -25.02 -2.67
N THR B 285 -7.23 -25.45 -3.65
CA THR B 285 -7.56 -26.68 -4.35
C THR B 285 -7.22 -27.90 -3.50
N THR B 286 -6.15 -27.81 -2.70
CA THR B 286 -5.77 -28.92 -1.84
C THR B 286 -6.81 -29.21 -0.79
N PHE B 287 -7.41 -28.15 -0.23
CA PHE B 287 -8.50 -28.35 0.70
C PHE B 287 -9.76 -28.84 -0.02
N ALA B 288 -9.92 -28.48 -1.30
CA ALA B 288 -11.10 -28.91 -2.04
C ALA B 288 -11.09 -30.40 -2.26
N ALA B 289 -9.90 -30.99 -2.44
CA ALA B 289 -9.79 -32.43 -2.50
C ALA B 289 -10.06 -33.04 -1.13
N ALA B 290 -9.70 -32.32 -0.07
CA ALA B 290 -9.95 -32.82 1.28
C ALA B 290 -11.41 -32.66 1.66
N MET B 291 -12.05 -31.57 1.20
CA MET B 291 -13.43 -31.36 1.58
C MET B 291 -14.36 -32.29 0.82
N TYR B 292 -14.03 -32.54 -0.44
CA TYR B 292 -14.83 -33.47 -1.23
C TYR B 292 -14.71 -34.89 -0.72
N ILE B 293 -13.52 -35.28 -0.27
CA ILE B 293 -13.37 -36.64 0.22
C ILE B 293 -13.98 -36.77 1.60
N LEU B 294 -14.08 -35.66 2.34
CA LEU B 294 -14.70 -35.73 3.65
C LEU B 294 -16.20 -35.85 3.52
N GLY B 295 -16.77 -35.26 2.48
CA GLY B 295 -18.20 -35.43 2.24
C GLY B 295 -18.54 -36.83 1.80
N ALA B 296 -17.61 -37.49 1.11
CA ALA B 296 -17.87 -38.84 0.62
C ALA B 296 -17.91 -39.83 1.77
N ILE B 297 -17.06 -39.64 2.76
CA ILE B 297 -17.09 -40.49 3.95
C ILE B 297 -18.35 -40.20 4.74
N GLU B 298 -18.83 -38.95 4.70
CA GLU B 298 -19.97 -38.57 5.52
C GLU B 298 -21.24 -39.24 5.02
N ILE B 299 -21.41 -39.31 3.71
CA ILE B 299 -22.61 -39.93 3.18
C ILE B 299 -22.52 -41.46 3.25
N PHE B 300 -21.30 -41.99 3.18
CA PHE B 300 -21.13 -43.43 3.23
C PHE B 300 -21.33 -43.95 4.64
N LEU B 301 -20.88 -43.20 5.63
CA LEU B 301 -21.00 -43.61 7.02
C LEU B 301 -22.37 -43.31 7.61
N VAL B 302 -23.14 -42.44 6.98
CA VAL B 302 -24.50 -42.21 7.46
C VAL B 302 -25.52 -42.97 6.62
N TYR B 303 -25.50 -42.79 5.31
CA TYR B 303 -26.61 -43.21 4.48
C TYR B 303 -26.42 -44.59 3.88
N ILE B 304 -25.23 -44.88 3.35
CA ILE B 304 -25.01 -46.19 2.74
C ILE B 304 -24.79 -47.25 3.80
N VAL B 305 -23.77 -47.08 4.63
CA VAL B 305 -23.49 -48.04 5.70
C VAL B 305 -23.60 -47.29 7.02
N PRO B 306 -24.74 -47.31 7.67
CA PRO B 306 -24.82 -46.73 9.01
C PRO B 306 -24.39 -47.72 10.07
N ARG B 307 -24.31 -49.00 9.69
CA ARG B 307 -24.17 -50.09 10.64
C ARG B 307 -22.72 -50.24 11.11
N ALA B 308 -21.76 -50.14 10.19
CA ALA B 308 -20.37 -50.29 10.56
C ALA B 308 -19.79 -48.95 10.99
N ALA B 309 -19.28 -48.90 12.22
CA ALA B 309 -18.61 -47.72 12.74
C ALA B 309 -17.60 -48.18 13.77
N ILE B 310 -16.33 -47.86 13.56
CA ILE B 310 -15.26 -48.45 14.36
C ILE B 310 -15.22 -47.80 15.74
N PHE B 311 -15.73 -46.57 15.85
CA PHE B 311 -15.70 -45.83 17.10
C PHE B 311 -17.14 -45.59 17.53
N HIS B 312 -17.70 -46.56 18.24
CA HIS B 312 -19.07 -46.51 18.71
C HIS B 312 -19.21 -45.46 19.80
N SER B 313 -20.40 -44.87 19.88
CA SER B 313 -20.68 -43.90 20.93
C SER B 313 -20.78 -44.61 22.27
N ASP B 314 -19.97 -44.17 23.23
CA ASP B 314 -19.98 -44.83 24.53
C ASP B 314 -21.02 -44.24 25.46
N ASP B 315 -21.58 -43.08 25.11
CA ASP B 315 -22.68 -42.50 25.88
C ASP B 315 -23.49 -41.58 24.96
N ALA B 316 -24.48 -40.89 25.54
CA ALA B 316 -25.43 -40.10 24.77
C ALA B 316 -24.82 -38.79 24.27
N LEU B 317 -23.73 -38.34 24.89
CA LEU B 317 -23.08 -37.10 24.47
C LEU B 317 -21.70 -37.34 23.87
N LYS B 318 -21.34 -38.59 23.60
CA LYS B 318 -20.13 -38.89 22.85
C LYS B 318 -20.31 -38.69 21.36
N GLU B 319 -21.54 -38.40 20.91
CA GLU B 319 -21.88 -38.31 19.50
C GLU B 319 -21.09 -37.24 18.75
N SER B 320 -20.69 -36.18 19.43
CA SER B 320 -19.78 -35.24 18.81
C SER B 320 -18.42 -35.88 18.59
N ALA B 321 -17.85 -36.46 19.63
CA ALA B 321 -16.50 -37.01 19.53
C ALA B 321 -16.48 -38.28 18.71
N ALA B 322 -17.53 -39.12 18.81
CA ALA B 322 -17.56 -40.38 18.07
C ALA B 322 -17.64 -40.12 16.58
N MET B 323 -18.43 -39.14 16.16
CA MET B 323 -18.57 -38.81 14.75
C MET B 323 -17.30 -38.15 14.22
N LEU B 324 -16.69 -37.27 15.02
CA LEU B 324 -15.43 -36.67 14.63
C LEU B 324 -14.32 -37.70 14.54
N ASN B 325 -14.25 -38.62 15.50
CA ASN B 325 -13.19 -39.62 15.47
C ASN B 325 -13.45 -40.68 14.42
N ASN B 326 -14.68 -40.75 13.91
CA ASN B 326 -14.89 -41.53 12.68
C ASN B 326 -14.15 -40.89 11.53
N MET B 327 -14.34 -39.58 11.34
CA MET B 327 -13.93 -38.95 10.09
C MET B 327 -12.43 -38.81 10.00
N ARG B 328 -11.73 -38.83 11.14
CA ARG B 328 -10.28 -38.79 11.12
C ARG B 328 -9.72 -40.14 10.69
N VAL B 329 -10.29 -41.24 11.20
CA VAL B 329 -9.68 -42.55 11.00
C VAL B 329 -10.19 -43.19 9.71
N TYR B 330 -11.19 -42.57 9.07
CA TYR B 330 -11.74 -43.19 7.88
C TYR B 330 -11.20 -42.55 6.61
N GLY B 331 -11.17 -41.22 6.55
CA GLY B 331 -10.84 -40.55 5.31
C GLY B 331 -9.38 -40.70 4.93
N THR B 332 -8.51 -40.79 5.94
CA THR B 332 -7.10 -41.09 5.69
C THR B 332 -6.92 -42.46 5.09
N ALA B 333 -7.78 -43.41 5.49
CA ALA B 333 -7.78 -44.72 4.85
C ALA B 333 -8.22 -44.62 3.40
N PHE B 334 -9.02 -43.62 3.07
CA PHE B 334 -9.40 -43.39 1.69
C PHE B 334 -8.63 -42.27 1.04
N LEU B 335 -7.78 -41.57 1.79
CA LEU B 335 -6.91 -40.57 1.17
C LEU B 335 -5.78 -41.23 0.40
N VAL B 336 -5.20 -42.28 0.97
CA VAL B 336 -4.05 -42.94 0.36
C VAL B 336 -4.47 -43.67 -0.91
N LEU B 337 -5.70 -44.17 -0.94
CA LEU B 337 -6.26 -44.79 -2.14
C LEU B 337 -6.37 -43.78 -3.27
N MET B 338 -6.75 -42.55 -2.95
CA MET B 338 -6.90 -41.51 -3.96
C MET B 338 -5.56 -41.11 -4.54
N VAL B 339 -4.53 -41.06 -3.70
CA VAL B 339 -3.22 -40.57 -4.13
C VAL B 339 -2.53 -41.62 -5.00
N LEU B 340 -2.70 -42.90 -4.66
CA LEU B 340 -2.02 -43.95 -5.42
C LEU B 340 -2.62 -44.11 -6.81
N VAL B 341 -3.89 -43.75 -6.98
CA VAL B 341 -4.51 -43.95 -8.29
C VAL B 341 -4.34 -42.69 -9.16
N VAL B 342 -4.05 -41.55 -8.53
CA VAL B 342 -3.67 -40.40 -9.36
C VAL B 342 -2.19 -40.49 -9.66
N PHE B 343 -1.45 -41.32 -8.92
CA PHE B 343 -0.05 -41.56 -9.20
C PHE B 343 0.12 -42.65 -10.26
N ILE B 344 -0.78 -43.62 -10.29
CA ILE B 344 -0.63 -44.77 -11.16
C ILE B 344 -1.71 -44.82 -12.24
N GLY B 345 -2.98 -44.91 -11.84
CA GLY B 345 -4.06 -45.03 -12.80
C GLY B 345 -4.55 -43.69 -13.33
N VAL B 346 -3.62 -42.86 -13.79
CA VAL B 346 -3.99 -41.52 -14.26
C VAL B 346 -4.60 -41.61 -15.65
N ARG B 347 -4.40 -42.73 -16.33
CA ARG B 347 -4.96 -42.91 -17.66
C ARG B 347 -6.46 -43.17 -17.60
N TYR B 348 -6.90 -43.92 -16.58
CA TYR B 348 -8.31 -44.25 -16.45
C TYR B 348 -9.12 -43.02 -16.08
N VAL B 349 -8.59 -42.18 -15.19
CA VAL B 349 -9.35 -41.06 -14.65
C VAL B 349 -9.50 -39.96 -15.69
N ASN B 350 -8.61 -39.94 -16.70
CA ASN B 350 -8.85 -39.08 -17.85
C ASN B 350 -10.00 -39.60 -18.68
N LYS B 351 -10.21 -40.91 -18.67
CA LYS B 351 -11.28 -41.50 -19.48
C LYS B 351 -12.63 -41.42 -18.77
N PHE B 352 -12.67 -41.66 -17.46
CA PHE B 352 -13.94 -41.77 -16.74
C PHE B 352 -14.43 -40.42 -16.24
N ALA B 353 -13.97 -39.33 -16.84
CA ALA B 353 -14.44 -38.01 -16.43
C ALA B 353 -15.83 -37.72 -16.98
N SER B 354 -16.21 -38.40 -18.05
CA SER B 354 -17.55 -38.20 -18.59
C SER B 354 -18.61 -38.84 -17.71
N LEU B 355 -18.27 -39.94 -17.03
CA LEU B 355 -19.24 -40.60 -16.16
C LEU B 355 -19.49 -39.77 -14.91
N PHE B 356 -18.46 -39.06 -14.45
CA PHE B 356 -18.60 -38.25 -13.25
C PHE B 356 -19.50 -37.06 -13.49
N LEU B 357 -19.40 -36.46 -14.67
CA LEU B 357 -20.38 -35.45 -15.04
C LEU B 357 -21.72 -36.10 -15.34
N ALA B 358 -21.71 -37.36 -15.80
CA ALA B 358 -22.95 -38.07 -16.00
C ALA B 358 -23.60 -38.42 -14.67
N CYS B 359 -22.79 -38.66 -13.64
CA CYS B 359 -23.33 -38.86 -12.30
C CYS B 359 -23.99 -37.59 -11.78
N VAL B 360 -23.50 -36.42 -12.22
CA VAL B 360 -24.09 -35.16 -11.79
C VAL B 360 -25.39 -34.90 -12.52
N ILE B 361 -25.40 -35.09 -13.84
CA ILE B 361 -26.50 -34.58 -14.66
C ILE B 361 -27.76 -35.39 -14.43
N VAL B 362 -27.62 -36.68 -14.11
CA VAL B 362 -28.80 -37.47 -13.81
C VAL B 362 -29.27 -37.18 -12.38
N SER B 363 -28.37 -36.63 -11.56
CA SER B 363 -28.71 -36.39 -10.17
C SER B 363 -29.32 -35.02 -9.98
N ILE B 364 -29.06 -34.10 -10.91
CA ILE B 364 -29.66 -32.78 -10.77
C ILE B 364 -31.05 -32.76 -11.38
N LEU B 365 -31.29 -33.57 -12.42
CA LEU B 365 -32.62 -33.62 -13.01
C LEU B 365 -33.61 -34.28 -12.08
N ALA B 366 -33.12 -35.26 -11.30
CA ALA B 366 -34.01 -36.09 -10.48
C ALA B 366 -34.60 -35.29 -9.33
N ILE B 367 -33.92 -34.22 -8.93
CA ILE B 367 -34.54 -33.25 -8.04
C ILE B 367 -35.70 -32.56 -8.75
N TYR B 368 -35.41 -31.96 -9.90
CA TYR B 368 -36.42 -31.23 -10.66
C TYR B 368 -37.47 -32.14 -11.28
N ALA B 369 -37.15 -33.42 -11.51
CA ALA B 369 -38.18 -34.34 -11.97
C ALA B 369 -39.13 -34.71 -10.84
N GLY B 370 -38.57 -35.05 -9.68
CA GLY B 370 -39.42 -35.39 -8.54
C GLY B 370 -40.07 -34.19 -7.90
N ALA B 371 -39.62 -32.99 -8.26
CA ALA B 371 -40.26 -31.78 -7.75
C ALA B 371 -41.63 -31.57 -8.39
N ILE B 372 -41.73 -31.77 -9.71
CA ILE B 372 -43.00 -31.59 -10.39
C ILE B 372 -43.92 -32.77 -10.09
N LYS B 373 -43.36 -33.88 -9.61
CA LYS B 373 -44.19 -35.01 -9.21
C LYS B 373 -44.96 -34.70 -7.95
N SER B 374 -44.32 -34.06 -6.96
CA SER B 374 -45.00 -33.74 -5.71
C SER B 374 -46.10 -32.69 -5.89
N SER B 375 -45.98 -31.87 -6.92
CA SER B 375 -47.14 -31.13 -7.40
C SER B 375 -48.14 -32.11 -7.99
N PHE B 376 -49.35 -32.11 -7.42
CA PHE B 376 -50.51 -32.94 -7.80
C PHE B 376 -50.33 -34.43 -7.49
N ALA B 377 -49.17 -34.88 -7.01
CA ALA B 377 -48.96 -36.29 -6.66
C ALA B 377 -47.81 -36.48 -5.67
N PRO B 378 -47.96 -36.07 -4.42
CA PRO B 378 -46.85 -36.20 -3.48
C PRO B 378 -46.67 -37.64 -3.01
N PRO B 379 -45.44 -38.09 -2.83
CA PRO B 379 -45.21 -39.43 -2.29
C PRO B 379 -45.32 -39.45 -0.77
N HIS B 380 -45.14 -40.64 -0.20
CA HIS B 380 -45.44 -40.90 1.20
C HIS B 380 -44.16 -40.91 2.02
N PHE B 381 -43.98 -39.89 2.84
CA PHE B 381 -42.86 -39.82 3.78
C PHE B 381 -43.34 -39.21 5.08
N PRO B 382 -43.93 -40.02 5.96
CA PRO B 382 -44.53 -39.48 7.18
C PRO B 382 -43.49 -39.11 8.24
N VAL B 383 -43.83 -38.08 9.00
CA VAL B 383 -43.02 -37.58 10.09
C VAL B 383 -43.91 -37.56 11.34
N CYS B 384 -43.29 -37.64 12.51
CA CYS B 384 -44.01 -37.74 13.76
C CYS B 384 -43.62 -36.59 14.68
N MET B 385 -44.61 -35.98 15.33
CA MET B 385 -44.45 -34.76 16.09
C MET B 385 -45.00 -34.94 17.50
N LEU B 386 -44.52 -34.11 18.43
CA LEU B 386 -45.08 -34.11 19.78
C LEU B 386 -44.83 -32.72 20.37
N GLY B 387 -45.86 -31.88 20.33
CA GLY B 387 -45.70 -30.52 20.82
C GLY B 387 -45.13 -29.65 19.73
N ASN B 388 -44.64 -28.47 20.09
CA ASN B 388 -43.88 -27.68 19.13
C ASN B 388 -42.56 -28.35 18.76
N ARG B 389 -41.92 -29.03 19.71
CA ARG B 389 -40.74 -29.83 19.44
C ARG B 389 -41.12 -31.15 18.79
N THR B 390 -40.11 -31.94 18.44
CA THR B 390 -40.34 -33.29 17.94
C THR B 390 -39.22 -34.24 18.37
N LEU B 391 -39.16 -35.38 17.71
CA LEU B 391 -38.40 -36.52 18.19
C LEU B 391 -37.69 -37.20 17.03
N SER B 392 -36.61 -37.91 17.35
CA SER B 392 -35.91 -38.69 16.33
C SER B 392 -36.66 -39.98 16.03
N SER B 393 -36.94 -40.22 14.75
CA SER B 393 -37.76 -41.35 14.36
C SER B 393 -36.93 -42.56 13.90
N ARG B 394 -35.71 -42.71 14.41
CA ARG B 394 -34.80 -43.75 13.91
C ARG B 394 -35.30 -45.14 14.27
N HIS B 395 -35.44 -45.42 15.56
CA HIS B 395 -35.67 -46.78 16.01
C HIS B 395 -37.16 -47.11 16.02
N ILE B 396 -37.96 -46.17 16.44
CA ILE B 396 -39.40 -46.35 16.56
C ILE B 396 -40.02 -46.36 15.16
N ASP B 397 -40.88 -47.35 14.91
CA ASP B 397 -41.57 -47.41 13.63
C ASP B 397 -42.89 -46.64 13.67
N VAL B 398 -43.82 -47.09 14.51
CA VAL B 398 -45.13 -46.48 14.62
C VAL B 398 -45.17 -45.66 15.89
N CYS B 399 -45.70 -44.45 15.80
CA CYS B 399 -45.70 -43.53 16.92
C CYS B 399 -47.12 -43.32 17.41
N SER B 400 -47.37 -43.69 18.66
CA SER B 400 -48.55 -43.39 19.44
C SER B 400 -48.18 -43.63 20.89
N LYS B 401 -48.95 -43.04 21.80
CA LYS B 401 -48.63 -43.15 23.22
C LYS B 401 -48.79 -44.58 23.70
N THR B 402 -49.66 -45.35 23.05
CA THR B 402 -49.78 -46.78 23.29
C THR B 402 -49.43 -47.56 22.04
N LYS B 403 -49.63 -48.88 22.08
CA LYS B 403 -49.32 -49.75 20.96
C LYS B 403 -50.36 -50.85 20.94
N GLU B 404 -51.24 -50.82 19.93
CA GLU B 404 -52.31 -51.81 19.83
C GLU B 404 -51.71 -53.15 19.44
N ILE B 405 -51.41 -53.96 20.43
CA ILE B 405 -51.13 -55.37 20.23
C ILE B 405 -52.50 -56.03 20.28
N ASN B 406 -52.67 -57.05 19.44
CA ASN B 406 -53.92 -57.67 18.93
C ASN B 406 -54.99 -57.81 20.02
N ASN B 407 -54.61 -58.20 21.24
CA ASN B 407 -55.56 -58.38 22.33
C ASN B 407 -55.14 -57.65 23.60
N MET B 408 -54.04 -56.91 23.58
CA MET B 408 -53.53 -56.24 24.77
C MET B 408 -52.75 -55.00 24.36
N THR B 409 -53.42 -53.84 24.40
CA THR B 409 -52.80 -52.61 23.95
C THR B 409 -51.76 -52.14 24.96
N VAL B 410 -50.50 -52.30 24.60
CA VAL B 410 -49.41 -51.97 25.52
C VAL B 410 -49.05 -50.50 25.29
N PRO B 411 -48.45 -49.82 26.26
CA PRO B 411 -47.80 -48.56 25.95
C PRO B 411 -46.60 -48.81 25.06
N SER B 412 -46.38 -47.92 24.11
CA SER B 412 -45.50 -48.22 22.98
C SER B 412 -44.04 -48.10 23.38
N LYS B 413 -43.16 -48.14 22.37
CA LYS B 413 -41.74 -47.96 22.61
C LYS B 413 -41.43 -46.55 23.09
N LEU B 414 -42.27 -45.57 22.74
CA LEU B 414 -42.09 -44.20 23.19
C LEU B 414 -42.21 -44.12 24.71
N TRP B 415 -43.10 -44.91 25.28
CA TRP B 415 -43.18 -45.10 26.72
C TRP B 415 -41.86 -45.61 27.28
N GLY B 416 -41.19 -46.50 26.55
CA GLY B 416 -39.87 -46.92 26.97
C GLY B 416 -38.84 -45.83 26.80
N PHE B 417 -39.01 -44.96 25.79
CA PHE B 417 -38.05 -43.89 25.56
C PHE B 417 -38.41 -42.61 26.28
N PHE B 418 -39.54 -42.54 26.98
CA PHE B 418 -39.88 -41.37 27.76
C PHE B 418 -40.08 -41.65 29.24
N CYS B 419 -40.79 -42.72 29.61
CA CYS B 419 -40.98 -43.03 31.02
C CYS B 419 -39.75 -43.74 31.58
N ASN B 420 -39.92 -44.40 32.72
CA ASN B 420 -38.81 -45.07 33.37
C ASN B 420 -38.37 -46.30 32.57
N SER B 421 -39.31 -47.13 32.14
CA SER B 421 -38.98 -48.41 31.52
C SER B 421 -40.06 -48.83 30.53
N SER B 422 -40.07 -50.11 30.17
CA SER B 422 -41.13 -50.72 29.38
C SER B 422 -41.98 -51.54 30.34
N GLN B 423 -43.08 -50.96 30.79
CA GLN B 423 -43.83 -51.54 31.91
C GLN B 423 -45.31 -51.22 31.76
N PHE B 424 -46.03 -51.31 32.87
CA PHE B 424 -47.46 -50.97 32.91
C PHE B 424 -47.69 -49.49 32.60
N PHE B 425 -48.94 -49.15 32.31
CA PHE B 425 -49.32 -47.78 32.01
C PHE B 425 -49.52 -47.06 33.34
N ASN B 426 -48.44 -46.47 33.85
CA ASN B 426 -48.46 -45.94 35.20
C ASN B 426 -47.64 -44.66 35.34
N ALA B 427 -47.32 -44.31 36.58
CA ALA B 427 -46.69 -43.07 36.98
C ALA B 427 -45.18 -43.09 36.78
N THR B 428 -44.48 -42.17 37.43
CA THR B 428 -43.04 -41.91 37.35
C THR B 428 -42.57 -41.68 35.93
N CYS B 429 -43.40 -41.04 35.12
CA CYS B 429 -43.08 -40.71 33.75
C CYS B 429 -42.62 -39.27 33.65
N ASP B 430 -42.51 -38.79 32.41
CA ASP B 430 -42.14 -37.41 32.16
C ASP B 430 -43.26 -36.46 32.52
N GLU B 431 -42.94 -35.17 32.56
CA GLU B 431 -43.98 -34.18 32.69
C GLU B 431 -44.33 -33.57 31.34
N TYR B 432 -43.55 -33.84 30.31
CA TYR B 432 -43.88 -33.32 29.00
C TYR B 432 -44.56 -34.39 28.15
N PHE B 433 -44.16 -35.65 28.28
CA PHE B 433 -44.78 -36.70 27.50
C PHE B 433 -46.18 -37.03 28.02
N VAL B 434 -46.41 -36.86 29.31
CA VAL B 434 -47.73 -37.12 29.87
C VAL B 434 -48.73 -36.06 29.42
N HIS B 435 -48.36 -34.79 29.57
CA HIS B 435 -49.31 -33.72 29.32
C HIS B 435 -49.47 -33.39 27.84
N ASN B 436 -48.72 -34.06 26.97
CA ASN B 436 -48.88 -33.90 25.53
C ASN B 436 -49.24 -35.21 24.87
N ASN B 437 -49.35 -35.19 23.56
CA ASN B 437 -49.85 -36.30 22.78
C ASN B 437 -49.03 -36.48 21.50
N VAL B 438 -49.09 -37.69 20.94
CA VAL B 438 -48.27 -38.08 19.80
C VAL B 438 -49.00 -37.71 18.52
N THR B 439 -48.32 -36.99 17.65
CA THR B 439 -48.90 -36.49 16.41
C THR B 439 -48.05 -36.95 15.23
N SER B 440 -48.69 -37.50 14.20
CA SER B 440 -47.98 -37.92 13.00
C SER B 440 -48.53 -37.13 11.83
N ILE B 441 -47.70 -36.33 11.18
CA ILE B 441 -48.14 -35.48 10.09
C ILE B 441 -47.29 -35.75 8.85
N GLN B 442 -47.61 -35.04 7.78
CA GLN B 442 -46.90 -35.21 6.52
C GLN B 442 -45.77 -34.19 6.41
N GLY B 443 -44.58 -34.68 6.04
CA GLY B 443 -43.45 -33.80 5.85
C GLY B 443 -43.34 -33.21 4.46
N ILE B 444 -44.08 -33.77 3.50
CA ILE B 444 -44.08 -33.27 2.14
C ILE B 444 -45.48 -32.80 1.79
N PRO B 445 -45.82 -31.53 2.05
CA PRO B 445 -47.14 -31.03 1.66
C PRO B 445 -47.22 -30.53 0.23
N GLY B 446 -46.18 -30.73 -0.57
CA GLY B 446 -46.23 -30.42 -1.98
C GLY B 446 -46.20 -28.92 -2.28
N LEU B 447 -46.18 -28.63 -3.58
CA LEU B 447 -46.22 -27.27 -4.09
C LEU B 447 -47.61 -26.66 -3.98
N ALA B 448 -48.63 -27.49 -3.78
CA ALA B 448 -50.02 -27.07 -3.65
C ALA B 448 -50.30 -26.23 -2.42
N SER B 449 -49.64 -26.52 -1.31
CA SER B 449 -49.85 -25.74 -0.10
C SER B 449 -49.18 -24.38 -0.23
N GLY B 450 -49.61 -23.44 0.60
CA GLY B 450 -48.91 -22.18 0.70
C GLY B 450 -47.84 -22.27 1.76
N ILE B 451 -46.59 -22.49 1.35
CA ILE B 451 -45.51 -22.72 2.29
C ILE B 451 -44.52 -21.57 2.35
N ILE B 452 -44.27 -20.89 1.23
CA ILE B 452 -43.36 -19.76 1.20
C ILE B 452 -43.85 -18.62 2.10
N THR B 453 -45.17 -18.45 2.19
CA THR B 453 -45.73 -17.41 3.03
C THR B 453 -45.58 -17.77 4.50
N GLU B 454 -45.53 -19.06 4.83
CA GLU B 454 -45.39 -19.45 6.22
C GLU B 454 -43.96 -19.85 6.56
N ASN B 455 -43.33 -20.67 5.72
CA ASN B 455 -41.92 -20.97 5.97
C ASN B 455 -41.08 -19.87 5.36
N LEU B 456 -40.93 -18.77 6.09
CA LEU B 456 -40.36 -17.58 5.50
C LEU B 456 -39.24 -16.94 6.30
N TRP B 457 -39.31 -16.94 7.63
CA TRP B 457 -38.45 -16.12 8.46
C TRP B 457 -37.25 -16.92 8.94
N SER B 458 -36.30 -16.21 9.54
CA SER B 458 -35.03 -16.80 9.96
C SER B 458 -35.20 -17.65 11.20
N ASN B 459 -34.54 -18.81 11.20
CA ASN B 459 -34.64 -19.77 12.30
C ASN B 459 -33.29 -20.02 12.93
N TYR B 460 -32.51 -18.97 13.17
CA TYR B 460 -31.20 -19.15 13.78
C TYR B 460 -31.34 -19.48 15.26
N LEU B 461 -30.71 -20.58 15.68
CA LEU B 461 -30.82 -21.07 17.04
C LEU B 461 -29.43 -21.39 17.59
N PRO B 462 -29.22 -21.29 18.89
CA PRO B 462 -27.96 -21.76 19.48
C PRO B 462 -27.91 -23.28 19.50
N LYS B 463 -26.70 -23.81 19.63
CA LYS B 463 -26.44 -25.25 19.70
C LYS B 463 -27.12 -25.89 20.89
N GLY B 464 -27.74 -27.04 20.69
CA GLY B 464 -28.42 -27.78 21.74
C GLY B 464 -29.91 -27.54 21.78
N GLU B 465 -30.41 -26.56 21.03
CA GLU B 465 -31.83 -26.26 21.01
C GLU B 465 -32.60 -27.37 20.28
N ILE B 466 -33.75 -27.73 20.83
CA ILE B 466 -34.61 -28.76 20.26
C ILE B 466 -35.40 -28.12 19.13
N ILE B 467 -35.53 -28.87 18.03
CA ILE B 467 -36.07 -28.33 16.78
C ILE B 467 -37.58 -28.19 16.98
N GLU B 468 -38.01 -26.95 17.17
CA GLU B 468 -39.42 -26.65 17.38
C GLU B 468 -40.10 -26.39 16.05
N LYS B 469 -41.35 -26.80 15.94
CA LYS B 469 -42.20 -26.34 14.85
C LYS B 469 -42.89 -25.05 15.30
N PRO B 470 -43.02 -24.05 14.43
CA PRO B 470 -43.69 -22.81 14.85
C PRO B 470 -45.21 -22.91 14.89
N SER B 471 -45.79 -24.07 14.60
CA SER B 471 -47.24 -24.18 14.64
C SER B 471 -47.70 -25.57 15.09
N ALA B 472 -47.91 -25.72 16.40
CA ALA B 472 -48.42 -26.95 16.99
C ALA B 472 -48.97 -26.62 18.37
N LYS B 473 -49.67 -27.59 18.97
CA LYS B 473 -50.15 -27.43 20.32
C LYS B 473 -49.15 -27.95 21.34
N SER B 474 -48.97 -27.20 22.42
CA SER B 474 -47.98 -27.55 23.43
C SER B 474 -48.47 -27.18 24.82
N SER B 475 -48.00 -27.96 25.80
CA SER B 475 -48.26 -27.71 27.22
C SER B 475 -46.93 -27.35 27.88
N ASP B 476 -46.86 -26.15 28.46
CA ASP B 476 -45.61 -25.61 29.00
C ASP B 476 -45.34 -26.23 30.35
N VAL B 477 -44.82 -27.46 30.33
CA VAL B 477 -44.59 -28.18 31.57
C VAL B 477 -43.10 -28.30 31.88
N LEU B 478 -42.23 -27.99 30.90
CA LEU B 478 -40.77 -27.83 31.09
C LEU B 478 -40.11 -29.10 31.61
N GLY B 479 -40.07 -30.12 30.76
CA GLY B 479 -39.17 -31.23 31.01
C GLY B 479 -37.78 -30.97 30.47
N SER B 480 -36.79 -31.57 31.12
CA SER B 480 -35.38 -31.45 30.69
C SER B 480 -34.85 -32.81 30.26
N LEU B 481 -35.60 -33.47 29.38
CA LEU B 481 -35.66 -34.92 29.30
C LEU B 481 -34.85 -35.49 28.15
N ASN B 482 -33.73 -34.86 27.80
CA ASN B 482 -33.12 -35.03 26.49
C ASN B 482 -32.49 -36.39 26.30
N HIS B 483 -33.32 -37.40 25.98
CA HIS B 483 -32.83 -38.71 25.57
C HIS B 483 -32.92 -38.93 24.07
N GLU B 484 -34.13 -38.87 23.52
CA GLU B 484 -34.37 -39.21 22.12
C GLU B 484 -35.10 -38.05 21.45
N TYR B 485 -34.34 -37.15 20.83
CA TYR B 485 -34.91 -35.92 20.33
C TYR B 485 -34.19 -35.53 19.06
N VAL B 486 -34.34 -34.26 18.69
CA VAL B 486 -33.61 -33.66 17.59
C VAL B 486 -33.08 -32.32 18.08
N LEU B 487 -31.84 -32.01 17.74
CA LEU B 487 -31.15 -30.87 18.32
C LEU B 487 -30.56 -29.98 17.26
N VAL B 488 -30.13 -28.79 17.68
CA VAL B 488 -29.25 -27.96 16.88
C VAL B 488 -27.83 -28.44 17.10
N ASP B 489 -27.19 -28.88 16.01
CA ASP B 489 -25.93 -29.62 16.16
C ASP B 489 -24.75 -28.69 16.41
N ILE B 490 -24.66 -27.57 15.68
CA ILE B 490 -23.70 -26.51 15.98
C ILE B 490 -24.44 -25.18 15.92
N THR B 491 -23.91 -24.20 16.65
CA THR B 491 -24.51 -22.86 16.67
C THR B 491 -24.41 -22.19 15.29
N THR B 492 -25.45 -21.46 14.93
CA THR B 492 -25.61 -20.96 13.57
C THR B 492 -25.71 -19.45 13.59
N SER B 493 -25.32 -18.84 12.47
CA SER B 493 -25.46 -17.42 12.24
C SER B 493 -25.44 -17.17 10.74
N PHE B 494 -25.84 -15.98 10.33
CA PHE B 494 -25.96 -15.66 8.91
C PHE B 494 -24.60 -15.55 8.26
N THR B 495 -23.62 -15.03 8.98
CA THR B 495 -22.29 -14.87 8.42
C THR B 495 -21.61 -16.22 8.37
N LEU B 496 -22.05 -17.14 9.23
CA LEU B 496 -21.50 -18.48 9.23
C LEU B 496 -21.92 -19.26 8.00
N LEU B 497 -23.18 -19.13 7.60
CA LEU B 497 -23.66 -19.92 6.46
C LEU B 497 -23.09 -19.43 5.15
N VAL B 498 -22.65 -18.18 5.09
CA VAL B 498 -22.02 -17.68 3.87
C VAL B 498 -20.68 -18.36 3.65
N GLY B 499 -19.89 -18.49 4.72
CA GLY B 499 -18.63 -19.18 4.63
C GLY B 499 -18.74 -20.68 4.48
N ILE B 500 -19.92 -21.25 4.69
CA ILE B 500 -20.16 -22.67 4.47
C ILE B 500 -20.67 -22.93 3.06
N PHE B 501 -21.59 -22.10 2.60
CA PHE B 501 -22.19 -22.25 1.27
C PHE B 501 -21.21 -21.96 0.14
N PHE B 502 -20.24 -21.09 0.36
CA PHE B 502 -19.43 -20.53 -0.72
C PHE B 502 -18.63 -21.51 -1.57
N PRO B 503 -18.12 -22.67 -1.08
CA PRO B 503 -17.46 -23.58 -2.03
C PRO B 503 -18.37 -24.27 -3.03
N SER B 504 -19.68 -24.08 -2.91
CA SER B 504 -20.60 -24.52 -3.95
C SER B 504 -20.45 -23.78 -5.25
N VAL B 505 -19.90 -22.57 -5.25
CA VAL B 505 -19.88 -21.76 -6.45
C VAL B 505 -18.50 -21.73 -7.08
N THR B 506 -17.52 -22.35 -6.43
CA THR B 506 -16.14 -22.21 -6.82
C THR B 506 -15.78 -23.18 -7.93
N GLY B 507 -14.70 -22.88 -8.64
CA GLY B 507 -14.20 -23.75 -9.69
C GLY B 507 -14.14 -23.08 -11.05
N ILE B 508 -14.12 -21.75 -11.09
CA ILE B 508 -14.21 -21.06 -12.37
C ILE B 508 -12.85 -21.04 -13.05
N MET B 509 -11.78 -21.21 -12.28
CA MET B 509 -10.46 -21.26 -12.89
C MET B 509 -10.19 -22.60 -13.55
N ALA B 510 -10.99 -23.61 -13.24
CA ALA B 510 -10.98 -24.86 -13.97
C ALA B 510 -11.73 -24.78 -15.28
N GLY B 511 -12.41 -23.66 -15.55
CA GLY B 511 -13.12 -23.50 -16.80
C GLY B 511 -12.23 -23.32 -18.01
N SER B 512 -10.97 -22.97 -17.82
CA SER B 512 -10.06 -22.72 -18.92
C SER B 512 -8.81 -23.57 -18.82
N ASN B 513 -8.93 -24.77 -18.27
CA ASN B 513 -7.76 -25.65 -18.13
C ASN B 513 -7.29 -26.21 -19.46
N ARG B 514 -8.13 -26.19 -20.49
CA ARG B 514 -7.82 -26.78 -21.79
C ARG B 514 -7.74 -25.70 -22.86
N SER B 515 -7.00 -24.63 -22.55
CA SER B 515 -6.86 -23.53 -23.50
C SER B 515 -6.07 -23.94 -24.73
N GLY B 516 -5.10 -24.82 -24.56
CA GLY B 516 -4.22 -25.24 -25.64
C GLY B 516 -4.88 -26.11 -26.69
N ASP B 517 -6.10 -26.55 -26.47
CA ASP B 517 -6.83 -27.38 -27.41
C ASP B 517 -7.95 -26.61 -28.11
N LEU B 518 -8.06 -25.31 -27.86
CA LEU B 518 -9.14 -24.53 -28.42
C LEU B 518 -8.80 -24.05 -29.81
N LYS B 519 -9.75 -23.35 -30.44
CA LYS B 519 -9.46 -22.72 -31.73
C LYS B 519 -9.72 -21.23 -31.66
N ASP B 520 -10.65 -20.80 -30.81
CA ASP B 520 -10.90 -19.38 -30.60
C ASP B 520 -10.98 -19.15 -29.11
N ALA B 521 -9.81 -19.02 -28.48
CA ALA B 521 -9.75 -18.99 -27.03
C ALA B 521 -10.04 -17.60 -26.49
N GLN B 522 -9.78 -16.57 -27.29
CA GLN B 522 -10.14 -15.22 -26.88
C GLN B 522 -11.65 -14.99 -26.90
N LYS B 523 -12.38 -15.84 -27.61
CA LYS B 523 -13.84 -15.77 -27.68
C LYS B 523 -14.51 -16.84 -26.84
N SER B 524 -13.82 -17.95 -26.57
CA SER B 524 -14.42 -19.01 -25.78
C SER B 524 -14.53 -18.64 -24.31
N ILE B 525 -13.39 -18.30 -23.71
CA ILE B 525 -13.24 -18.11 -22.27
C ILE B 525 -14.14 -16.99 -21.71
N PRO B 526 -14.41 -15.88 -22.43
CA PRO B 526 -15.54 -15.06 -21.98
C PRO B 526 -16.88 -15.75 -22.12
N ILE B 527 -17.12 -16.40 -23.27
CA ILE B 527 -18.46 -16.89 -23.55
C ILE B 527 -18.73 -18.19 -22.82
N GLY B 528 -17.79 -19.12 -22.87
CA GLY B 528 -17.99 -20.44 -22.31
C GLY B 528 -18.11 -20.48 -20.80
N THR B 529 -17.38 -19.59 -20.12
CA THR B 529 -17.37 -19.64 -18.66
C THR B 529 -18.56 -18.94 -18.06
N ILE B 530 -18.93 -17.76 -18.57
CA ILE B 530 -19.98 -16.97 -17.95
C ILE B 530 -21.33 -17.64 -18.15
N LEU B 531 -21.50 -18.33 -19.28
CA LEU B 531 -22.74 -19.08 -19.51
C LEU B 531 -22.82 -20.27 -18.57
N ALA B 532 -21.68 -20.81 -18.15
CA ALA B 532 -21.69 -21.84 -17.12
C ALA B 532 -22.01 -21.26 -15.76
N ILE B 533 -21.69 -19.98 -15.55
CA ILE B 533 -22.07 -19.32 -14.32
C ILE B 533 -23.57 -19.06 -14.31
N LEU B 534 -24.13 -18.72 -15.48
CA LEU B 534 -25.55 -18.43 -15.55
C LEU B 534 -26.40 -19.68 -15.38
N THR B 535 -25.84 -20.84 -15.70
CA THR B 535 -26.62 -22.07 -15.54
C THR B 535 -26.39 -22.69 -14.17
N THR B 536 -25.35 -22.26 -13.45
CA THR B 536 -25.19 -22.77 -12.09
C THR B 536 -25.83 -21.84 -11.09
N SER B 537 -26.04 -20.59 -11.45
CA SER B 537 -26.81 -19.72 -10.59
C SER B 537 -28.30 -20.04 -10.73
N PHE B 538 -28.71 -20.46 -11.92
CA PHE B 538 -30.12 -20.76 -12.16
C PHE B 538 -30.57 -21.97 -11.36
N VAL B 539 -29.67 -22.93 -11.16
CA VAL B 539 -30.02 -24.11 -10.38
C VAL B 539 -30.09 -23.75 -8.90
N TYR B 540 -29.10 -23.00 -8.41
CA TYR B 540 -28.99 -22.69 -7.00
C TYR B 540 -30.16 -21.83 -6.51
N LEU B 541 -30.57 -20.85 -7.32
CA LEU B 541 -31.68 -20.00 -6.91
C LEU B 541 -33.01 -20.73 -7.01
N SER B 542 -33.07 -21.74 -7.88
CA SER B 542 -34.33 -22.44 -8.04
C SER B 542 -34.62 -23.36 -6.86
N ASN B 543 -33.60 -24.10 -6.41
CA ASN B 543 -33.86 -25.15 -5.43
C ASN B 543 -34.15 -24.58 -4.05
N VAL B 544 -33.57 -23.42 -3.72
CA VAL B 544 -33.88 -22.76 -2.45
C VAL B 544 -35.36 -22.39 -2.41
N VAL B 545 -35.91 -21.98 -3.55
CA VAL B 545 -37.35 -21.81 -3.65
C VAL B 545 -38.05 -23.16 -3.64
N LEU B 546 -37.49 -24.14 -4.35
CA LEU B 546 -38.18 -25.42 -4.50
C LEU B 546 -38.13 -26.25 -3.23
N PHE B 547 -37.15 -26.01 -2.37
CA PHE B 547 -37.12 -26.72 -1.10
C PHE B 547 -38.14 -26.13 -0.14
N GLY B 548 -38.26 -24.81 -0.13
CA GLY B 548 -39.13 -24.16 0.82
C GLY B 548 -40.60 -24.30 0.46
N ALA B 549 -40.88 -24.63 -0.80
CA ALA B 549 -42.24 -24.74 -1.30
C ALA B 549 -42.72 -26.19 -1.38
N CYS B 550 -41.91 -27.14 -0.93
CA CYS B 550 -42.32 -28.52 -1.06
C CYS B 550 -42.03 -29.39 0.16
N ILE B 551 -41.04 -29.06 0.98
CA ILE B 551 -40.67 -29.87 2.13
C ILE B 551 -40.93 -29.05 3.39
N GLU B 552 -41.47 -29.70 4.41
CA GLU B 552 -41.78 -29.02 5.66
C GLU B 552 -40.50 -28.54 6.32
N GLY B 553 -40.58 -27.34 6.91
CA GLY B 553 -39.39 -26.67 7.40
C GLY B 553 -38.76 -27.33 8.60
N VAL B 554 -39.52 -28.17 9.32
CA VAL B 554 -38.95 -28.83 10.48
C VAL B 554 -37.98 -29.93 10.06
N VAL B 555 -38.25 -30.63 8.95
CA VAL B 555 -37.27 -31.61 8.51
C VAL B 555 -36.24 -30.95 7.61
N LEU B 556 -36.43 -29.68 7.27
CA LEU B 556 -35.37 -28.94 6.60
C LEU B 556 -34.28 -28.54 7.58
N ARG B 557 -34.63 -28.32 8.83
CA ARG B 557 -33.56 -28.17 9.80
C ARG B 557 -32.92 -29.46 10.18
N ASP B 558 -33.55 -30.58 9.86
CA ASP B 558 -33.10 -31.90 10.29
C ASP B 558 -31.85 -32.26 9.49
N LYS B 559 -30.69 -32.21 10.14
CA LYS B 559 -29.51 -32.80 9.53
C LYS B 559 -29.61 -34.32 9.58
N PHE B 560 -28.92 -34.96 8.64
CA PHE B 560 -28.68 -36.39 8.55
C PHE B 560 -29.94 -37.21 8.33
N GLY B 561 -31.07 -36.56 8.03
CA GLY B 561 -32.31 -37.25 7.74
C GLY B 561 -32.84 -38.09 8.88
N ASP B 562 -32.67 -37.58 10.10
CA ASP B 562 -32.91 -38.39 11.28
C ASP B 562 -34.38 -38.59 11.53
N ALA B 563 -35.21 -37.59 11.23
CA ALA B 563 -36.64 -37.77 11.38
C ALA B 563 -37.27 -38.52 10.22
N VAL B 564 -36.55 -38.67 9.11
CA VAL B 564 -37.12 -39.37 7.97
C VAL B 564 -36.41 -40.71 7.80
N LYS B 565 -35.91 -41.23 8.92
CA LYS B 565 -35.34 -42.58 9.05
C LYS B 565 -34.14 -42.77 8.13
N GLY B 566 -33.21 -41.82 8.23
CA GLY B 566 -31.95 -41.92 7.52
C GLY B 566 -32.05 -41.78 6.02
N ASN B 567 -33.11 -41.15 5.54
CA ASN B 567 -33.24 -40.82 4.13
C ASN B 567 -32.69 -39.42 3.93
N LEU B 568 -32.04 -39.19 2.80
CA LEU B 568 -31.61 -37.85 2.46
C LEU B 568 -32.81 -36.97 2.17
N VAL B 569 -32.79 -35.77 2.73
CA VAL B 569 -33.88 -34.80 2.58
C VAL B 569 -34.06 -34.38 1.13
N VAL B 570 -32.97 -34.37 0.36
CA VAL B 570 -33.09 -34.21 -1.07
C VAL B 570 -33.68 -35.46 -1.70
N GLY B 571 -33.23 -36.62 -1.21
CA GLY B 571 -33.55 -37.90 -1.80
C GLY B 571 -35.01 -38.27 -1.71
N THR B 572 -35.72 -37.67 -0.76
CA THR B 572 -37.17 -37.75 -0.72
C THR B 572 -37.81 -37.17 -1.96
N LEU B 573 -37.22 -36.14 -2.55
CA LEU B 573 -37.77 -35.48 -3.71
C LEU B 573 -37.27 -36.10 -5.02
N SER B 574 -36.83 -37.35 -4.97
CA SER B 574 -36.32 -38.04 -6.14
C SER B 574 -37.34 -39.04 -6.64
N TRP B 575 -37.72 -38.93 -7.93
CA TRP B 575 -38.85 -39.70 -8.43
C TRP B 575 -38.56 -41.19 -8.60
N PRO B 576 -37.41 -41.63 -9.21
CA PRO B 576 -37.16 -43.08 -9.19
C PRO B 576 -36.87 -43.63 -7.82
N SER B 577 -35.85 -43.10 -7.13
CA SER B 577 -35.42 -43.64 -5.85
C SER B 577 -34.45 -42.67 -5.17
N PRO B 578 -34.43 -42.61 -3.84
CA PRO B 578 -33.38 -41.84 -3.16
C PRO B 578 -32.01 -42.42 -3.37
N TRP B 579 -31.93 -43.73 -3.59
CA TRP B 579 -30.65 -44.40 -3.83
C TRP B 579 -29.99 -43.93 -5.12
N VAL B 580 -30.78 -43.40 -6.05
CA VAL B 580 -30.23 -42.81 -7.26
C VAL B 580 -29.38 -41.59 -6.92
N ILE B 581 -29.92 -40.72 -6.06
CA ILE B 581 -29.17 -39.54 -5.64
C ILE B 581 -28.02 -39.93 -4.73
N VAL B 582 -28.28 -40.86 -3.81
CA VAL B 582 -27.31 -41.20 -2.77
C VAL B 582 -26.08 -41.88 -3.37
N ILE B 583 -26.30 -42.83 -4.27
CA ILE B 583 -25.18 -43.41 -4.99
C ILE B 583 -24.63 -42.41 -6.00
N GLY B 584 -25.51 -41.59 -6.58
CA GLY B 584 -25.06 -40.59 -7.53
C GLY B 584 -24.21 -39.51 -6.90
N SER B 585 -24.69 -38.90 -5.81
CA SER B 585 -23.93 -37.82 -5.18
C SER B 585 -22.72 -38.36 -4.43
N PHE B 586 -22.67 -39.66 -4.20
CA PHE B 586 -21.44 -40.25 -3.69
C PHE B 586 -20.37 -40.26 -4.78
N PHE B 587 -20.75 -40.61 -6.00
CA PHE B 587 -19.77 -40.72 -7.07
C PHE B 587 -19.29 -39.36 -7.52
N SER B 588 -20.19 -38.36 -7.47
CA SER B 588 -19.87 -37.04 -8.00
C SER B 588 -18.88 -36.32 -7.12
N THR B 589 -19.03 -36.43 -5.80
CA THR B 589 -18.02 -35.86 -4.94
C THR B 589 -16.78 -36.74 -4.87
N CYS B 590 -16.89 -38.00 -5.31
CA CYS B 590 -15.71 -38.82 -5.45
C CYS B 590 -14.86 -38.35 -6.63
N GLY B 591 -15.51 -38.17 -7.78
CA GLY B 591 -14.77 -37.77 -8.96
C GLY B 591 -14.31 -36.33 -8.92
N ALA B 592 -15.05 -35.47 -8.23
CA ALA B 592 -14.59 -34.10 -8.03
C ALA B 592 -13.38 -34.06 -7.12
N GLY B 593 -13.32 -34.98 -6.15
CA GLY B 593 -12.09 -35.19 -5.43
C GLY B 593 -11.03 -35.86 -6.28
N LEU B 594 -11.45 -36.74 -7.18
CA LEU B 594 -10.52 -37.34 -8.13
C LEU B 594 -9.98 -36.28 -9.10
N GLN B 595 -10.80 -35.29 -9.43
CA GLN B 595 -10.33 -34.20 -10.25
C GLN B 595 -9.37 -33.30 -9.48
N SER B 596 -9.66 -33.05 -8.21
CA SER B 596 -8.97 -32.00 -7.48
C SER B 596 -7.57 -32.42 -7.07
N LEU B 597 -7.23 -33.68 -7.27
CA LEU B 597 -5.86 -34.10 -7.05
C LEU B 597 -5.03 -33.93 -8.31
N THR B 598 -5.64 -33.96 -9.50
CA THR B 598 -4.81 -33.77 -10.69
C THR B 598 -4.17 -32.37 -10.77
N GLY B 599 -5.00 -31.36 -10.48
CA GLY B 599 -4.58 -29.97 -10.54
C GLY B 599 -3.51 -29.53 -9.57
N ALA B 600 -3.62 -29.93 -8.31
CA ALA B 600 -2.64 -29.50 -7.32
C ALA B 600 -1.27 -30.01 -7.71
N PRO B 601 -1.19 -31.29 -8.12
CA PRO B 601 0.10 -31.83 -8.54
C PRO B 601 0.60 -31.12 -9.80
N ARG B 602 -0.29 -30.91 -10.77
CA ARG B 602 0.11 -30.25 -12.02
C ARG B 602 0.55 -28.77 -11.95
N LEU B 603 -0.13 -28.01 -11.09
CA LEU B 603 0.04 -26.58 -10.94
C LEU B 603 1.36 -26.25 -10.25
N LEU B 604 1.74 -27.10 -9.30
CA LEU B 604 2.93 -26.79 -8.50
C LEU B 604 4.20 -27.04 -9.31
N GLN B 605 4.13 -27.92 -10.30
CA GLN B 605 5.24 -28.03 -11.25
C GLN B 605 5.37 -26.76 -12.07
N ALA B 606 4.24 -26.20 -12.49
CA ALA B 606 4.25 -25.06 -13.41
C ALA B 606 4.81 -23.82 -12.74
N ILE B 607 4.69 -23.73 -11.42
CA ILE B 607 5.35 -22.66 -10.70
C ILE B 607 6.81 -23.03 -10.42
N ALA B 608 7.08 -24.31 -10.17
CA ALA B 608 8.45 -24.73 -9.93
C ALA B 608 9.26 -24.72 -11.21
N LYS B 609 8.63 -25.03 -12.36
CA LYS B 609 9.35 -24.88 -13.61
C LYS B 609 9.48 -23.41 -13.99
N ASP B 610 8.63 -22.55 -13.45
CA ASP B 610 8.77 -21.12 -13.64
C ASP B 610 9.95 -20.57 -12.87
N ASN B 611 10.46 -21.33 -11.89
CA ASN B 611 11.65 -21.05 -11.08
C ASN B 611 11.54 -19.75 -10.30
N ILE B 612 10.32 -19.26 -10.09
CA ILE B 612 10.14 -17.92 -9.56
C ILE B 612 10.38 -17.89 -8.05
N ILE B 613 10.26 -19.03 -7.38
CA ILE B 613 10.63 -19.10 -5.98
C ILE B 613 11.68 -20.20 -5.82
N PRO B 614 12.87 -19.88 -5.35
CA PRO B 614 13.91 -20.90 -5.20
C PRO B 614 13.68 -21.82 -4.02
N PHE B 615 12.74 -21.47 -3.14
CA PHE B 615 12.41 -22.33 -2.00
C PHE B 615 11.77 -23.64 -2.47
N LEU B 616 11.15 -23.63 -3.63
CA LEU B 616 10.35 -24.74 -4.13
C LEU B 616 10.88 -25.21 -5.48
N ARG B 617 12.20 -25.13 -5.67
CA ARG B 617 12.79 -25.65 -6.89
C ARG B 617 12.73 -27.18 -6.92
N VAL B 618 12.73 -27.81 -5.74
CA VAL B 618 12.79 -29.27 -5.64
C VAL B 618 11.49 -29.91 -6.10
N PHE B 619 10.38 -29.17 -6.08
CA PHE B 619 9.07 -29.72 -6.41
C PHE B 619 8.89 -29.96 -7.90
N GLY B 620 9.80 -29.47 -8.75
CA GLY B 620 9.58 -29.54 -10.17
C GLY B 620 9.88 -30.89 -10.80
N HIS B 621 10.50 -31.80 -10.05
CA HIS B 621 10.93 -33.06 -10.65
C HIS B 621 9.75 -33.96 -11.00
N SER B 622 9.34 -33.90 -12.25
CA SER B 622 8.23 -34.72 -12.73
C SER B 622 8.75 -36.05 -13.24
N LYS B 623 7.83 -36.89 -13.67
CA LYS B 623 8.18 -38.14 -14.31
C LYS B 623 8.22 -37.94 -15.83
N ALA B 624 8.23 -39.05 -16.57
CA ALA B 624 8.34 -38.98 -18.02
C ALA B 624 7.05 -38.48 -18.66
N ASN B 625 5.95 -38.45 -17.89
CA ASN B 625 4.65 -38.09 -18.41
C ASN B 625 3.98 -36.94 -17.65
N GLY B 626 4.76 -36.13 -16.93
CA GLY B 626 4.20 -34.96 -16.30
C GLY B 626 3.57 -35.19 -14.94
N GLU B 627 3.83 -36.33 -14.33
CA GLU B 627 3.35 -36.50 -12.96
C GLU B 627 4.49 -36.31 -11.97
N PRO B 628 4.23 -35.71 -10.81
CA PRO B 628 5.31 -35.45 -9.86
C PRO B 628 5.49 -36.60 -8.90
N THR B 629 6.38 -36.39 -7.93
CA THR B 629 6.42 -37.23 -6.74
C THR B 629 6.57 -36.36 -5.51
N TRP B 630 6.92 -35.09 -5.71
CA TRP B 630 7.05 -34.17 -4.59
C TRP B 630 5.86 -33.26 -4.45
N ALA B 631 5.31 -32.78 -5.56
CA ALA B 631 4.08 -32.00 -5.51
C ALA B 631 2.92 -32.88 -5.05
N LEU B 632 2.94 -34.15 -5.46
CA LEU B 632 1.96 -35.10 -4.94
C LEU B 632 2.22 -35.38 -3.47
N LEU B 633 3.47 -35.30 -3.04
CA LEU B 633 3.74 -35.39 -1.61
C LEU B 633 3.25 -34.14 -0.90
N LEU B 634 3.34 -32.98 -1.54
CA LEU B 634 2.88 -31.78 -0.84
C LEU B 634 1.36 -31.70 -0.82
N THR B 635 0.72 -32.13 -1.90
CA THR B 635 -0.74 -32.07 -1.96
C THR B 635 -1.37 -33.06 -1.00
N ALA B 636 -0.74 -34.23 -0.80
CA ALA B 636 -1.26 -35.21 0.14
C ALA B 636 -1.10 -34.71 1.58
N ALA B 637 -0.02 -33.99 1.86
CA ALA B 637 0.22 -33.54 3.22
C ALA B 637 -0.64 -32.35 3.62
N ILE B 638 -0.94 -31.45 2.68
CA ILE B 638 -1.78 -30.31 3.01
C ILE B 638 -3.25 -30.72 3.14
N ALA B 639 -3.71 -31.65 2.30
CA ALA B 639 -5.08 -32.13 2.41
C ALA B 639 -5.28 -33.01 3.64
N GLU B 640 -4.18 -33.49 4.21
CA GLU B 640 -4.24 -34.32 5.41
C GLU B 640 -4.80 -33.55 6.59
N LEU B 641 -4.48 -32.26 6.69
CA LEU B 641 -4.89 -31.47 7.84
C LEU B 641 -6.39 -31.25 7.87
N GLY B 642 -7.02 -31.23 6.70
CA GLY B 642 -8.48 -31.07 6.66
C GLY B 642 -9.21 -32.28 7.21
N ILE B 643 -8.62 -33.48 7.05
CA ILE B 643 -9.22 -34.68 7.60
C ILE B 643 -9.09 -34.67 9.12
N LEU B 644 -8.05 -34.03 9.63
CA LEU B 644 -7.91 -33.89 11.08
C LEU B 644 -8.75 -32.73 11.60
N ILE B 645 -9.36 -31.97 10.71
CA ILE B 645 -10.44 -31.07 11.13
C ILE B 645 -11.76 -31.84 11.21
N ALA B 646 -11.98 -32.73 10.24
CA ALA B 646 -12.97 -33.81 10.29
C ALA B 646 -14.41 -33.30 10.35
N SER B 647 -14.65 -32.11 9.80
CA SER B 647 -16.01 -31.58 9.75
C SER B 647 -16.11 -30.68 8.54
N LEU B 648 -17.14 -30.89 7.72
CA LEU B 648 -17.34 -30.07 6.53
C LEU B 648 -17.65 -28.62 6.87
N ASP B 649 -18.18 -28.36 8.06
CA ASP B 649 -18.58 -27.01 8.37
C ASP B 649 -17.45 -26.19 9.00
N LEU B 650 -16.29 -26.79 9.20
CA LEU B 650 -15.11 -26.03 9.57
C LEU B 650 -14.07 -25.96 8.48
N VAL B 651 -14.04 -26.96 7.59
CA VAL B 651 -13.14 -26.89 6.43
C VAL B 651 -13.60 -25.82 5.47
N ALA B 652 -14.91 -25.74 5.24
CA ALA B 652 -15.49 -24.81 4.28
C ALA B 652 -15.24 -23.33 4.58
N PRO B 653 -15.21 -22.83 5.83
CA PRO B 653 -14.79 -21.43 5.99
C PRO B 653 -13.32 -21.20 5.69
N ILE B 654 -12.45 -22.17 5.98
CA ILE B 654 -11.04 -22.02 5.66
C ILE B 654 -10.85 -22.13 4.15
N LEU B 655 -11.60 -23.03 3.52
CA LEU B 655 -11.51 -23.22 2.08
C LEU B 655 -12.09 -22.02 1.34
N SER B 656 -13.07 -21.35 1.95
CA SER B 656 -13.63 -20.17 1.31
C SER B 656 -12.71 -18.98 1.46
N MET B 657 -11.71 -19.09 2.33
CA MET B 657 -10.76 -17.98 2.48
C MET B 657 -9.83 -17.93 1.29
N PHE B 658 -9.22 -19.06 0.93
CA PHE B 658 -8.16 -19.07 -0.07
C PHE B 658 -8.68 -18.76 -1.46
N PHE B 659 -9.86 -19.28 -1.79
CA PHE B 659 -10.46 -18.96 -3.08
C PHE B 659 -10.89 -17.51 -3.13
N LEU B 660 -11.14 -16.91 -1.97
CA LEU B 660 -11.47 -15.50 -1.95
C LEU B 660 -10.21 -14.65 -2.03
N MET B 661 -9.07 -15.22 -1.64
CA MET B 661 -7.79 -14.53 -1.79
C MET B 661 -7.41 -14.42 -3.27
N CYS B 662 -7.74 -15.45 -4.05
CA CYS B 662 -7.46 -15.40 -5.48
C CYS B 662 -8.43 -14.47 -6.18
N TYR B 663 -9.71 -14.61 -5.88
CA TYR B 663 -10.74 -13.83 -6.56
C TYR B 663 -10.66 -12.36 -6.19
N LEU B 664 -10.00 -12.05 -5.08
CA LEU B 664 -9.68 -10.66 -4.81
C LEU B 664 -8.56 -10.16 -5.71
N PHE B 665 -7.46 -10.91 -5.78
CA PHE B 665 -6.28 -10.36 -6.44
C PHE B 665 -6.38 -10.46 -7.95
N VAL B 666 -7.33 -11.26 -8.45
CA VAL B 666 -7.67 -11.17 -9.85
C VAL B 666 -8.33 -9.84 -10.15
N ASN B 667 -9.30 -9.44 -9.32
CA ASN B 667 -10.01 -8.19 -9.54
C ASN B 667 -9.13 -6.99 -9.25
N LEU B 668 -8.20 -7.13 -8.32
CA LEU B 668 -7.33 -6.03 -7.96
C LEU B 668 -6.34 -5.74 -9.09
N ALA B 669 -5.77 -6.80 -9.66
CA ALA B 669 -4.76 -6.63 -10.70
C ALA B 669 -5.38 -6.18 -12.01
N CYS B 670 -6.62 -6.59 -12.27
CA CYS B 670 -7.29 -6.13 -13.48
C CYS B 670 -7.69 -4.67 -13.37
N ALA B 671 -7.98 -4.20 -12.16
CA ALA B 671 -8.40 -2.82 -12.01
C ALA B 671 -7.21 -1.87 -12.08
N LEU B 672 -6.09 -2.26 -11.47
CA LEU B 672 -4.94 -1.36 -11.36
C LEU B 672 -4.28 -1.14 -12.72
N GLN B 673 -4.13 -2.21 -13.50
CA GLN B 673 -3.46 -2.07 -14.78
C GLN B 673 -4.35 -1.36 -15.79
N THR B 674 -5.66 -1.37 -15.56
CA THR B 674 -6.54 -0.58 -16.40
C THR B 674 -6.58 0.88 -15.97
N LEU B 675 -6.52 1.15 -14.66
CA LEU B 675 -6.52 2.53 -14.19
C LEU B 675 -5.17 3.20 -14.41
N LEU B 676 -4.09 2.58 -13.94
CA LEU B 676 -2.77 3.20 -14.07
C LEU B 676 -2.23 3.15 -15.50
N ARG B 677 -2.85 2.35 -16.38
CA ARG B 677 -2.38 2.07 -17.73
C ARG B 677 -0.95 1.54 -17.72
N THR B 678 -0.79 0.36 -17.14
CA THR B 678 0.47 -0.35 -17.25
C THR B 678 0.65 -0.78 -18.71
N PRO B 679 1.84 -0.57 -19.28
CA PRO B 679 2.04 -0.86 -20.70
C PRO B 679 1.88 -2.32 -21.05
N ASN B 680 1.50 -2.55 -22.32
CA ASN B 680 1.02 -3.82 -22.85
C ASN B 680 -0.14 -4.35 -22.01
N TRP B 681 -1.24 -3.61 -22.06
CA TRP B 681 -2.49 -4.00 -21.40
C TRP B 681 -3.63 -3.35 -22.18
N ARG B 682 -4.21 -4.11 -23.10
CA ARG B 682 -5.31 -3.64 -23.95
C ARG B 682 -6.46 -4.63 -23.89
N PRO B 683 -7.38 -4.47 -22.96
CA PRO B 683 -8.53 -5.39 -22.87
C PRO B 683 -9.60 -5.14 -23.92
N ARG B 684 -9.45 -5.82 -25.06
CA ARG B 684 -10.39 -5.67 -26.15
C ARG B 684 -11.59 -6.56 -25.93
N PHE B 685 -12.31 -6.28 -24.85
CA PHE B 685 -13.54 -7.00 -24.55
C PHE B 685 -14.72 -6.04 -24.51
N ARG B 686 -15.86 -6.51 -25.00
CA ARG B 686 -17.08 -5.72 -25.08
C ARG B 686 -17.58 -5.30 -23.71
N TYR B 687 -17.96 -6.28 -22.90
CA TYR B 687 -18.75 -6.04 -21.70
C TYR B 687 -17.79 -5.84 -20.52
N TYR B 688 -16.90 -4.87 -20.66
CA TYR B 688 -15.93 -4.67 -19.59
C TYR B 688 -15.81 -3.18 -19.27
N HIS B 689 -15.66 -2.90 -17.98
CA HIS B 689 -15.34 -1.58 -17.48
C HIS B 689 -14.43 -1.78 -16.28
N TRP B 690 -13.59 -0.78 -16.00
CA TRP B 690 -12.62 -0.91 -14.93
C TRP B 690 -13.25 -0.93 -13.55
N ALA B 691 -14.39 -0.26 -13.36
CA ALA B 691 -14.97 -0.19 -12.02
C ALA B 691 -15.70 -1.46 -11.66
N LEU B 692 -16.00 -2.32 -12.64
CA LEU B 692 -16.68 -3.55 -12.32
C LEU B 692 -15.77 -4.55 -11.64
N SER B 693 -14.48 -4.54 -11.98
CA SER B 693 -13.52 -5.29 -11.19
C SER B 693 -13.26 -4.62 -9.86
N PHE B 694 -13.43 -3.30 -9.80
CA PHE B 694 -13.28 -2.59 -8.53
C PHE B 694 -14.45 -2.90 -7.60
N MET B 695 -15.64 -3.10 -8.16
CA MET B 695 -16.78 -3.46 -7.34
C MET B 695 -16.66 -4.89 -6.84
N GLY B 696 -16.11 -5.77 -7.67
CA GLY B 696 -15.79 -7.11 -7.22
C GLY B 696 -14.64 -7.12 -6.23
N MET B 697 -13.76 -6.11 -6.29
CA MET B 697 -12.66 -6.03 -5.34
C MET B 697 -13.18 -5.69 -3.95
N SER B 698 -14.25 -4.89 -3.88
CA SER B 698 -14.80 -4.53 -2.57
C SER B 698 -15.59 -5.67 -1.96
N ILE B 699 -16.38 -6.37 -2.78
CA ILE B 699 -17.27 -7.42 -2.27
C ILE B 699 -16.46 -8.61 -1.76
N CYS B 700 -15.42 -9.00 -2.49
CA CYS B 700 -14.55 -10.08 -2.05
C CYS B 700 -13.82 -9.72 -0.76
N LEU B 701 -13.53 -8.44 -0.57
CA LEU B 701 -12.96 -8.01 0.70
C LEU B 701 -14.03 -7.96 1.78
N ALA B 702 -15.28 -7.70 1.38
CA ALA B 702 -16.37 -7.68 2.36
C ALA B 702 -16.70 -9.10 2.81
N LEU B 703 -16.58 -10.06 1.90
CA LEU B 703 -16.77 -11.46 2.22
C LEU B 703 -15.70 -11.98 3.18
N MET B 704 -14.57 -11.29 3.23
CA MET B 704 -13.39 -11.85 3.87
C MET B 704 -13.38 -11.62 5.37
N PHE B 705 -13.58 -10.37 5.80
CA PHE B 705 -13.53 -10.05 7.22
C PHE B 705 -14.74 -10.60 7.97
N ILE B 706 -15.87 -10.69 7.28
CA ILE B 706 -17.11 -11.15 7.88
C ILE B 706 -17.05 -12.63 8.19
N SER B 707 -16.27 -13.40 7.42
CA SER B 707 -16.03 -14.80 7.76
C SER B 707 -15.28 -14.95 9.07
N SER B 708 -14.05 -14.44 9.13
CA SER B 708 -13.22 -14.56 10.32
C SER B 708 -12.10 -13.54 10.23
N TRP B 709 -12.11 -12.56 11.14
CA TRP B 709 -11.29 -11.36 10.95
C TRP B 709 -9.82 -11.61 11.29
N TYR B 710 -9.53 -12.45 12.29
CA TYR B 710 -8.13 -12.67 12.62
C TYR B 710 -7.52 -13.69 11.67
N TYR B 711 -8.36 -14.41 10.92
CA TYR B 711 -7.85 -15.11 9.75
C TYR B 711 -7.69 -14.16 8.58
N ALA B 712 -8.48 -13.08 8.56
CA ALA B 712 -8.55 -12.22 7.38
C ALA B 712 -7.30 -11.36 7.25
N ILE B 713 -6.81 -10.83 8.36
CA ILE B 713 -5.62 -9.98 8.33
C ILE B 713 -4.37 -10.81 8.04
N VAL B 714 -4.25 -11.98 8.69
CA VAL B 714 -3.07 -12.81 8.50
C VAL B 714 -3.05 -13.39 7.07
N ALA B 715 -4.22 -13.47 6.43
CA ALA B 715 -4.25 -13.88 5.04
C ALA B 715 -3.71 -12.77 4.13
N MET B 716 -4.15 -11.53 4.37
CA MET B 716 -3.75 -10.43 3.49
C MET B 716 -2.31 -10.00 3.75
N VAL B 717 -1.78 -10.29 4.94
CA VAL B 717 -0.41 -9.91 5.26
C VAL B 717 0.58 -10.95 4.74
N ILE B 718 0.23 -12.23 4.84
CA ILE B 718 1.10 -13.27 4.27
C ILE B 718 1.02 -13.24 2.75
N ALA B 719 -0.03 -12.62 2.20
CA ALA B 719 -0.08 -12.43 0.77
C ALA B 719 0.85 -11.32 0.32
N GLY B 720 0.97 -10.27 1.14
CA GLY B 720 1.75 -9.12 0.71
C GLY B 720 3.24 -9.38 0.72
N MET B 721 3.73 -10.10 1.73
CA MET B 721 5.17 -10.27 1.85
C MET B 721 5.68 -11.35 0.90
N ILE B 722 4.80 -12.25 0.46
CA ILE B 722 5.18 -13.17 -0.61
C ILE B 722 5.14 -12.46 -1.96
N TYR B 723 4.23 -11.48 -2.11
CA TYR B 723 4.20 -10.66 -3.31
C TYR B 723 5.49 -9.87 -3.50
N LYS B 724 5.95 -9.21 -2.45
CA LYS B 724 7.14 -8.39 -2.56
C LYS B 724 8.38 -9.26 -2.70
N TYR B 725 8.34 -10.47 -2.15
CA TYR B 725 9.48 -11.38 -2.24
C TYR B 725 9.64 -11.92 -3.64
N ILE B 726 8.57 -11.92 -4.44
CA ILE B 726 8.71 -12.08 -5.87
C ILE B 726 9.43 -10.87 -6.47
N GLU B 727 9.02 -9.68 -6.05
CA GLU B 727 9.52 -8.45 -6.66
C GLU B 727 10.98 -8.23 -6.29
N TYR B 728 11.40 -8.72 -5.12
CA TYR B 728 12.80 -8.68 -4.78
C TYR B 728 13.62 -9.60 -5.66
N GLN B 729 13.15 -10.82 -5.86
CA GLN B 729 13.96 -11.80 -6.57
C GLN B 729 13.86 -11.65 -8.08
N GLY B 730 13.03 -10.72 -8.55
CA GLY B 730 13.20 -10.26 -9.93
C GLY B 730 14.47 -9.44 -10.09
N ALA B 731 14.85 -8.71 -9.03
CA ALA B 731 16.03 -7.85 -9.10
C ALA B 731 17.32 -8.65 -9.03
N GLU B 732 17.36 -9.66 -8.16
CA GLU B 732 18.57 -10.49 -8.05
C GLU B 732 18.71 -11.50 -9.17
N LYS B 733 17.94 -11.40 -10.23
CA LYS B 733 18.16 -12.22 -11.42
C LYS B 733 18.44 -11.30 -12.59
N GLU B 734 17.75 -10.15 -12.63
CA GLU B 734 17.76 -9.33 -13.82
C GLU B 734 18.79 -8.21 -13.73
N TRP B 735 18.69 -7.36 -12.72
CA TRP B 735 19.60 -6.22 -12.60
C TRP B 735 20.82 -6.60 -11.76
N GLY B 736 21.43 -7.72 -12.09
CA GLY B 736 22.54 -8.18 -11.27
C GLY B 736 22.00 -8.76 -9.99
N ASP B 737 22.25 -8.08 -8.88
CA ASP B 737 21.79 -8.50 -7.56
C ASP B 737 21.46 -7.29 -6.71
N GLY B 738 21.05 -7.55 -5.49
CA GLY B 738 20.96 -6.54 -4.45
C GLY B 738 19.58 -5.93 -4.38
N ILE B 739 19.45 -4.98 -3.44
CA ILE B 739 18.25 -4.17 -3.28
C ILE B 739 18.27 -2.92 -4.13
N ARG B 740 19.42 -2.59 -4.71
CA ARG B 740 19.53 -1.42 -5.57
C ARG B 740 18.85 -1.64 -6.91
N GLY B 741 18.72 -2.91 -7.32
CA GLY B 741 18.10 -3.19 -8.60
C GLY B 741 16.61 -2.93 -8.58
N LEU B 742 16.00 -2.98 -7.40
CA LEU B 742 14.57 -2.68 -7.28
C LEU B 742 14.29 -1.22 -7.56
N SER B 743 15.21 -0.34 -7.20
CA SER B 743 15.06 1.05 -7.59
C SER B 743 15.38 1.25 -9.06
N LEU B 744 16.34 0.49 -9.59
CA LEU B 744 16.59 0.49 -11.02
C LEU B 744 15.40 -0.02 -11.79
N SER B 745 14.79 -1.12 -11.32
CA SER B 745 13.62 -1.68 -11.98
C SER B 745 12.46 -0.71 -11.94
N ALA B 746 12.27 -0.05 -10.80
CA ALA B 746 11.20 0.94 -10.70
C ALA B 746 11.53 2.17 -11.51
N ALA B 747 12.82 2.43 -11.75
CA ALA B 747 13.19 3.54 -12.62
C ALA B 747 12.83 3.24 -14.06
N ARG B 748 13.18 2.04 -14.54
CA ARG B 748 12.89 1.67 -15.92
C ARG B 748 11.41 1.50 -16.13
N PHE B 749 10.69 1.03 -15.11
CA PHE B 749 9.26 0.87 -15.22
C PHE B 749 8.55 2.22 -15.28
N ALA B 750 9.21 3.27 -14.81
CA ALA B 750 8.65 4.61 -14.90
C ALA B 750 9.06 5.29 -16.19
N LEU B 751 10.29 5.04 -16.64
CA LEU B 751 10.80 5.74 -17.82
C LEU B 751 10.15 5.24 -19.09
N LEU B 752 9.73 3.98 -19.12
CA LEU B 752 9.05 3.45 -20.28
C LEU B 752 7.64 4.01 -20.42
N ARG B 753 7.09 4.54 -19.33
CA ARG B 753 5.70 4.96 -19.35
C ARG B 753 5.51 6.25 -20.12
N LEU B 754 6.48 7.17 -20.04
CA LEU B 754 6.30 8.47 -20.68
C LEU B 754 6.46 8.39 -22.20
N GLU B 755 6.92 7.24 -22.71
CA GLU B 755 7.09 7.08 -24.15
C GLU B 755 5.76 7.00 -24.91
N GLU B 756 4.64 6.95 -24.19
CA GLU B 756 3.32 6.89 -24.81
C GLU B 756 2.88 8.25 -25.33
N GLY B 757 2.86 9.26 -24.47
CA GLY B 757 2.27 10.53 -24.80
C GLY B 757 3.26 11.58 -25.29
N PRO B 758 2.77 12.79 -25.54
CA PRO B 758 3.66 13.88 -25.91
C PRO B 758 4.12 14.65 -24.69
N PRO B 759 5.32 15.20 -24.71
CA PRO B 759 5.81 15.95 -23.54
C PRO B 759 5.22 17.35 -23.46
N HIS B 760 4.57 17.78 -24.54
CA HIS B 760 4.06 19.14 -24.69
C HIS B 760 2.56 19.23 -24.45
N THR B 761 2.03 18.50 -23.48
CA THR B 761 0.59 18.42 -23.32
C THR B 761 0.00 19.69 -22.72
N LYS B 762 0.45 20.10 -21.53
CA LYS B 762 -0.13 21.30 -20.93
C LYS B 762 0.85 22.42 -20.61
N ASN B 763 1.85 22.15 -19.77
CA ASN B 763 2.48 23.23 -19.02
C ASN B 763 3.94 23.34 -19.42
N TRP B 764 4.59 24.38 -18.90
CA TRP B 764 6.03 24.57 -19.03
C TRP B 764 6.63 24.72 -17.65
N ARG B 765 7.78 24.08 -17.43
CA ARG B 765 8.68 24.35 -16.33
C ARG B 765 10.11 24.28 -16.83
N PRO B 766 11.03 25.04 -16.23
CA PRO B 766 12.44 24.93 -16.62
C PRO B 766 13.05 23.68 -16.03
N GLN B 767 13.74 22.91 -16.85
CA GLN B 767 14.54 21.79 -16.39
C GLN B 767 15.97 22.07 -16.83
N LEU B 768 16.82 22.34 -15.86
CA LEU B 768 18.08 23.01 -16.14
C LEU B 768 19.15 22.04 -16.60
N LEU B 769 19.72 22.35 -17.75
CA LEU B 769 21.05 21.89 -18.12
C LEU B 769 21.97 23.08 -17.94
N VAL B 770 22.91 22.97 -17.01
CA VAL B 770 23.95 23.97 -16.85
C VAL B 770 25.23 23.36 -17.38
N LEU B 771 26.16 24.19 -17.81
CA LEU B 771 27.42 23.72 -18.34
C LEU B 771 28.55 24.61 -17.87
N LEU B 772 29.62 23.97 -17.40
CA LEU B 772 30.70 24.65 -16.72
C LEU B 772 31.97 24.49 -17.52
N LYS B 773 32.62 25.60 -17.83
CA LYS B 773 33.85 25.56 -18.59
C LYS B 773 35.00 25.26 -17.65
N LEU B 774 35.93 24.43 -18.10
CA LEU B 774 37.02 23.94 -17.27
C LEU B 774 38.33 24.30 -17.94
N ASP B 775 39.22 24.96 -17.20
CA ASP B 775 40.54 25.30 -17.71
C ASP B 775 41.53 24.20 -17.33
N GLU B 776 42.83 24.45 -17.55
CA GLU B 776 43.87 23.54 -17.09
C GLU B 776 43.89 23.47 -15.57
N ASP B 777 44.39 22.37 -15.02
CA ASP B 777 44.28 22.01 -13.60
C ASP B 777 42.81 22.11 -13.19
N LEU B 778 42.02 21.22 -13.78
CA LEU B 778 40.60 21.41 -14.06
C LEU B 778 39.74 21.76 -12.86
N HIS B 779 39.22 22.98 -12.87
CA HIS B 779 38.24 23.41 -11.90
C HIS B 779 37.19 24.21 -12.65
N VAL B 780 36.03 24.36 -12.02
CA VAL B 780 34.97 25.15 -12.59
C VAL B 780 35.35 26.62 -12.64
N LYS B 781 35.20 27.21 -13.82
CA LYS B 781 35.51 28.61 -14.00
C LYS B 781 34.56 29.52 -13.23
N HIS B 782 33.28 29.18 -13.14
CA HIS B 782 32.29 30.00 -12.44
C HIS B 782 31.30 29.11 -11.70
N PRO B 783 31.54 28.86 -10.41
CA PRO B 783 30.55 28.10 -9.62
C PRO B 783 29.28 28.87 -9.35
N ARG B 784 29.22 30.16 -9.68
CA ARG B 784 28.09 30.99 -9.28
C ARG B 784 26.85 30.63 -10.05
N LEU B 785 27.01 30.00 -11.22
CA LEU B 785 25.88 29.38 -11.90
C LEU B 785 25.33 28.24 -11.05
N LEU B 786 26.23 27.45 -10.48
CA LEU B 786 25.82 26.26 -9.74
C LEU B 786 25.20 26.66 -8.40
N THR B 787 25.56 27.84 -7.89
CA THR B 787 24.76 28.47 -6.84
C THR B 787 23.41 28.85 -7.38
N PHE B 788 23.39 29.58 -8.50
CA PHE B 788 22.19 30.16 -9.06
C PHE B 788 21.21 29.13 -9.57
N ALA B 789 21.73 28.02 -10.11
CA ALA B 789 20.85 26.94 -10.56
C ALA B 789 20.06 26.37 -9.40
N SER B 790 20.74 26.13 -8.29
CA SER B 790 20.05 25.72 -7.08
C SER B 790 19.24 26.85 -6.48
N GLN B 791 19.52 28.10 -6.87
CA GLN B 791 18.64 29.19 -6.46
C GLN B 791 17.39 29.30 -7.30
N LEU B 792 17.12 28.33 -8.18
CA LEU B 792 15.79 28.18 -8.76
C LEU B 792 15.13 26.89 -8.33
N LYS B 793 15.70 25.75 -8.69
CA LYS B 793 15.04 24.48 -8.44
C LYS B 793 15.68 23.72 -7.27
N ALA B 794 15.57 24.34 -6.10
CA ALA B 794 16.14 23.75 -4.90
C ALA B 794 15.27 22.62 -4.40
N GLY B 795 15.81 21.40 -4.42
CA GLY B 795 15.07 20.23 -3.97
C GLY B 795 13.94 19.93 -4.92
N LYS B 796 14.26 19.96 -6.20
CA LYS B 796 13.28 20.02 -7.27
C LYS B 796 13.86 19.25 -8.45
N GLY B 797 13.37 19.51 -9.65
CA GLY B 797 13.52 18.62 -10.79
C GLY B 797 14.88 18.36 -11.42
N LEU B 798 14.86 18.03 -12.71
CA LEU B 798 16.04 17.54 -13.40
C LEU B 798 17.09 18.63 -13.58
N THR B 799 18.27 18.37 -13.03
CA THR B 799 19.39 19.29 -13.15
C THR B 799 20.57 18.51 -13.70
N ILE B 800 21.13 18.94 -14.81
CA ILE B 800 22.28 18.28 -15.41
C ILE B 800 23.41 19.29 -15.44
N VAL B 801 24.58 18.90 -14.98
CA VAL B 801 25.74 19.77 -15.10
C VAL B 801 26.54 19.32 -16.31
N GLY B 802 26.99 20.28 -17.11
CA GLY B 802 27.69 20.01 -18.34
C GLY B 802 29.15 20.38 -18.22
N SER B 803 29.98 19.62 -18.90
CA SER B 803 31.42 19.71 -18.75
C SER B 803 32.10 19.01 -19.90
N VAL B 804 33.24 19.57 -20.31
CA VAL B 804 33.95 19.11 -21.49
C VAL B 804 35.45 19.17 -21.22
N ILE B 805 36.15 18.13 -21.67
CA ILE B 805 37.60 18.11 -21.67
C ILE B 805 38.02 17.94 -23.12
N VAL B 806 39.10 18.60 -23.52
CA VAL B 806 39.53 18.63 -24.91
C VAL B 806 40.60 17.56 -25.17
N GLY B 807 40.42 16.83 -26.26
CA GLY B 807 41.46 16.04 -26.87
C GLY B 807 41.73 14.66 -26.28
N ASN B 808 41.70 13.65 -27.15
CA ASN B 808 42.35 12.35 -26.94
C ASN B 808 41.83 11.63 -25.70
N PHE B 809 40.61 11.13 -25.80
CA PHE B 809 39.97 10.36 -24.73
C PHE B 809 40.77 9.13 -24.28
N LEU B 810 41.69 8.63 -25.11
CA LEU B 810 42.18 7.26 -24.97
C LEU B 810 43.09 7.07 -23.76
N GLU B 811 43.45 8.13 -23.05
CA GLU B 811 44.31 7.98 -21.90
C GLU B 811 43.89 8.81 -20.68
N ASN B 812 43.19 9.91 -20.86
CA ASN B 812 42.86 10.82 -19.77
C ASN B 812 41.54 10.48 -19.11
N TYR B 813 41.11 9.22 -19.21
CA TYR B 813 39.85 8.78 -18.65
C TYR B 813 39.85 8.80 -17.13
N GLY B 814 40.98 8.48 -16.51
CA GLY B 814 41.05 8.48 -15.06
C GLY B 814 41.00 9.89 -14.51
N GLU B 815 41.52 10.86 -15.28
CA GLU B 815 41.31 12.25 -14.96
C GLU B 815 39.83 12.60 -15.01
N ALA B 816 39.12 12.07 -16.00
CA ALA B 816 37.69 12.31 -16.09
C ALA B 816 36.95 11.64 -14.96
N LEU B 817 37.46 10.50 -14.49
CA LEU B 817 36.92 9.89 -13.28
C LEU B 817 37.24 10.76 -12.06
N ALA B 818 38.36 11.48 -12.13
CA ALA B 818 38.72 12.36 -11.03
C ALA B 818 38.04 13.72 -11.15
N ALA B 819 37.80 14.17 -12.39
CA ALA B 819 37.25 15.51 -12.56
C ALA B 819 35.78 15.55 -12.21
N GLU B 820 35.08 14.43 -12.39
CA GLU B 820 33.66 14.41 -12.04
C GLU B 820 33.46 14.41 -10.54
N GLN B 821 34.42 13.88 -9.79
CA GLN B 821 34.29 13.86 -8.34
C GLN B 821 34.43 15.26 -7.77
N THR B 822 35.12 16.14 -8.48
CA THR B 822 35.20 17.54 -8.06
C THR B 822 33.82 18.17 -8.09
N ILE B 823 33.04 17.87 -9.13
CA ILE B 823 31.71 18.43 -9.27
C ILE B 823 30.76 17.79 -8.28
N LYS B 824 30.95 16.49 -8.03
CA LYS B 824 30.08 15.75 -7.12
C LYS B 824 30.15 16.31 -5.71
N HIS B 825 31.36 16.69 -5.27
CA HIS B 825 31.47 17.34 -3.97
C HIS B 825 31.29 18.84 -4.07
N LEU B 826 30.90 19.33 -5.24
CA LEU B 826 30.62 20.74 -5.40
C LEU B 826 29.12 20.96 -5.54
N MET B 827 28.42 20.00 -6.17
CA MET B 827 26.97 20.07 -6.26
C MET B 827 26.34 19.81 -4.91
N GLU B 828 26.91 18.89 -4.13
CA GLU B 828 26.38 18.62 -2.80
C GLU B 828 26.71 19.75 -1.84
N ALA B 829 27.74 20.55 -2.17
CA ALA B 829 28.06 21.69 -1.33
C ALA B 829 27.02 22.77 -1.46
N GLU B 830 26.55 23.01 -2.68
CA GLU B 830 25.60 24.07 -2.92
C GLU B 830 24.19 23.55 -3.11
N LYS B 831 23.87 22.43 -2.46
CA LYS B 831 22.52 21.89 -2.36
C LYS B 831 21.91 21.56 -3.72
N VAL B 832 22.72 20.98 -4.60
CA VAL B 832 22.25 20.56 -5.91
C VAL B 832 22.04 19.06 -5.89
N LYS B 833 20.79 18.64 -6.09
CA LYS B 833 20.44 17.24 -6.31
C LYS B 833 20.21 17.09 -7.80
N GLY B 834 21.31 16.90 -8.54
CA GLY B 834 21.27 16.76 -9.97
C GLY B 834 22.23 15.70 -10.46
N PHE B 835 22.53 15.70 -11.75
CA PHE B 835 23.27 14.63 -12.38
C PHE B 835 24.47 15.20 -13.11
N CYS B 836 25.50 14.38 -13.24
CA CYS B 836 26.77 14.81 -13.82
C CYS B 836 26.99 14.15 -15.17
N GLN B 837 27.54 14.93 -16.10
CA GLN B 837 27.91 14.44 -17.42
C GLN B 837 29.25 15.05 -17.81
N LEU B 838 30.26 14.20 -18.00
CA LEU B 838 31.58 14.67 -18.38
C LEU B 838 32.03 13.94 -19.64
N VAL B 839 32.51 14.72 -20.61
CA VAL B 839 32.91 14.23 -21.92
C VAL B 839 34.32 14.72 -22.21
N VAL B 840 35.20 13.80 -22.57
CA VAL B 840 36.51 14.14 -23.07
C VAL B 840 36.41 14.11 -24.59
N ALA B 841 36.02 15.24 -25.18
CA ALA B 841 35.87 15.37 -26.60
C ALA B 841 37.17 15.88 -27.20
N ALA B 842 37.17 16.12 -28.51
CA ALA B 842 38.33 16.71 -29.15
C ALA B 842 38.29 18.22 -29.04
N LYS B 843 37.31 18.85 -29.69
CA LYS B 843 37.22 20.29 -29.79
C LYS B 843 36.05 20.77 -28.95
N LEU B 844 36.15 22.02 -28.48
CA LEU B 844 35.13 22.58 -27.59
C LEU B 844 33.78 22.71 -28.26
N ARG B 845 33.76 23.09 -29.53
CA ARG B 845 32.51 23.27 -30.26
C ARG B 845 31.76 21.96 -30.42
N GLU B 846 32.49 20.85 -30.47
CA GLU B 846 31.88 19.54 -30.64
C GLU B 846 31.21 19.06 -29.37
N GLY B 847 31.82 19.28 -28.22
CA GLY B 847 31.25 18.77 -26.99
C GLY B 847 30.05 19.58 -26.54
N ILE B 848 30.09 20.89 -26.74
CA ILE B 848 29.00 21.74 -26.30
C ILE B 848 27.77 21.51 -27.16
N SER B 849 27.96 21.13 -28.42
CA SER B 849 26.83 20.84 -29.28
C SER B 849 26.22 19.50 -28.90
N HIS B 850 27.04 18.62 -28.33
CA HIS B 850 26.57 17.29 -28.09
C HIS B 850 25.73 17.19 -26.84
N LEU B 851 26.16 17.84 -25.76
CA LEU B 851 25.48 17.68 -24.49
C LEU B 851 24.16 18.42 -24.47
N ILE B 852 23.96 19.36 -25.40
CA ILE B 852 22.65 19.98 -25.51
C ILE B 852 21.66 19.00 -26.12
N GLN B 853 22.11 18.21 -27.09
CA GLN B 853 21.21 17.35 -27.83
C GLN B 853 21.21 15.92 -27.31
N SER B 854 22.06 15.60 -26.34
CA SER B 854 22.17 14.22 -25.92
C SER B 854 22.34 14.10 -24.42
N CYS B 855 21.54 14.83 -23.65
CA CYS B 855 21.55 14.63 -22.20
C CYS B 855 20.14 14.32 -21.73
N GLY B 856 20.04 13.36 -20.82
CA GLY B 856 18.75 12.95 -20.31
C GLY B 856 18.18 11.84 -21.16
N LEU B 857 18.10 10.64 -20.62
CA LEU B 857 17.60 9.54 -21.43
C LEU B 857 16.08 9.60 -21.52
N GLY B 858 15.58 9.35 -22.72
CA GLY B 858 14.19 9.04 -22.87
C GLY B 858 13.27 10.23 -22.65
N GLY B 859 12.25 9.97 -21.84
CA GLY B 859 11.30 11.01 -21.51
C GLY B 859 11.84 12.06 -20.57
N MET B 860 12.82 11.70 -19.74
CA MET B 860 13.44 12.65 -18.83
C MET B 860 14.49 13.44 -19.59
N LYS B 861 14.07 14.57 -20.12
CA LYS B 861 14.92 15.45 -20.90
C LYS B 861 15.09 16.77 -20.18
N HIS B 862 16.23 17.42 -20.39
CA HIS B 862 16.39 18.77 -19.92
C HIS B 862 15.56 19.70 -20.79
N ASN B 863 15.17 20.84 -20.24
CA ASN B 863 14.25 21.71 -20.94
C ASN B 863 14.89 23.00 -21.41
N THR B 864 16.00 23.42 -20.78
CA THR B 864 16.61 24.71 -21.05
C THR B 864 18.07 24.68 -20.66
N VAL B 865 18.83 25.65 -21.16
CA VAL B 865 20.28 25.68 -20.98
C VAL B 865 20.65 26.94 -20.22
N VAL B 866 21.49 26.80 -19.21
CA VAL B 866 22.04 27.93 -18.48
C VAL B 866 23.56 27.92 -18.64
N MET B 867 24.10 29.06 -19.06
CA MET B 867 25.46 29.16 -19.53
C MET B 867 26.09 30.43 -19.00
N GLY B 868 27.40 30.36 -18.73
CA GLY B 868 28.14 31.55 -18.35
C GLY B 868 28.44 32.45 -19.53
N TRP B 869 29.37 33.38 -19.34
CA TRP B 869 29.59 34.43 -20.31
C TRP B 869 31.05 34.46 -20.66
N PRO B 870 31.43 34.67 -21.92
CA PRO B 870 32.83 34.94 -22.21
C PRO B 870 33.21 36.32 -21.70
N ASN B 871 33.87 36.35 -20.55
CA ASN B 871 33.94 37.59 -19.78
C ASN B 871 35.08 38.47 -20.25
N GLY B 872 36.29 37.92 -20.31
CA GLY B 872 37.41 38.66 -20.88
C GLY B 872 37.30 38.67 -22.39
N TRP B 873 36.37 39.46 -22.92
CA TRP B 873 35.86 39.22 -24.26
C TRP B 873 36.83 39.73 -25.33
N ARG B 874 37.07 41.04 -25.36
CA ARG B 874 37.92 41.64 -26.38
C ARG B 874 39.36 41.40 -25.95
N GLN B 875 39.87 40.21 -26.23
CA GLN B 875 41.19 39.80 -25.78
C GLN B 875 41.87 39.02 -26.90
N SER B 876 42.97 38.34 -26.55
CA SER B 876 43.96 37.83 -27.49
C SER B 876 43.47 36.75 -28.46
N GLU B 877 43.13 35.58 -27.92
CA GLU B 877 42.95 34.39 -28.76
C GLU B 877 41.52 33.86 -28.75
N ASP B 878 40.77 34.10 -27.72
CA ASP B 878 39.45 33.53 -27.47
C ASP B 878 38.35 34.03 -28.43
N ALA B 879 38.65 34.73 -29.54
CA ALA B 879 37.60 35.15 -30.47
C ALA B 879 36.90 33.95 -31.08
N ARG B 880 37.65 32.88 -31.39
CA ARG B 880 36.99 31.65 -31.78
C ARG B 880 36.25 31.03 -30.60
N ALA B 881 36.84 31.11 -29.40
CA ALA B 881 36.16 30.62 -28.20
C ALA B 881 34.93 31.46 -27.90
N TRP B 882 35.00 32.75 -28.23
CA TRP B 882 33.80 33.57 -28.24
C TRP B 882 32.78 33.08 -29.26
N LYS B 883 33.24 32.61 -30.42
CA LYS B 883 32.30 32.13 -31.41
C LYS B 883 31.74 30.77 -31.04
N THR B 884 32.43 30.02 -30.17
CA THR B 884 31.83 28.82 -29.62
C THR B 884 30.69 29.16 -28.69
N PHE B 885 30.80 30.29 -27.99
CA PHE B 885 29.65 30.82 -27.26
C PHE B 885 28.56 31.25 -28.23
N ILE B 886 28.94 31.74 -29.40
CA ILE B 886 27.95 32.01 -30.43
C ILE B 886 27.42 30.71 -31.00
N GLY B 887 28.30 29.71 -31.10
CA GLY B 887 27.90 28.42 -31.64
C GLY B 887 26.90 27.70 -30.77
N THR B 888 26.89 28.00 -29.47
CA THR B 888 25.86 27.43 -28.60
C THR B 888 24.50 28.03 -28.88
N VAL B 889 24.47 29.29 -29.32
CA VAL B 889 23.21 30.00 -29.44
C VAL B 889 22.41 29.44 -30.61
N ARG B 890 23.07 29.18 -31.73
CA ARG B 890 22.36 28.66 -32.89
C ARG B 890 21.99 27.20 -32.72
N VAL B 891 22.61 26.51 -31.76
CA VAL B 891 22.17 25.16 -31.42
C VAL B 891 20.80 25.21 -30.75
N THR B 892 20.66 26.05 -29.74
CA THR B 892 19.45 26.07 -28.93
C THR B 892 18.26 26.60 -29.70
N THR B 893 18.49 27.41 -30.73
CA THR B 893 17.42 27.79 -31.64
C THR B 893 16.97 26.58 -32.43
N ALA B 894 17.92 25.81 -32.95
CA ALA B 894 17.59 24.65 -33.77
C ALA B 894 16.97 23.54 -32.92
N ALA B 895 17.48 23.37 -31.70
CA ALA B 895 16.87 22.39 -30.82
C ALA B 895 15.64 22.92 -30.10
N HIS B 896 15.32 24.20 -30.27
CA HIS B 896 14.14 24.88 -29.71
C HIS B 896 14.12 24.78 -28.19
N LEU B 897 15.28 24.98 -27.59
CA LEU B 897 15.43 24.90 -26.15
C LEU B 897 15.83 26.27 -25.62
N ALA B 898 15.18 26.66 -24.51
CA ALA B 898 15.34 27.98 -23.94
C ALA B 898 16.74 28.18 -23.40
N LEU B 899 17.18 29.43 -23.36
CA LEU B 899 18.55 29.76 -22.98
C LEU B 899 18.56 30.88 -21.96
N LEU B 900 19.30 30.67 -20.87
CA LEU B 900 19.41 31.64 -19.79
C LEU B 900 20.89 31.85 -19.50
N VAL B 901 21.48 32.87 -20.12
CA VAL B 901 22.89 33.17 -19.99
C VAL B 901 23.08 34.33 -19.02
N ALA B 902 24.02 34.18 -18.10
CA ALA B 902 24.23 35.13 -17.02
C ALA B 902 25.36 36.08 -17.39
N LYS B 903 25.29 37.31 -16.88
CA LYS B 903 26.32 38.31 -17.09
C LYS B 903 26.78 38.85 -15.74
N ASN B 904 28.08 39.15 -15.65
CA ASN B 904 28.78 39.60 -14.43
C ASN B 904 28.67 38.56 -13.31
N ILE B 905 29.35 37.45 -13.53
CA ILE B 905 29.03 36.21 -12.83
C ILE B 905 29.68 36.18 -11.45
N SER B 906 30.82 36.85 -11.30
CA SER B 906 31.47 36.91 -10.00
C SER B 906 30.65 37.73 -9.00
N PHE B 907 29.82 38.64 -9.50
CA PHE B 907 29.00 39.50 -8.65
C PHE B 907 27.64 38.86 -8.41
N PHE B 908 27.67 37.61 -8.02
CA PHE B 908 26.46 36.86 -7.75
C PHE B 908 26.41 36.44 -6.29
N PRO B 909 25.27 36.62 -5.65
CA PRO B 909 25.13 36.29 -4.22
C PRO B 909 25.26 34.80 -3.94
N SER B 910 26.01 34.47 -2.91
CA SER B 910 26.14 33.08 -2.54
C SER B 910 24.88 32.59 -1.81
N ASN B 911 24.93 31.32 -1.44
CA ASN B 911 23.81 30.65 -0.80
C ASN B 911 23.76 30.92 0.70
N VAL B 912 24.75 31.63 1.24
CA VAL B 912 24.75 31.96 2.66
C VAL B 912 24.11 33.31 2.90
N GLU B 913 24.50 34.31 2.11
CA GLU B 913 24.04 35.67 2.29
C GLU B 913 22.58 35.81 1.87
N GLN B 914 21.97 36.92 2.25
CA GLN B 914 20.62 37.22 1.83
C GLN B 914 20.56 38.61 1.23
N PHE B 915 19.38 38.92 0.69
CA PHE B 915 19.08 40.23 0.13
C PHE B 915 17.88 40.84 0.83
N SER B 916 17.83 42.17 0.83
CA SER B 916 16.77 42.93 1.47
C SER B 916 16.55 44.22 0.70
N GLU B 917 15.33 44.37 0.15
CA GLU B 917 14.85 45.60 -0.52
C GLU B 917 15.70 45.99 -1.74
N GLY B 918 15.62 45.18 -2.79
CA GLY B 918 16.10 45.54 -4.11
C GLY B 918 15.09 45.14 -5.16
N ASN B 919 14.91 45.98 -6.17
CA ASN B 919 13.88 45.75 -7.18
C ASN B 919 14.40 44.80 -8.26
N ILE B 920 13.49 44.04 -8.85
CA ILE B 920 13.78 43.12 -9.94
C ILE B 920 12.91 43.52 -11.13
N ASP B 921 13.55 43.76 -12.28
CA ASP B 921 12.82 44.21 -13.47
C ASP B 921 12.89 43.18 -14.58
N VAL B 922 11.76 42.93 -15.19
CA VAL B 922 11.68 42.26 -16.46
C VAL B 922 11.51 43.35 -17.51
N TRP B 923 11.68 43.00 -18.78
CA TRP B 923 11.52 43.95 -19.87
C TRP B 923 10.82 43.27 -21.03
N TRP B 924 9.51 43.47 -21.12
CA TRP B 924 8.64 42.60 -21.88
C TRP B 924 8.66 42.93 -23.36
N ILE B 925 8.67 41.90 -24.19
CA ILE B 925 8.28 41.94 -25.59
C ILE B 925 7.20 40.88 -25.75
N VAL B 926 6.26 41.11 -26.66
CA VAL B 926 5.09 40.23 -26.82
C VAL B 926 5.46 38.82 -27.28
N HIS B 927 6.66 38.65 -27.82
CA HIS B 927 7.10 37.32 -28.23
C HIS B 927 8.00 36.64 -27.21
N ASP B 928 8.06 37.16 -25.98
CA ASP B 928 8.93 36.57 -24.96
C ASP B 928 8.34 35.29 -24.43
N GLY B 929 7.11 35.36 -23.95
CA GLY B 929 6.45 34.22 -23.36
C GLY B 929 6.44 34.31 -21.85
N GLY B 930 5.71 33.36 -21.25
CA GLY B 930 5.46 33.39 -19.83
C GLY B 930 6.63 32.99 -18.96
N MET B 931 7.77 32.64 -19.57
CA MET B 931 9.01 32.47 -18.81
C MET B 931 9.36 33.75 -18.07
N LEU B 932 9.26 34.87 -18.79
CA LEU B 932 9.63 36.17 -18.24
C LEU B 932 8.65 36.61 -17.15
N MET B 933 7.47 36.00 -17.12
CA MET B 933 6.57 36.15 -15.99
C MET B 933 6.89 35.14 -14.90
N LEU B 934 7.19 33.90 -15.28
CA LEU B 934 7.34 32.83 -14.29
C LEU B 934 8.69 32.91 -13.59
N LEU B 935 9.74 33.27 -14.31
CA LEU B 935 11.08 33.32 -13.73
C LEU B 935 11.27 34.28 -12.55
N PRO B 936 10.69 35.49 -12.48
CA PRO B 936 10.79 36.23 -11.22
C PRO B 936 10.03 35.58 -10.08
N PHE B 937 8.96 34.86 -10.39
CA PHE B 937 8.20 34.18 -9.35
C PHE B 937 8.99 33.03 -8.76
N LEU B 938 9.79 32.36 -9.58
CA LEU B 938 10.55 31.22 -9.08
C LEU B 938 11.71 31.67 -8.23
N LEU B 939 12.17 32.90 -8.43
CA LEU B 939 13.32 33.40 -7.70
C LEU B 939 12.98 33.69 -6.25
N LYS B 940 11.81 34.29 -6.00
CA LYS B 940 11.51 34.81 -4.68
C LYS B 940 11.25 33.71 -3.66
N GLN B 941 10.98 32.49 -4.14
CA GLN B 941 10.75 31.38 -3.23
C GLN B 941 12.03 30.98 -2.50
N HIS B 942 13.18 31.26 -3.08
CA HIS B 942 14.41 31.00 -2.35
C HIS B 942 14.65 32.10 -1.34
N LYS B 943 15.32 31.74 -0.23
CA LYS B 943 15.44 32.63 0.90
C LYS B 943 16.40 33.78 0.62
N VAL B 944 17.33 33.57 -0.32
CA VAL B 944 18.28 34.62 -0.65
C VAL B 944 17.59 35.72 -1.44
N TRP B 945 16.70 35.34 -2.34
CA TRP B 945 15.94 36.30 -3.11
C TRP B 945 14.55 36.54 -2.52
N ARG B 946 14.42 36.40 -1.21
CA ARG B 946 13.11 36.49 -0.57
C ARG B 946 12.63 37.93 -0.48
N LYS B 947 13.35 38.76 0.26
CA LYS B 947 12.90 40.11 0.59
C LYS B 947 13.31 41.06 -0.53
N CYS B 948 12.69 40.90 -1.69
CA CYS B 948 12.98 41.77 -2.82
C CYS B 948 11.69 42.05 -3.58
N SER B 949 11.67 43.21 -4.23
CA SER B 949 10.47 43.75 -4.85
C SER B 949 10.53 43.53 -6.35
N ILE B 950 9.36 43.56 -6.99
CA ILE B 950 9.23 43.20 -8.39
C ILE B 950 8.62 44.37 -9.15
N ARG B 951 9.39 44.97 -10.05
CA ARG B 951 8.95 46.10 -10.85
C ARG B 951 8.87 45.68 -12.31
N ILE B 952 7.66 45.53 -12.82
CA ILE B 952 7.46 45.08 -14.19
C ILE B 952 7.59 46.28 -15.10
N PHE B 953 8.70 46.35 -15.81
CA PHE B 953 8.98 47.47 -16.70
C PHE B 953 8.85 46.98 -18.12
N THR B 954 7.67 47.11 -18.69
CA THR B 954 7.40 46.57 -20.01
C THR B 954 7.74 47.58 -21.08
N VAL B 955 8.07 47.06 -22.26
CA VAL B 955 8.38 47.86 -23.44
C VAL B 955 7.18 47.81 -24.38
N ALA B 956 6.57 48.96 -24.62
CA ALA B 956 5.39 49.04 -25.47
C ALA B 956 5.80 49.42 -26.87
N GLN B 957 5.20 48.74 -27.85
CA GLN B 957 5.38 49.09 -29.25
C GLN B 957 4.10 49.66 -29.85
N LEU B 958 2.95 49.40 -29.25
CA LEU B 958 1.68 49.88 -29.75
C LEU B 958 1.48 51.35 -29.34
N GLU B 959 0.21 51.78 -29.31
CA GLU B 959 -0.07 53.15 -28.92
C GLU B 959 -0.56 53.25 -27.48
N ASP B 960 -1.73 52.68 -27.20
CA ASP B 960 -2.35 52.84 -25.89
C ASP B 960 -1.82 51.81 -24.91
N ASN B 961 -1.85 52.14 -23.62
CA ASN B 961 -1.34 51.25 -22.60
C ASN B 961 -2.41 50.68 -21.69
N SER B 962 -3.58 51.31 -21.61
CA SER B 962 -4.56 50.98 -20.59
C SER B 962 -5.14 49.60 -20.81
N ILE B 963 -5.42 49.26 -22.07
CA ILE B 963 -5.83 47.90 -22.40
C ILE B 963 -4.63 46.97 -22.28
N GLN B 964 -3.44 47.46 -22.63
CA GLN B 964 -2.24 46.64 -22.51
C GLN B 964 -1.89 46.39 -21.05
N MET B 965 -2.11 47.39 -20.19
CA MET B 965 -1.93 47.15 -18.76
C MET B 965 -3.03 46.25 -18.23
N LYS B 966 -4.24 46.35 -18.80
CA LYS B 966 -5.30 45.40 -18.48
C LYS B 966 -4.93 44.00 -18.95
N LYS B 967 -4.17 43.90 -20.05
CA LYS B 967 -3.73 42.60 -20.52
C LYS B 967 -2.73 42.00 -19.54
N ASP B 968 -1.91 42.84 -18.91
CA ASP B 968 -1.01 42.36 -17.87
C ASP B 968 -1.77 41.98 -16.61
N LEU B 969 -2.67 42.85 -16.15
CA LEU B 969 -3.34 42.62 -14.88
C LEU B 969 -4.31 41.45 -14.96
N ALA B 970 -4.78 41.14 -16.18
CA ALA B 970 -5.49 39.90 -16.38
C ALA B 970 -4.59 38.70 -16.11
N THR B 971 -3.32 38.78 -16.53
CA THR B 971 -2.41 37.66 -16.33
C THR B 971 -2.07 37.49 -14.86
N PHE B 972 -1.95 38.60 -14.13
CA PHE B 972 -1.62 38.48 -12.70
C PHE B 972 -2.79 37.91 -11.92
N LEU B 973 -4.02 38.22 -12.34
CA LEU B 973 -5.17 37.54 -11.78
C LEU B 973 -5.19 36.08 -12.21
N TYR B 974 -4.62 35.79 -13.37
CA TYR B 974 -4.54 34.41 -13.82
C TYR B 974 -3.40 33.67 -13.14
N HIS B 975 -2.22 34.28 -13.06
CA HIS B 975 -1.03 33.55 -12.68
C HIS B 975 -0.79 33.49 -11.17
N LEU B 976 -1.74 33.97 -10.35
CA LEU B 976 -1.69 33.95 -8.89
C LEU B 976 -0.47 34.65 -8.32
N ARG B 977 0.06 35.65 -9.03
CA ARG B 977 1.29 36.30 -8.60
C ARG B 977 1.17 37.82 -8.72
N ILE B 978 0.11 38.36 -8.12
CA ILE B 978 -0.24 39.77 -8.26
C ILE B 978 0.65 40.69 -7.39
N GLU B 979 1.67 40.14 -6.72
CA GLU B 979 2.59 40.94 -5.93
C GLU B 979 3.43 41.89 -6.78
N ALA B 980 3.54 41.63 -8.08
CA ALA B 980 4.35 42.45 -8.95
C ALA B 980 3.70 43.80 -9.20
N GLU B 981 4.51 44.78 -9.59
CA GLU B 981 3.99 46.08 -9.95
C GLU B 981 4.49 46.50 -11.34
N VAL B 982 3.58 47.02 -12.14
CA VAL B 982 3.82 47.23 -13.55
C VAL B 982 4.23 48.67 -13.81
N GLU B 983 4.91 48.88 -14.95
CA GLU B 983 5.17 50.20 -15.49
C GLU B 983 5.50 50.08 -16.97
N VAL B 984 4.89 50.95 -17.77
CA VAL B 984 5.03 50.92 -19.22
C VAL B 984 6.02 51.98 -19.67
N VAL B 985 6.83 51.65 -20.68
CA VAL B 985 7.59 52.64 -21.43
C VAL B 985 7.34 52.41 -22.92
N GLU B 986 7.45 53.48 -23.68
CA GLU B 986 7.50 53.45 -25.14
C GLU B 986 8.14 54.73 -25.65
N MET B 987 9.10 54.59 -26.55
CA MET B 987 9.72 55.77 -27.11
C MET B 987 9.48 55.89 -28.61
N HIS B 988 9.99 54.92 -29.36
CA HIS B 988 9.94 54.91 -30.82
C HIS B 988 10.06 53.47 -31.28
N ASP B 989 9.25 53.09 -32.26
CA ASP B 989 9.27 51.72 -32.75
C ASP B 989 10.43 51.51 -33.72
N SER B 990 11.03 52.60 -34.20
CA SER B 990 12.24 52.49 -35.00
C SER B 990 13.45 52.24 -34.13
N ASP B 991 13.36 52.59 -32.84
CA ASP B 991 14.45 52.31 -31.91
C ASP B 991 14.50 50.85 -31.54
N ILE B 992 13.42 50.11 -31.80
CA ILE B 992 13.39 48.68 -31.62
C ILE B 992 13.28 47.95 -32.97
N SER B 993 13.85 48.54 -34.02
CA SER B 993 13.94 47.88 -35.31
C SER B 993 14.90 46.71 -35.28
N ALA B 994 15.77 46.67 -34.26
CA ALA B 994 16.58 45.49 -34.01
C ALA B 994 15.72 44.31 -33.57
N TYR B 995 14.55 44.60 -33.00
CA TYR B 995 13.70 43.54 -32.45
C TYR B 995 12.51 43.25 -33.36
N THR B 996 11.89 44.28 -33.93
CA THR B 996 10.73 44.03 -34.78
C THR B 996 11.11 43.41 -36.11
N TYR B 997 12.40 43.49 -36.48
CA TYR B 997 12.89 42.74 -37.63
C TYR B 997 12.84 41.26 -37.34
N GLU B 998 13.12 40.88 -36.09
CA GLU B 998 13.00 39.49 -35.67
C GLU B 998 11.55 39.12 -35.43
N ARG B 999 10.74 40.09 -35.00
CA ARG B 999 9.34 39.82 -34.70
C ARG B 999 8.53 39.55 -35.96
N THR B 1000 8.86 40.26 -37.05
CA THR B 1000 8.26 39.93 -38.34
C THR B 1000 8.73 38.57 -38.82
N LEU B 1001 9.96 38.19 -38.47
CA LEU B 1001 10.45 36.86 -38.80
C LEU B 1001 9.84 35.80 -37.89
N MET B 1002 9.33 36.19 -36.73
CA MET B 1002 8.59 35.26 -35.88
C MET B 1002 7.25 34.88 -36.49
N GLN B 1087 25.10 48.02 -42.19
CA GLN B 1087 24.20 49.17 -42.26
C GLN B 1087 23.07 49.03 -41.24
N SER B 1088 22.15 48.10 -41.52
CA SER B 1088 21.08 47.81 -40.56
C SER B 1088 21.65 47.23 -39.28
N ASN B 1089 22.67 46.39 -39.40
CA ASN B 1089 23.42 45.92 -38.25
C ASN B 1089 24.11 47.07 -37.52
N VAL B 1090 24.58 48.07 -38.26
CA VAL B 1090 25.07 49.29 -37.63
C VAL B 1090 23.90 50.11 -37.09
N ARG B 1091 22.76 50.08 -37.79
CA ARG B 1091 21.56 50.79 -37.34
C ARG B 1091 21.00 50.16 -36.08
N ARG B 1092 21.32 48.90 -35.82
CA ARG B 1092 21.04 48.30 -34.52
C ARG B 1092 21.92 48.91 -33.44
N MET B 1093 23.18 49.18 -33.77
CA MET B 1093 24.17 49.56 -32.76
C MET B 1093 23.98 50.96 -32.20
N HIS B 1094 23.29 51.84 -32.92
CA HIS B 1094 22.92 53.13 -32.36
C HIS B 1094 21.71 52.97 -31.43
N THR B 1095 20.87 51.98 -31.72
CA THR B 1095 19.68 51.76 -30.92
C THR B 1095 19.98 50.93 -29.68
N ALA B 1096 21.17 50.35 -29.59
CA ALA B 1096 21.58 49.69 -28.36
C ALA B 1096 21.83 50.72 -27.25
N VAL B 1097 22.44 51.85 -27.61
CA VAL B 1097 22.78 52.88 -26.64
C VAL B 1097 21.51 53.56 -26.14
N LYS B 1098 20.54 53.76 -27.04
CA LYS B 1098 19.37 54.56 -26.71
C LYS B 1098 18.42 53.81 -25.80
N LEU B 1099 18.37 52.49 -25.91
CA LEU B 1099 17.47 51.71 -25.08
C LEU B 1099 18.04 51.51 -23.68
N ASN B 1100 19.37 51.41 -23.57
CA ASN B 1100 19.99 51.17 -22.26
C ASN B 1100 19.92 52.40 -21.38
N GLU B 1101 19.79 53.57 -22.00
CA GLU B 1101 19.53 54.81 -21.26
C GLU B 1101 18.22 54.73 -20.50
N VAL B 1102 17.24 54.03 -21.07
CA VAL B 1102 15.95 53.87 -20.42
C VAL B 1102 16.07 52.91 -19.25
N ILE B 1103 16.93 51.91 -19.38
CA ILE B 1103 16.99 50.83 -18.40
C ILE B 1103 17.60 51.33 -17.09
N VAL B 1104 18.70 52.07 -17.20
CA VAL B 1104 19.42 52.48 -16.00
C VAL B 1104 18.70 53.61 -15.30
N ASN B 1105 17.91 54.39 -16.04
CA ASN B 1105 17.27 55.56 -15.44
C ASN B 1105 16.08 55.17 -14.59
N LYS B 1106 15.51 53.99 -14.78
CA LYS B 1106 14.45 53.52 -13.91
C LYS B 1106 14.85 52.31 -13.09
N SER B 1107 15.96 51.67 -13.40
CA SER B 1107 16.34 50.44 -12.72
C SER B 1107 17.84 50.36 -12.49
N HIS B 1108 18.48 51.43 -12.01
CA HIS B 1108 19.92 51.40 -11.79
C HIS B 1108 20.28 50.46 -10.64
N GLU B 1109 19.68 50.68 -9.48
CA GLU B 1109 19.99 49.87 -8.29
C GLU B 1109 19.07 48.65 -8.26
N ALA B 1110 19.25 47.81 -9.27
CA ALA B 1110 18.52 46.55 -9.37
C ALA B 1110 19.43 45.43 -8.91
N LYS B 1111 18.92 44.56 -8.05
CA LYS B 1111 19.73 43.43 -7.62
C LYS B 1111 19.70 42.31 -8.64
N LEU B 1112 18.75 42.36 -9.58
CA LEU B 1112 18.77 41.51 -10.76
C LEU B 1112 17.94 42.16 -11.86
N VAL B 1113 18.39 41.97 -13.10
CA VAL B 1113 17.73 42.49 -14.28
C VAL B 1113 17.35 41.30 -15.15
N LEU B 1114 16.15 41.33 -15.73
CA LEU B 1114 15.77 40.35 -16.73
C LEU B 1114 15.64 41.04 -18.08
N LEU B 1115 16.54 40.71 -18.99
CA LEU B 1115 16.51 41.24 -20.35
C LEU B 1115 16.29 40.11 -21.33
N ASN B 1116 15.65 40.45 -22.44
CA ASN B 1116 15.41 39.49 -23.48
C ASN B 1116 16.65 39.35 -24.35
N MET B 1117 16.91 38.14 -24.81
CA MET B 1117 18.00 37.92 -25.74
C MET B 1117 17.44 37.81 -27.14
N PRO B 1118 17.89 38.64 -28.08
CA PRO B 1118 17.26 38.65 -29.40
C PRO B 1118 17.72 37.48 -30.26
N GLY B 1119 17.18 37.41 -31.47
CA GLY B 1119 17.55 36.40 -32.41
C GLY B 1119 18.90 36.68 -33.04
N PRO B 1120 19.79 35.69 -33.02
CA PRO B 1120 21.09 35.84 -33.67
C PRO B 1120 20.92 35.85 -35.18
N PRO B 1121 21.88 36.41 -35.92
CA PRO B 1121 21.76 36.42 -37.38
C PRO B 1121 22.04 35.07 -37.99
N ARG B 1122 21.44 34.82 -39.15
CA ARG B 1122 21.72 33.56 -39.84
C ARG B 1122 23.05 33.63 -40.58
N ASN B 1123 23.56 34.83 -40.78
CA ASN B 1123 24.82 35.01 -41.49
C ASN B 1123 25.99 34.68 -40.57
N PRO B 1124 27.03 34.00 -41.07
CA PRO B 1124 28.21 33.74 -40.23
C PRO B 1124 28.97 34.99 -39.85
N GLU B 1125 28.98 36.01 -40.72
CA GLU B 1125 29.57 37.31 -40.37
C GLU B 1125 28.49 38.27 -39.86
N GLY B 1126 27.74 37.78 -38.89
CA GLY B 1126 26.91 38.64 -38.07
C GLY B 1126 27.37 38.47 -36.64
N ASP B 1127 28.64 38.05 -36.53
CA ASP B 1127 29.23 37.71 -35.26
C ASP B 1127 29.43 38.96 -34.38
N GLU B 1128 30.07 39.99 -34.93
CA GLU B 1128 30.19 41.24 -34.21
C GLU B 1128 28.90 42.04 -34.27
N ASN B 1129 28.09 41.78 -35.31
CA ASN B 1129 26.87 42.53 -35.54
C ASN B 1129 25.79 42.19 -34.52
N TYR B 1130 25.99 41.13 -33.76
CA TYR B 1130 25.11 40.73 -32.70
C TYR B 1130 25.68 40.99 -31.32
N MET B 1131 26.99 41.10 -31.15
CA MET B 1131 27.57 41.00 -29.81
C MET B 1131 28.01 42.33 -29.23
N GLU B 1132 28.54 43.23 -30.06
CA GLU B 1132 28.74 44.60 -29.62
C GLU B 1132 27.41 45.27 -29.35
N PHE B 1133 26.38 44.88 -30.12
CA PHE B 1133 25.02 45.27 -29.81
C PHE B 1133 24.58 44.78 -28.44
N LEU B 1134 25.07 43.62 -28.01
CA LEU B 1134 24.69 43.12 -26.70
C LEU B 1134 25.59 43.64 -25.59
N GLU B 1135 26.87 43.91 -25.90
CA GLU B 1135 27.74 44.43 -24.85
C GLU B 1135 27.38 45.86 -24.48
N VAL B 1136 26.84 46.61 -25.43
CA VAL B 1136 26.19 47.86 -25.07
C VAL B 1136 24.91 47.56 -24.30
N LEU B 1137 24.22 46.46 -24.63
CA LEU B 1137 22.95 46.15 -23.97
C LEU B 1137 23.18 45.75 -22.52
N THR B 1138 24.37 45.25 -22.19
CA THR B 1138 24.83 45.22 -20.81
C THR B 1138 25.73 46.42 -20.53
N GLU B 1139 25.08 47.58 -20.39
CA GLU B 1139 25.79 48.81 -20.09
C GLU B 1139 26.10 48.87 -18.60
N GLY B 1140 27.11 48.10 -18.18
CA GLY B 1140 27.62 48.14 -16.83
C GLY B 1140 26.68 47.73 -15.73
N LEU B 1141 25.63 46.96 -16.05
CA LEU B 1141 24.65 46.58 -15.05
C LEU B 1141 25.24 45.55 -14.08
N GLU B 1142 24.66 45.50 -12.88
CA GLU B 1142 25.21 44.63 -11.84
C GLU B 1142 24.93 43.16 -12.14
N ARG B 1143 23.65 42.79 -12.16
CA ARG B 1143 23.23 41.40 -12.30
C ARG B 1143 22.11 41.37 -13.32
N VAL B 1144 22.29 40.60 -14.38
CA VAL B 1144 21.34 40.56 -15.48
C VAL B 1144 21.37 39.18 -16.13
N LEU B 1145 20.18 38.64 -16.41
CA LEU B 1145 20.02 37.44 -17.22
C LEU B 1145 19.45 37.81 -18.58
N LEU B 1146 20.13 37.35 -19.62
CA LEU B 1146 19.63 37.42 -20.99
C LEU B 1146 18.90 36.13 -21.31
N VAL B 1147 17.59 36.23 -21.48
CA VAL B 1147 16.78 35.02 -21.62
C VAL B 1147 16.12 35.04 -22.99
N ARG B 1148 15.80 33.85 -23.48
CA ARG B 1148 14.97 33.63 -24.66
C ARG B 1148 14.60 32.15 -24.70
N GLY B 1149 13.42 31.87 -25.27
CA GLY B 1149 12.94 30.51 -25.37
C GLY B 1149 11.99 30.38 -26.54
N GLY B 1150 11.65 29.13 -26.88
CA GLY B 1150 10.85 28.90 -28.08
C GLY B 1150 9.82 27.80 -28.01
N GLY B 1151 8.57 28.14 -28.35
CA GLY B 1151 7.48 27.19 -28.41
C GLY B 1151 7.06 26.60 -27.07
N SER B 1152 6.49 27.44 -26.20
CA SER B 1152 6.12 27.02 -24.85
C SER B 1152 4.69 27.44 -24.53
N GLU B 1153 4.11 26.79 -23.53
CA GLU B 1153 2.79 27.13 -23.02
C GLU B 1153 2.85 27.16 -21.50
N VAL B 1154 2.38 28.25 -20.91
CA VAL B 1154 2.28 28.37 -19.46
C VAL B 1154 0.83 28.65 -19.10
N ILE B 1155 0.21 27.71 -18.40
CA ILE B 1155 -1.15 27.88 -17.89
C ILE B 1155 -1.16 27.66 -16.39
C1 NAG C . -26.17 -9.54 46.96
C2 NAG C . -25.19 -10.07 45.88
C3 NAG C . -25.89 -10.91 44.81
C4 NAG C . -26.74 -11.99 45.46
C5 NAG C . -27.80 -11.30 46.29
C6 NAG C . -28.76 -12.24 46.95
C7 NAG C . -23.13 -8.90 45.18
C8 NAG C . -22.35 -10.04 45.75
N2 NAG C . -24.46 -8.97 45.27
O3 NAG C . -24.88 -11.49 43.99
O4 NAG C . -27.30 -12.97 44.59
O5 NAG C . -27.12 -10.58 47.34
O6 NAG C . -29.08 -11.84 48.27
O7 NAG C . -22.57 -7.95 44.64
C1 NAG D . -31.06 -5.50 60.42
C2 NAG D . -30.80 -6.89 61.00
C3 NAG D . -31.56 -7.05 62.33
C4 NAG D . -31.23 -5.91 63.27
C5 NAG D . -31.44 -4.57 62.59
C6 NAG D . -31.00 -3.40 63.44
C7 NAG D . -30.32 -8.78 59.48
C8 NAG D . -28.88 -8.62 59.83
N2 NAG D . -31.19 -7.93 60.06
O3 NAG D . -31.21 -8.29 62.91
O4 NAG D . -32.07 -5.98 64.42
O5 NAG D . -30.68 -4.50 61.37
O6 NAG D . -32.03 -2.42 63.55
O7 NAG D . -30.71 -9.63 58.68
C1 NAG E . -44.12 -23.95 21.45
C2 NAG E . -43.47 -22.65 20.94
C3 NAG E . -42.83 -21.83 22.06
C4 NAG E . -43.81 -21.63 23.20
C5 NAG E . -44.17 -23.00 23.75
C6 NAG E . -45.09 -22.95 24.92
C7 NAG E . -42.49 -22.37 18.68
C8 NAG E . -43.57 -21.37 18.40
N2 NAG E . -42.50 -22.94 19.89
O3 NAG E . -42.43 -20.58 21.51
O4 NAG E . -43.42 -20.73 24.23
O5 NAG E . -44.85 -23.71 22.70
O6 NAG E . -46.08 -23.97 24.87
O7 NAG E . -41.64 -22.65 17.85
C1 NAG F . -54.01 -35.03 22.37
C2 NAG F . -55.17 -34.07 22.66
C3 NAG F . -56.36 -34.84 23.24
C4 NAG F . -56.73 -36.00 22.33
C5 NAG F . -55.52 -36.87 22.03
C6 NAG F . -55.80 -37.96 21.03
C7 NAG F . -54.67 -31.72 23.23
C8 NAG F . -55.03 -31.36 21.82
N2 NAG F . -54.75 -33.02 23.57
O3 NAG F . -57.45 -33.96 23.38
O4 NAG F . -57.72 -36.81 22.96
O5 NAG F . -54.46 -36.07 21.49
O6 NAG F . -55.38 -39.23 21.53
O7 NAG F . -54.29 -30.87 24.05
#